data_5XSL
# 
_entry.id   5XSL 
# 
_audit_conform.dict_name       mmcif_pdbx.dic 
_audit_conform.dict_version    5.398 
_audit_conform.dict_location   http://mmcif.pdb.org/dictionaries/ascii/mmcif_pdbx.dic 
# 
loop_
_database_2.database_id 
_database_2.database_code 
_database_2.pdbx_database_accession 
_database_2.pdbx_DOI 
PDB   5XSL         pdb_00005xsl 10.2210/pdb5xsl/pdb 
WWPDB D_1300004082 ?            ?                   
# 
loop_
_pdbx_audit_revision_history.ordinal 
_pdbx_audit_revision_history.data_content_type 
_pdbx_audit_revision_history.major_revision 
_pdbx_audit_revision_history.minor_revision 
_pdbx_audit_revision_history.revision_date 
1 'Structure model' 1 0 2018-06-20 
2 'Structure model' 1 1 2023-11-22 
3 'Structure model' 1 2 2024-11-06 
# 
_pdbx_audit_revision_details.ordinal             1 
_pdbx_audit_revision_details.revision_ordinal    1 
_pdbx_audit_revision_details.data_content_type   'Structure model' 
_pdbx_audit_revision_details.provider            repository 
_pdbx_audit_revision_details.type                'Initial release' 
_pdbx_audit_revision_details.description         ? 
_pdbx_audit_revision_details.details             ? 
# 
loop_
_pdbx_audit_revision_group.ordinal 
_pdbx_audit_revision_group.revision_ordinal 
_pdbx_audit_revision_group.data_content_type 
_pdbx_audit_revision_group.group 
1 2 'Structure model' 'Data collection'        
2 2 'Structure model' 'Database references'    
3 2 'Structure model' 'Refinement description' 
4 3 'Structure model' 'Structure summary'      
# 
loop_
_pdbx_audit_revision_category.ordinal 
_pdbx_audit_revision_category.revision_ordinal 
_pdbx_audit_revision_category.data_content_type 
_pdbx_audit_revision_category.category 
1 2 'Structure model' chem_comp_atom                
2 2 'Structure model' chem_comp_bond                
3 2 'Structure model' database_2                    
4 2 'Structure model' pdbx_initial_refinement_model 
5 3 'Structure model' pdbx_entry_details            
6 3 'Structure model' pdbx_modification_feature     
# 
loop_
_pdbx_audit_revision_item.ordinal 
_pdbx_audit_revision_item.revision_ordinal 
_pdbx_audit_revision_item.data_content_type 
_pdbx_audit_revision_item.item 
1 2 'Structure model' '_database_2.pdbx_DOI'                
2 2 'Structure model' '_database_2.pdbx_database_accession' 
# 
_pdbx_database_status.status_code                     REL 
_pdbx_database_status.status_code_sf                  REL 
_pdbx_database_status.status_code_mr                  ? 
_pdbx_database_status.entry_id                        5XSL 
_pdbx_database_status.recvd_initial_deposition_date   2017-06-14 
_pdbx_database_status.SG_entry                        N 
_pdbx_database_status.deposit_site                    PDBJ 
_pdbx_database_status.process_site                    PDBJ 
_pdbx_database_status.status_code_cs                  ? 
_pdbx_database_status.methods_development_category    ? 
_pdbx_database_status.pdb_format_compatible           Y 
_pdbx_database_status.status_code_nmr_data            ? 
# 
loop_
_audit_author.name 
_audit_author.pdbx_ordinal 
_audit_author.identifier_ORCID 
'Chen, L.Y.'  1 ? 
'Huang, Y.C.' 2 ? 
'Hsieh, Y.C.' 3 ? 
'Lin, P.J.'   4 ? 
'Chen, C.J.'  5 ? 
# 
_citation.abstract                  ? 
_citation.abstract_id_CAS           ? 
_citation.book_id_ISBN              ? 
_citation.book_publisher            ? 
_citation.book_publisher_city       ? 
_citation.book_title                ? 
_citation.coordinate_linkage        ? 
_citation.country                   ? 
_citation.database_id_Medline       ? 
_citation.details                   ? 
_citation.id                        primary 
_citation.journal_abbrev            'To Be Published' 
_citation.journal_id_ASTM           ? 
_citation.journal_id_CSD            0353 
_citation.journal_id_ISSN           ? 
_citation.journal_full              ? 
_citation.journal_issue             ? 
_citation.journal_volume            ? 
_citation.language                  ? 
_citation.page_first                ? 
_citation.page_last                 ? 
_citation.title                     'Structure of the PWWP domain at 3.3 Angstroms resolution' 
_citation.year                      ? 
_citation.database_id_CSD           ? 
_citation.pdbx_database_id_DOI      ? 
_citation.pdbx_database_id_PubMed   ? 
_citation.unpublished_flag          ? 
# 
loop_
_citation_author.citation_id 
_citation_author.name 
_citation_author.ordinal 
_citation_author.identifier_ORCID 
primary 'Chen, L.Y.'  1 ? 
primary 'Huang, Y.C.' 2 ? 
primary 'Hsieh, Y.C.' 3 ? 
primary 'Lin, P.J.'   4 ? 
# 
loop_
_entity.id 
_entity.type 
_entity.src_method 
_entity.pdbx_description 
_entity.formula_weight 
_entity.pdbx_number_of_molecules 
_entity.pdbx_ec 
_entity.pdbx_mutation 
_entity.pdbx_fragment 
_entity.details 
1 polymer man 'Hepatoma-derived growth factor' 13735.487 1 ? ? 'UNP residues 1-100' ? 
2 water   nat water                            18.015    3 ? ? ?                    ? 
# 
_entity_name_com.entity_id   1 
_entity_name_com.name        HDGF 
# 
_entity_poly.entity_id                      1 
_entity_poly.type                           'polypeptide(L)' 
_entity_poly.nstd_linkage                   no 
_entity_poly.nstd_monomer                   no 
_entity_poly.pdbx_seq_one_letter_code       
;MGSSHHHHHHSSGLVPRGSHMSRSNRQKEYKCGDLVFAKMKGYPHWPARIDEMPEAAVKSTANKYQVFFFGTHETAFLGP
KDLFPYEESKEKFGKPNKRKGFSEGLWEIENNPTVKASGY
;
_entity_poly.pdbx_seq_one_letter_code_can   
;MGSSHHHHHHSSGLVPRGSHMSRSNRQKEYKCGDLVFAKMKGYPHWPARIDEMPEAAVKSTANKYQVFFFGTHETAFLGP
KDLFPYEESKEKFGKPNKRKGFSEGLWEIENNPTVKASGY
;
_entity_poly.pdbx_strand_id                 A 
_entity_poly.pdbx_target_identifier         ? 
# 
_pdbx_entity_nonpoly.entity_id   2 
_pdbx_entity_nonpoly.name        water 
_pdbx_entity_nonpoly.comp_id     HOH 
# 
loop_
_entity_poly_seq.entity_id 
_entity_poly_seq.num 
_entity_poly_seq.mon_id 
_entity_poly_seq.hetero 
1 1   MET n 
1 2   GLY n 
1 3   SER n 
1 4   SER n 
1 5   HIS n 
1 6   HIS n 
1 7   HIS n 
1 8   HIS n 
1 9   HIS n 
1 10  HIS n 
1 11  SER n 
1 12  SER n 
1 13  GLY n 
1 14  LEU n 
1 15  VAL n 
1 16  PRO n 
1 17  ARG n 
1 18  GLY n 
1 19  SER n 
1 20  HIS n 
1 21  MET n 
1 22  SER n 
1 23  ARG n 
1 24  SER n 
1 25  ASN n 
1 26  ARG n 
1 27  GLN n 
1 28  LYS n 
1 29  GLU n 
1 30  TYR n 
1 31  LYS n 
1 32  CYS n 
1 33  GLY n 
1 34  ASP n 
1 35  LEU n 
1 36  VAL n 
1 37  PHE n 
1 38  ALA n 
1 39  LYS n 
1 40  MET n 
1 41  LYS n 
1 42  GLY n 
1 43  TYR n 
1 44  PRO n 
1 45  HIS n 
1 46  TRP n 
1 47  PRO n 
1 48  ALA n 
1 49  ARG n 
1 50  ILE n 
1 51  ASP n 
1 52  GLU n 
1 53  MET n 
1 54  PRO n 
1 55  GLU n 
1 56  ALA n 
1 57  ALA n 
1 58  VAL n 
1 59  LYS n 
1 60  SER n 
1 61  THR n 
1 62  ALA n 
1 63  ASN n 
1 64  LYS n 
1 65  TYR n 
1 66  GLN n 
1 67  VAL n 
1 68  PHE n 
1 69  PHE n 
1 70  PHE n 
1 71  GLY n 
1 72  THR n 
1 73  HIS n 
1 74  GLU n 
1 75  THR n 
1 76  ALA n 
1 77  PHE n 
1 78  LEU n 
1 79  GLY n 
1 80  PRO n 
1 81  LYS n 
1 82  ASP n 
1 83  LEU n 
1 84  PHE n 
1 85  PRO n 
1 86  TYR n 
1 87  GLU n 
1 88  GLU n 
1 89  SER n 
1 90  LYS n 
1 91  GLU n 
1 92  LYS n 
1 93  PHE n 
1 94  GLY n 
1 95  LYS n 
1 96  PRO n 
1 97  ASN n 
1 98  LYS n 
1 99  ARG n 
1 100 LYS n 
1 101 GLY n 
1 102 PHE n 
1 103 SER n 
1 104 GLU n 
1 105 GLY n 
1 106 LEU n 
1 107 TRP n 
1 108 GLU n 
1 109 ILE n 
1 110 GLU n 
1 111 ASN n 
1 112 ASN n 
1 113 PRO n 
1 114 THR n 
1 115 VAL n 
1 116 LYS n 
1 117 ALA n 
1 118 SER n 
1 119 GLY n 
1 120 TYR n 
# 
_entity_src_gen.entity_id                          1 
_entity_src_gen.pdbx_src_id                        1 
_entity_src_gen.pdbx_alt_source_flag               sample 
_entity_src_gen.pdbx_seq_type                      'Biological sequence' 
_entity_src_gen.pdbx_beg_seq_num                   1 
_entity_src_gen.pdbx_end_seq_num                   120 
_entity_src_gen.gene_src_common_name               Rat 
_entity_src_gen.gene_src_genus                     ? 
_entity_src_gen.pdbx_gene_src_gene                 Hdgf 
_entity_src_gen.gene_src_species                   ? 
_entity_src_gen.gene_src_strain                    ? 
_entity_src_gen.gene_src_tissue                    ? 
_entity_src_gen.gene_src_tissue_fraction           ? 
_entity_src_gen.gene_src_details                   ? 
_entity_src_gen.pdbx_gene_src_fragment             ? 
_entity_src_gen.pdbx_gene_src_scientific_name      'Rattus norvegicus' 
_entity_src_gen.pdbx_gene_src_ncbi_taxonomy_id     10116 
_entity_src_gen.pdbx_gene_src_variant              ? 
_entity_src_gen.pdbx_gene_src_cell_line            ? 
_entity_src_gen.pdbx_gene_src_atcc                 ? 
_entity_src_gen.pdbx_gene_src_organ                ? 
_entity_src_gen.pdbx_gene_src_organelle            ? 
_entity_src_gen.pdbx_gene_src_cell                 ? 
_entity_src_gen.pdbx_gene_src_cellular_location    ? 
_entity_src_gen.host_org_common_name               ? 
_entity_src_gen.pdbx_host_org_scientific_name      'Escherichia coli BL21' 
_entity_src_gen.pdbx_host_org_ncbi_taxonomy_id     511693 
_entity_src_gen.host_org_genus                     ? 
_entity_src_gen.pdbx_host_org_gene                 ? 
_entity_src_gen.pdbx_host_org_organ                ? 
_entity_src_gen.host_org_species                   ? 
_entity_src_gen.pdbx_host_org_tissue               ? 
_entity_src_gen.pdbx_host_org_tissue_fraction      ? 
_entity_src_gen.pdbx_host_org_strain               'Codon plus-RIL' 
_entity_src_gen.pdbx_host_org_variant              ? 
_entity_src_gen.pdbx_host_org_cell_line            ? 
_entity_src_gen.pdbx_host_org_atcc                 ? 
_entity_src_gen.pdbx_host_org_culture_collection   ? 
_entity_src_gen.pdbx_host_org_cell                 ? 
_entity_src_gen.pdbx_host_org_organelle            ? 
_entity_src_gen.pdbx_host_org_cellular_location    ? 
_entity_src_gen.pdbx_host_org_vector_type          ? 
_entity_src_gen.pdbx_host_org_vector               ? 
_entity_src_gen.host_org_details                   ? 
_entity_src_gen.expression_system_id               ? 
_entity_src_gen.plasmid_name                       ? 
_entity_src_gen.plasmid_details                    ? 
_entity_src_gen.pdbx_description                   ? 
# 
loop_
_chem_comp.id 
_chem_comp.type 
_chem_comp.mon_nstd_flag 
_chem_comp.name 
_chem_comp.pdbx_synonyms 
_chem_comp.formula 
_chem_comp.formula_weight 
ALA 'L-peptide linking' y ALANINE         ? 'C3 H7 N O2'     89.093  
ARG 'L-peptide linking' y ARGININE        ? 'C6 H15 N4 O2 1' 175.209 
ASN 'L-peptide linking' y ASPARAGINE      ? 'C4 H8 N2 O3'    132.118 
ASP 'L-peptide linking' y 'ASPARTIC ACID' ? 'C4 H7 N O4'     133.103 
CYS 'L-peptide linking' y CYSTEINE        ? 'C3 H7 N O2 S'   121.158 
GLN 'L-peptide linking' y GLUTAMINE       ? 'C5 H10 N2 O3'   146.144 
GLU 'L-peptide linking' y 'GLUTAMIC ACID' ? 'C5 H9 N O4'     147.129 
GLY 'peptide linking'   y GLYCINE         ? 'C2 H5 N O2'     75.067  
HIS 'L-peptide linking' y HISTIDINE       ? 'C6 H10 N3 O2 1' 156.162 
HOH non-polymer         . WATER           ? 'H2 O'           18.015  
ILE 'L-peptide linking' y ISOLEUCINE      ? 'C6 H13 N O2'    131.173 
LEU 'L-peptide linking' y LEUCINE         ? 'C6 H13 N O2'    131.173 
LYS 'L-peptide linking' y LYSINE          ? 'C6 H15 N2 O2 1' 147.195 
MET 'L-peptide linking' y METHIONINE      ? 'C5 H11 N O2 S'  149.211 
PHE 'L-peptide linking' y PHENYLALANINE   ? 'C9 H11 N O2'    165.189 
PRO 'L-peptide linking' y PROLINE         ? 'C5 H9 N O2'     115.130 
SER 'L-peptide linking' y SERINE          ? 'C3 H7 N O3'     105.093 
THR 'L-peptide linking' y THREONINE       ? 'C4 H9 N O3'     119.119 
TRP 'L-peptide linking' y TRYPTOPHAN      ? 'C11 H12 N2 O2'  204.225 
TYR 'L-peptide linking' y TYROSINE        ? 'C9 H11 N O3'    181.189 
VAL 'L-peptide linking' y VALINE          ? 'C5 H11 N O2'    117.146 
# 
loop_
_pdbx_poly_seq_scheme.asym_id 
_pdbx_poly_seq_scheme.entity_id 
_pdbx_poly_seq_scheme.seq_id 
_pdbx_poly_seq_scheme.mon_id 
_pdbx_poly_seq_scheme.ndb_seq_num 
_pdbx_poly_seq_scheme.pdb_seq_num 
_pdbx_poly_seq_scheme.auth_seq_num 
_pdbx_poly_seq_scheme.pdb_mon_id 
_pdbx_poly_seq_scheme.auth_mon_id 
_pdbx_poly_seq_scheme.pdb_strand_id 
_pdbx_poly_seq_scheme.pdb_ins_code 
_pdbx_poly_seq_scheme.hetero 
A 1 1   MET 1   -19 ?  ?   ?   A . n 
A 1 2   GLY 2   -18 ?  ?   ?   A . n 
A 1 3   SER 3   -17 ?  ?   ?   A . n 
A 1 4   SER 4   -16 ?  ?   ?   A . n 
A 1 5   HIS 5   -15 ?  ?   ?   A . n 
A 1 6   HIS 6   -14 ?  ?   ?   A . n 
A 1 7   HIS 7   -13 ?  ?   ?   A . n 
A 1 8   HIS 8   -12 ?  ?   ?   A . n 
A 1 9   HIS 9   -11 ?  ?   ?   A . n 
A 1 10  HIS 10  -10 ?  ?   ?   A . n 
A 1 11  SER 11  -9  ?  ?   ?   A . n 
A 1 12  SER 12  -8  ?  ?   ?   A . n 
A 1 13  GLY 13  -7  ?  ?   ?   A . n 
A 1 14  LEU 14  -6  ?  ?   ?   A . n 
A 1 15  VAL 15  -5  ?  ?   ?   A . n 
A 1 16  PRO 16  -4  ?  ?   ?   A . n 
A 1 17  ARG 17  -3  ?  ?   ?   A . n 
A 1 18  GLY 18  -2  ?  ?   ?   A . n 
A 1 19  SER 19  -1  ?  ?   ?   A . n 
A 1 20  HIS 20  0   ?  ?   ?   A . n 
A 1 21  MET 21  1   ?  ?   ?   A . n 
A 1 22  SER 22  2   ?  ?   ?   A . n 
A 1 23  ARG 23  3   ?  ?   ?   A . n 
A 1 24  SER 24  4   ?  ?   ?   A . n 
A 1 25  ASN 25  5   ?  ?   ?   A . n 
A 1 26  ARG 26  6   ?  ?   ?   A . n 
A 1 27  GLN 27  7   ?  ?   ?   A . n 
A 1 28  LYS 28  8   ?  ?   ?   A . n 
A 1 29  GLU 29  9   9  GLU GLU A . n 
A 1 30  TYR 30  10  10 TYR TYR A . n 
A 1 31  LYS 31  11  11 LYS LYS A . n 
A 1 32  CYS 32  12  12 CYS CYS A . n 
A 1 33  GLY 33  13  13 GLY GLY A . n 
A 1 34  ASP 34  14  14 ASP ASP A . n 
A 1 35  LEU 35  15  15 LEU LEU A . n 
A 1 36  VAL 36  16  16 VAL VAL A . n 
A 1 37  PHE 37  17  17 PHE PHE A . n 
A 1 38  ALA 38  18  18 ALA ALA A . n 
A 1 39  LYS 39  19  19 LYS LYS A . n 
A 1 40  MET 40  20  20 MET MET A . n 
A 1 41  LYS 41  21  21 LYS LYS A . n 
A 1 42  GLY 42  22  22 GLY GLY A . n 
A 1 43  TYR 43  23  23 TYR TYR A . n 
A 1 44  PRO 44  24  24 PRO PRO A . n 
A 1 45  HIS 45  25  25 HIS HIS A . n 
A 1 46  TRP 46  26  26 TRP TRP A . n 
A 1 47  PRO 47  27  27 PRO PRO A . n 
A 1 48  ALA 48  28  28 ALA ALA A . n 
A 1 49  ARG 49  29  29 ARG ARG A . n 
A 1 50  ILE 50  30  30 ILE ILE A . n 
A 1 51  ASP 51  31  31 ASP ASP A . n 
A 1 52  GLU 52  32  32 GLU GLU A . n 
A 1 53  MET 53  33  33 MET MET A . n 
A 1 54  PRO 54  34  34 PRO PRO A . n 
A 1 55  GLU 55  35  35 GLU GLU A . n 
A 1 56  ALA 56  36  36 ALA ALA A . n 
A 1 57  ALA 57  37  ?  ?   ?   A . n 
A 1 58  VAL 58  38  ?  ?   ?   A . n 
A 1 59  LYS 59  39  ?  ?   ?   A . n 
A 1 60  SER 60  40  40 SER SER A . n 
A 1 61  THR 61  41  41 THR THR A . n 
A 1 62  ALA 62  42  42 ALA ALA A . n 
A 1 63  ASN 63  43  43 ASN ASN A . n 
A 1 64  LYS 64  44  44 LYS LYS A . n 
A 1 65  TYR 65  45  45 TYR TYR A . n 
A 1 66  GLN 66  46  46 GLN GLN A . n 
A 1 67  VAL 67  47  47 VAL VAL A . n 
A 1 68  PHE 68  48  48 PHE PHE A . n 
A 1 69  PHE 69  49  49 PHE PHE A . n 
A 1 70  PHE 70  50  50 PHE PHE A . n 
A 1 71  GLY 71  51  51 GLY GLY A . n 
A 1 72  THR 72  52  52 THR THR A . n 
A 1 73  HIS 73  53  53 HIS HIS A . n 
A 1 74  GLU 74  54  54 GLU GLU A . n 
A 1 75  THR 75  55  55 THR THR A . n 
A 1 76  ALA 76  56  56 ALA ALA A . n 
A 1 77  PHE 77  57  57 PHE PHE A . n 
A 1 78  LEU 78  58  58 LEU LEU A . n 
A 1 79  GLY 79  59  59 GLY GLY A . n 
A 1 80  PRO 80  60  60 PRO PRO A . n 
A 1 81  LYS 81  61  61 LYS LYS A . n 
A 1 82  ASP 82  62  62 ASP ASP A . n 
A 1 83  LEU 83  63  63 LEU LEU A . n 
A 1 84  PHE 84  64  64 PHE PHE A . n 
A 1 85  PRO 85  65  65 PRO PRO A . n 
A 1 86  TYR 86  66  66 TYR TYR A . n 
A 1 87  GLU 87  67  67 GLU GLU A . n 
A 1 88  GLU 88  68  68 GLU GLU A . n 
A 1 89  SER 89  69  69 SER SER A . n 
A 1 90  LYS 90  70  70 LYS LYS A . n 
A 1 91  GLU 91  71  71 GLU GLU A . n 
A 1 92  LYS 92  72  72 LYS LYS A . n 
A 1 93  PHE 93  73  73 PHE PHE A . n 
A 1 94  GLY 94  74  74 GLY GLY A . n 
A 1 95  LYS 95  75  75 LYS LYS A . n 
A 1 96  PRO 96  76  76 PRO PRO A . n 
A 1 97  ASN 97  77  77 ASN ASN A . n 
A 1 98  LYS 98  78  78 LYS LYS A . n 
A 1 99  ARG 99  79  79 ARG ARG A . n 
A 1 100 LYS 100 80  80 LYS LYS A . n 
A 1 101 GLY 101 81  81 GLY GLY A . n 
A 1 102 PHE 102 82  82 PHE PHE A . n 
A 1 103 SER 103 83  83 SER SER A . n 
A 1 104 GLU 104 84  84 GLU GLU A . n 
A 1 105 GLY 105 85  85 GLY GLY A . n 
A 1 106 LEU 106 86  86 LEU LEU A . n 
A 1 107 TRP 107 87  87 TRP TRP A . n 
A 1 108 GLU 108 88  88 GLU GLU A . n 
A 1 109 ILE 109 89  89 ILE ILE A . n 
A 1 110 GLU 110 90  90 GLU GLU A . n 
A 1 111 ASN 111 91  91 ASN ASN A . n 
A 1 112 ASN 112 92  92 ASN ASN A . n 
A 1 113 PRO 113 93  93 PRO PRO A . n 
A 1 114 THR 114 94  94 THR THR A . n 
A 1 115 VAL 115 95  95 VAL VAL A . n 
A 1 116 LYS 116 96  96 LYS LYS A . n 
A 1 117 ALA 117 97  ?  ?   ?   A . n 
A 1 118 SER 118 98  ?  ?   ?   A . n 
A 1 119 GLY 119 99  ?  ?   ?   A . n 
A 1 120 TYR 120 100 ?  ?   ?   A . n 
# 
loop_
_pdbx_nonpoly_scheme.asym_id 
_pdbx_nonpoly_scheme.entity_id 
_pdbx_nonpoly_scheme.mon_id 
_pdbx_nonpoly_scheme.ndb_seq_num 
_pdbx_nonpoly_scheme.pdb_seq_num 
_pdbx_nonpoly_scheme.auth_seq_num 
_pdbx_nonpoly_scheme.pdb_mon_id 
_pdbx_nonpoly_scheme.auth_mon_id 
_pdbx_nonpoly_scheme.pdb_strand_id 
_pdbx_nonpoly_scheme.pdb_ins_code 
B 2 HOH 1 201 3 HOH HOH A . 
B 2 HOH 2 202 1 HOH HOH A . 
B 2 HOH 3 203 2 HOH HOH A . 
# 
loop_
_software.citation_id 
_software.classification 
_software.compiler_name 
_software.compiler_version 
_software.contact_author 
_software.contact_author_email 
_software.date 
_software.description 
_software.dependencies 
_software.hardware 
_software.language 
_software.location 
_software.mods 
_software.name 
_software.os 
_software.os_version 
_software.type 
_software.version 
_software.pdbx_ordinal 
? refinement       ? ? ? ? ? ? ? ? ? ? ? REFMAC   ? ? ? 5.8.0135 1 
? 'data reduction' ? ? ? ? ? ? ? ? ? ? ? HKL-2000 ? ? ? .        2 
? 'data scaling'   ? ? ? ? ? ? ? ? ? ? ? HKL-2000 ? ? ? .        3 
? phasing          ? ? ? ? ? ? ? ? ? ? ? MOLREP   ? ? ? .        4 
# 
_cell.angle_alpha                  90.00 
_cell.angle_alpha_esd              ? 
_cell.angle_beta                   90.00 
_cell.angle_beta_esd               ? 
_cell.angle_gamma                  120.00 
_cell.angle_gamma_esd              ? 
_cell.entry_id                     5XSL 
_cell.details                      ? 
_cell.formula_units_Z              ? 
_cell.length_a                     79.490 
_cell.length_a_esd                 ? 
_cell.length_b                     79.490 
_cell.length_b_esd                 ? 
_cell.length_c                     105.099 
_cell.length_c_esd                 ? 
_cell.volume                       ? 
_cell.volume_esd                   ? 
_cell.Z_PDB                        12 
_cell.reciprocal_angle_alpha       ? 
_cell.reciprocal_angle_beta        ? 
_cell.reciprocal_angle_gamma       ? 
_cell.reciprocal_angle_alpha_esd   ? 
_cell.reciprocal_angle_beta_esd    ? 
_cell.reciprocal_angle_gamma_esd   ? 
_cell.reciprocal_length_a          ? 
_cell.reciprocal_length_b          ? 
_cell.reciprocal_length_c          ? 
_cell.reciprocal_length_a_esd      ? 
_cell.reciprocal_length_b_esd      ? 
_cell.reciprocal_length_c_esd      ? 
_cell.pdbx_unique_axis             ? 
# 
_symmetry.entry_id                         5XSL 
_symmetry.cell_setting                     ? 
_symmetry.Int_Tables_number                181 
_symmetry.space_group_name_Hall            ? 
_symmetry.space_group_name_H-M             'P 64 2 2' 
_symmetry.pdbx_full_space_group_name_H-M   ? 
# 
_exptl.absorpt_coefficient_mu     ? 
_exptl.absorpt_correction_T_max   ? 
_exptl.absorpt_correction_T_min   ? 
_exptl.absorpt_correction_type    ? 
_exptl.absorpt_process_details    ? 
_exptl.entry_id                   5XSL 
_exptl.crystals_number            1 
_exptl.details                    ? 
_exptl.method                     'X-RAY DIFFRACTION' 
_exptl.method_details             ? 
# 
_exptl_crystal.colour                      ? 
_exptl_crystal.density_diffrn              ? 
_exptl_crystal.density_Matthews            3.49 
_exptl_crystal.density_method              ? 
_exptl_crystal.density_percent_sol         64.75 
_exptl_crystal.description                 ? 
_exptl_crystal.F_000                       ? 
_exptl_crystal.id                          1 
_exptl_crystal.preparation                 ? 
_exptl_crystal.size_max                    ? 
_exptl_crystal.size_mid                    ? 
_exptl_crystal.size_min                    ? 
_exptl_crystal.size_rad                    ? 
_exptl_crystal.colour_lustre               ? 
_exptl_crystal.colour_modifier             ? 
_exptl_crystal.colour_primary              ? 
_exptl_crystal.density_meas                ? 
_exptl_crystal.density_meas_esd            ? 
_exptl_crystal.density_meas_gt             ? 
_exptl_crystal.density_meas_lt             ? 
_exptl_crystal.density_meas_temp           ? 
_exptl_crystal.density_meas_temp_esd       ? 
_exptl_crystal.density_meas_temp_gt        ? 
_exptl_crystal.density_meas_temp_lt        ? 
_exptl_crystal.pdbx_crystal_image_url      ? 
_exptl_crystal.pdbx_crystal_image_format   ? 
_exptl_crystal.pdbx_mosaicity              ? 
_exptl_crystal.pdbx_mosaicity_esd          ? 
# 
_exptl_crystal_grow.apparatus       ? 
_exptl_crystal_grow.atmosphere      ? 
_exptl_crystal_grow.crystal_id      1 
_exptl_crystal_grow.details         ? 
_exptl_crystal_grow.method          'VAPOR DIFFUSION, HANGING DROP' 
_exptl_crystal_grow.method_ref      ? 
_exptl_crystal_grow.pH              ? 
_exptl_crystal_grow.pressure        ? 
_exptl_crystal_grow.pressure_esd    ? 
_exptl_crystal_grow.seeding         ? 
_exptl_crystal_grow.seeding_ref     ? 
_exptl_crystal_grow.temp            281 
_exptl_crystal_grow.temp_details    ? 
_exptl_crystal_grow.temp_esd        ? 
_exptl_crystal_grow.time            ? 
_exptl_crystal_grow.pdbx_details    'ammonium sulfate, Tris, PEG 3350' 
_exptl_crystal_grow.pdbx_pH_range   ? 
# 
_diffrn.ambient_environment    ? 
_diffrn.ambient_temp           110 
_diffrn.ambient_temp_details   ? 
_diffrn.ambient_temp_esd       ? 
_diffrn.crystal_id             1 
_diffrn.crystal_support        ? 
_diffrn.crystal_treatment      ? 
_diffrn.details                ? 
_diffrn.id                     1 
_diffrn.ambient_pressure       ? 
_diffrn.ambient_pressure_esd   ? 
_diffrn.ambient_pressure_gt    ? 
_diffrn.ambient_pressure_lt    ? 
_diffrn.ambient_temp_gt        ? 
_diffrn.ambient_temp_lt        ? 
# 
_diffrn_detector.details                      ? 
_diffrn_detector.detector                     CCD 
_diffrn_detector.diffrn_id                    1 
_diffrn_detector.type                         'RAYONIX MX300HE' 
_diffrn_detector.area_resol_mean              ? 
_diffrn_detector.dtime                        ? 
_diffrn_detector.pdbx_frames_total            ? 
_diffrn_detector.pdbx_collection_time_total   ? 
_diffrn_detector.pdbx_collection_date         2015-12-09 
# 
_diffrn_radiation.collimation                      ? 
_diffrn_radiation.diffrn_id                        1 
_diffrn_radiation.filter_edge                      ? 
_diffrn_radiation.inhomogeneity                    ? 
_diffrn_radiation.monochromator                    ? 
_diffrn_radiation.polarisn_norm                    ? 
_diffrn_radiation.polarisn_ratio                   ? 
_diffrn_radiation.probe                            ? 
_diffrn_radiation.type                             ? 
_diffrn_radiation.xray_symbol                      ? 
_diffrn_radiation.wavelength_id                    1 
_diffrn_radiation.pdbx_monochromatic_or_laue_m_l   M 
_diffrn_radiation.pdbx_wavelength_list             ? 
_diffrn_radiation.pdbx_wavelength                  ? 
_diffrn_radiation.pdbx_diffrn_protocol             'SINGLE WAVELENGTH' 
_diffrn_radiation.pdbx_analyzer                    ? 
_diffrn_radiation.pdbx_scattering_type             x-ray 
# 
_diffrn_radiation_wavelength.id           1 
_diffrn_radiation_wavelength.wavelength   0.9 
_diffrn_radiation_wavelength.wt           1.0 
# 
_diffrn_source.current                     ? 
_diffrn_source.details                     ? 
_diffrn_source.diffrn_id                   1 
_diffrn_source.power                       ? 
_diffrn_source.size                        ? 
_diffrn_source.source                      SYNCHROTRON 
_diffrn_source.target                      ? 
_diffrn_source.type                        'SPRING-8 BEAMLINE BL44XU' 
_diffrn_source.voltage                     ? 
_diffrn_source.take-off_angle              ? 
_diffrn_source.pdbx_wavelength_list        0.9 
_diffrn_source.pdbx_wavelength             ? 
_diffrn_source.pdbx_synchrotron_beamline   BL44XU 
_diffrn_source.pdbx_synchrotron_site       SPring-8 
# 
_reflns.B_iso_Wilson_estimate            ? 
_reflns.entry_id                         5XSL 
_reflns.data_reduction_details           ? 
_reflns.data_reduction_method            ? 
_reflns.d_resolution_high                3.3 
_reflns.d_resolution_low                 30 
_reflns.details                          ? 
_reflns.limit_h_max                      ? 
_reflns.limit_h_min                      ? 
_reflns.limit_k_max                      ? 
_reflns.limit_k_min                      ? 
_reflns.limit_l_max                      ? 
_reflns.limit_l_min                      ? 
_reflns.number_all                       ? 
_reflns.number_obs                       3320 
_reflns.observed_criterion               ? 
_reflns.observed_criterion_F_max         ? 
_reflns.observed_criterion_F_min         ? 
_reflns.observed_criterion_I_max         ? 
_reflns.observed_criterion_I_min         ? 
_reflns.observed_criterion_sigma_F       ? 
_reflns.observed_criterion_sigma_I       ? 
_reflns.percent_possible_obs             100 
_reflns.R_free_details                   ? 
_reflns.Rmerge_F_all                     ? 
_reflns.Rmerge_F_obs                     ? 
_reflns.Friedel_coverage                 ? 
_reflns.number_gt                        ? 
_reflns.threshold_expression             ? 
_reflns.pdbx_redundancy                  12.8 
_reflns.pdbx_Rmerge_I_obs                0.081 
_reflns.pdbx_Rmerge_I_all                ? 
_reflns.pdbx_Rsym_value                  0.141 
_reflns.pdbx_netI_over_av_sigmaI         ? 
_reflns.pdbx_netI_over_sigmaI            21.89 
_reflns.pdbx_res_netI_over_av_sigmaI_2   ? 
_reflns.pdbx_res_netI_over_sigmaI_2      ? 
_reflns.pdbx_chi_squared                 ? 
_reflns.pdbx_scaling_rejects             ? 
_reflns.pdbx_d_res_high_opt              ? 
_reflns.pdbx_d_res_low_opt               ? 
_reflns.pdbx_d_res_opt_method            ? 
_reflns.phase_calculation_details        ? 
_reflns.pdbx_Rrim_I_all                  ? 
_reflns.pdbx_Rpim_I_all                  ? 
_reflns.pdbx_d_opt                       ? 
_reflns.pdbx_number_measured_all         ? 
_reflns.pdbx_diffrn_id                   1 
_reflns.pdbx_ordinal                     1 
_reflns.pdbx_CC_half                     ? 
_reflns.pdbx_R_split                     ? 
# 
_reflns_shell.d_res_high                  3.3 
_reflns_shell.d_res_low                   3.42 
_reflns_shell.meanI_over_sigI_all         ? 
_reflns_shell.meanI_over_sigI_obs         3.59 
_reflns_shell.number_measured_all         ? 
_reflns_shell.number_measured_obs         ? 
_reflns_shell.number_possible             ? 
_reflns_shell.number_unique_all           ? 
_reflns_shell.number_unique_obs           ? 
_reflns_shell.percent_possible_all        100 
_reflns_shell.percent_possible_obs        ? 
_reflns_shell.Rmerge_F_all                ? 
_reflns_shell.Rmerge_F_obs                ? 
_reflns_shell.Rmerge_I_all                ? 
_reflns_shell.Rmerge_I_obs                0.438 
_reflns_shell.meanI_over_sigI_gt          ? 
_reflns_shell.meanI_over_uI_all           ? 
_reflns_shell.meanI_over_uI_gt            ? 
_reflns_shell.number_measured_gt          ? 
_reflns_shell.number_unique_gt            ? 
_reflns_shell.percent_possible_gt         ? 
_reflns_shell.Rmerge_F_gt                 ? 
_reflns_shell.Rmerge_I_gt                 ? 
_reflns_shell.pdbx_redundancy             11.9 
_reflns_shell.pdbx_Rsym_value             0.705 
_reflns_shell.pdbx_chi_squared            0.94 
_reflns_shell.pdbx_netI_over_sigmaI_all   ? 
_reflns_shell.pdbx_netI_over_sigmaI_obs   ? 
_reflns_shell.pdbx_Rrim_I_all             ? 
_reflns_shell.pdbx_Rpim_I_all             ? 
_reflns_shell.pdbx_rejects                ? 
_reflns_shell.pdbx_ordinal                1 
_reflns_shell.pdbx_diffrn_id              1 
_reflns_shell.pdbx_CC_half                0.958 
_reflns_shell.pdbx_R_split                ? 
# 
_refine.aniso_B[1][1]                            0.95 
_refine.aniso_B[1][2]                            0.48 
_refine.aniso_B[1][3]                            0.00 
_refine.aniso_B[2][2]                            0.95 
_refine.aniso_B[2][3]                            -0.00 
_refine.aniso_B[3][3]                            -3.09 
_refine.B_iso_max                                ? 
_refine.B_iso_mean                               73.808 
_refine.B_iso_min                                ? 
_refine.correlation_coeff_Fo_to_Fc               0.912 
_refine.correlation_coeff_Fo_to_Fc_free          0.830 
_refine.details                                  'HYDROGENS HAVE BEEN ADDED IN THE RIDING POSITIONS' 
_refine.diff_density_max                         ? 
_refine.diff_density_max_esd                     ? 
_refine.diff_density_min                         ? 
_refine.diff_density_min_esd                     ? 
_refine.diff_density_rms                         ? 
_refine.diff_density_rms_esd                     ? 
_refine.entry_id                                 5XSL 
_refine.pdbx_refine_id                           'X-RAY DIFFRACTION' 
_refine.ls_abs_structure_details                 ? 
_refine.ls_abs_structure_Flack                   ? 
_refine.ls_abs_structure_Flack_esd               ? 
_refine.ls_abs_structure_Rogers                  ? 
_refine.ls_abs_structure_Rogers_esd              ? 
_refine.ls_d_res_high                            3.30 
_refine.ls_d_res_low                             30 
_refine.ls_extinction_coef                       ? 
_refine.ls_extinction_coef_esd                   ? 
_refine.ls_extinction_expression                 ? 
_refine.ls_extinction_method                     ? 
_refine.ls_goodness_of_fit_all                   ? 
_refine.ls_goodness_of_fit_all_esd               ? 
_refine.ls_goodness_of_fit_obs                   ? 
_refine.ls_goodness_of_fit_obs_esd               ? 
_refine.ls_hydrogen_treatment                    ? 
_refine.ls_matrix_type                           ? 
_refine.ls_number_constraints                    ? 
_refine.ls_number_parameters                     ? 
_refine.ls_number_reflns_all                     ? 
_refine.ls_number_reflns_obs                     2898 
_refine.ls_number_reflns_R_free                  166 
_refine.ls_number_reflns_R_work                  ? 
_refine.ls_number_restraints                     ? 
_refine.ls_percent_reflns_obs                    93.61 
_refine.ls_percent_reflns_R_free                 5.4 
_refine.ls_R_factor_all                          ? 
_refine.ls_R_factor_obs                          0.22854 
_refine.ls_R_factor_R_free                       0.28218 
_refine.ls_R_factor_R_free_error                 ? 
_refine.ls_R_factor_R_free_error_details         ? 
_refine.ls_R_factor_R_work                       0.22542 
_refine.ls_R_Fsqd_factor_obs                     ? 
_refine.ls_R_I_factor_obs                        ? 
_refine.ls_redundancy_reflns_all                 ? 
_refine.ls_redundancy_reflns_obs                 ? 
_refine.ls_restrained_S_all                      ? 
_refine.ls_restrained_S_obs                      ? 
_refine.ls_shift_over_esd_max                    ? 
_refine.ls_shift_over_esd_mean                   ? 
_refine.ls_structure_factor_coef                 ? 
_refine.ls_weighting_details                     ? 
_refine.ls_weighting_scheme                      ? 
_refine.ls_wR_factor_all                         ? 
_refine.ls_wR_factor_obs                         ? 
_refine.ls_wR_factor_R_free                      ? 
_refine.ls_wR_factor_R_work                      ? 
_refine.occupancy_max                            ? 
_refine.occupancy_min                            ? 
_refine.solvent_model_details                    ? 
_refine.solvent_model_param_bsol                 ? 
_refine.solvent_model_param_ksol                 ? 
_refine.ls_R_factor_gt                           ? 
_refine.ls_goodness_of_fit_gt                    ? 
_refine.ls_goodness_of_fit_ref                   ? 
_refine.ls_shift_over_su_max                     ? 
_refine.ls_shift_over_su_max_lt                  ? 
_refine.ls_shift_over_su_mean                    ? 
_refine.ls_shift_over_su_mean_lt                 ? 
_refine.pdbx_ls_sigma_I                          ? 
_refine.pdbx_ls_sigma_F                          ? 
_refine.pdbx_ls_sigma_Fsqd                       ? 
_refine.pdbx_data_cutoff_high_absF               ? 
_refine.pdbx_data_cutoff_high_rms_absF           ? 
_refine.pdbx_data_cutoff_low_absF                ? 
_refine.pdbx_isotropic_thermal_model             ? 
_refine.pdbx_ls_cross_valid_method               THROUGHOUT 
_refine.pdbx_method_to_determine_struct          'MOLECULAR REPLACEMENT' 
_refine.pdbx_starting_model                      3QBY 
_refine.pdbx_stereochemistry_target_values       ? 
_refine.pdbx_R_Free_selection_details            RANDOM 
_refine.pdbx_stereochem_target_val_spec_case     ? 
_refine.pdbx_overall_ESU_R                       2.161 
_refine.pdbx_overall_ESU_R_Free                  0.477 
_refine.pdbx_solvent_vdw_probe_radii             1.20 
_refine.pdbx_solvent_ion_probe_radii             0.80 
_refine.pdbx_solvent_shrinkage_radii             0.80 
_refine.pdbx_real_space_R                        ? 
_refine.pdbx_density_correlation                 ? 
_refine.pdbx_pd_number_of_powder_patterns        ? 
_refine.pdbx_pd_number_of_points                 ? 
_refine.pdbx_pd_meas_number_of_points            ? 
_refine.pdbx_pd_proc_ls_prof_R_factor            ? 
_refine.pdbx_pd_proc_ls_prof_wR_factor           ? 
_refine.pdbx_pd_Marquardt_correlation_coeff      ? 
_refine.pdbx_pd_Fsqrd_R_factor                   ? 
_refine.pdbx_pd_ls_matrix_band_width             ? 
_refine.pdbx_overall_phase_error                 ? 
_refine.pdbx_overall_SU_R_free_Cruickshank_DPI   ? 
_refine.pdbx_overall_SU_R_free_Blow_DPI          ? 
_refine.pdbx_overall_SU_R_Blow_DPI               ? 
_refine.pdbx_TLS_residual_ADP_flag               ? 
_refine.pdbx_diffrn_id                           1 
_refine.overall_SU_B                             23.060 
_refine.overall_SU_ML                            0.384 
_refine.overall_SU_R_Cruickshank_DPI             ? 
_refine.overall_SU_R_free                        ? 
_refine.overall_FOM_free_R_set                   ? 
_refine.overall_FOM_work_R_set                   ? 
_refine.pdbx_average_fsc_overall                 ? 
_refine.pdbx_average_fsc_work                    ? 
_refine.pdbx_average_fsc_free                    ? 
# 
_refine_hist.pdbx_refine_id                   'X-RAY DIFFRACTION' 
_refine_hist.cycle_id                         1 
_refine_hist.pdbx_number_atoms_protein        699 
_refine_hist.pdbx_number_atoms_nucleic_acid   0 
_refine_hist.pdbx_number_atoms_ligand         0 
_refine_hist.number_atoms_solvent             3 
_refine_hist.number_atoms_total               702 
_refine_hist.d_res_high                       3.30 
_refine_hist.d_res_low                        30 
# 
loop_
_refine_ls_restr.pdbx_refine_id 
_refine_ls_restr.criterion 
_refine_ls_restr.dev_ideal 
_refine_ls_restr.dev_ideal_target 
_refine_ls_restr.number 
_refine_ls_restr.rejects 
_refine_ls_restr.type 
_refine_ls_restr.weight 
_refine_ls_restr.pdbx_restraint_function 
'X-RAY DIFFRACTION' ? 0.014  0.019  722  ? r_bond_refined_d             ? ? 
'X-RAY DIFFRACTION' ? 0.003  0.020  661  ? r_bond_other_d               ? ? 
'X-RAY DIFFRACTION' ? 1.853  1.952  970  ? r_angle_refined_deg          ? ? 
'X-RAY DIFFRACTION' ? 1.047  3.000  1540 ? r_angle_other_deg            ? ? 
'X-RAY DIFFRACTION' ? 10.846 5.000  83   ? r_dihedral_angle_1_deg       ? ? 
'X-RAY DIFFRACTION' ? 32.481 24.444 36   ? r_dihedral_angle_2_deg       ? ? 
'X-RAY DIFFRACTION' ? 18.835 15.000 124  ? r_dihedral_angle_3_deg       ? ? 
'X-RAY DIFFRACTION' ? 18.272 15.000 2    ? r_dihedral_angle_4_deg       ? ? 
'X-RAY DIFFRACTION' ? 0.102  0.200  91   ? r_chiral_restr               ? ? 
'X-RAY DIFFRACTION' ? 0.009  0.021  800  ? r_gen_planes_refined         ? ? 
'X-RAY DIFFRACTION' ? 0.002  0.020  170  ? r_gen_planes_other           ? ? 
'X-RAY DIFFRACTION' ? ?      ?      ?    ? r_nbd_refined                ? ? 
'X-RAY DIFFRACTION' ? ?      ?      ?    ? r_nbd_other                  ? ? 
'X-RAY DIFFRACTION' ? ?      ?      ?    ? r_nbtor_refined              ? ? 
'X-RAY DIFFRACTION' ? ?      ?      ?    ? r_nbtor_other                ? ? 
'X-RAY DIFFRACTION' ? ?      ?      ?    ? r_xyhbond_nbd_refined        ? ? 
'X-RAY DIFFRACTION' ? ?      ?      ?    ? r_xyhbond_nbd_other          ? ? 
'X-RAY DIFFRACTION' ? ?      ?      ?    ? r_metal_ion_refined          ? ? 
'X-RAY DIFFRACTION' ? ?      ?      ?    ? r_metal_ion_other            ? ? 
'X-RAY DIFFRACTION' ? ?      ?      ?    ? r_symmetry_vdw_refined       ? ? 
'X-RAY DIFFRACTION' ? ?      ?      ?    ? r_symmetry_vdw_other         ? ? 
'X-RAY DIFFRACTION' ? ?      ?      ?    ? r_symmetry_hbond_refined     ? ? 
'X-RAY DIFFRACTION' ? ?      ?      ?    ? r_symmetry_hbond_other       ? ? 
'X-RAY DIFFRACTION' ? ?      ?      ?    ? r_symmetry_metal_ion_refined ? ? 
'X-RAY DIFFRACTION' ? ?      ?      ?    ? r_symmetry_metal_ion_other   ? ? 
'X-RAY DIFFRACTION' ? 5.070  7.145  338  ? r_mcbond_it                  ? ? 
'X-RAY DIFFRACTION' ? 5.062  7.150  337  ? r_mcbond_other               ? ? 
'X-RAY DIFFRACTION' ? 8.200  10.659 419  ? r_mcangle_it                 ? ? 
'X-RAY DIFFRACTION' ? 8.191  10.652 420  ? r_mcangle_other              ? ? 
'X-RAY DIFFRACTION' ? 4.932  7.451  384  ? r_scbond_it                  ? ? 
'X-RAY DIFFRACTION' ? 4.926  7.447  385  ? r_scbond_other               ? ? 
'X-RAY DIFFRACTION' ? ?      ?      ?    ? r_scangle_it                 ? ? 
'X-RAY DIFFRACTION' ? 8.106  10.948 552  ? r_scangle_other              ? ? 
'X-RAY DIFFRACTION' ? 11.799 55.290 835  ? r_long_range_B_refined       ? ? 
'X-RAY DIFFRACTION' ? 11.794 55.288 836  ? r_long_range_B_other         ? ? 
'X-RAY DIFFRACTION' ? ?      ?      ?    ? r_rigid_bond_restr           ? ? 
'X-RAY DIFFRACTION' ? ?      ?      ?    ? r_sphericity_free            ? ? 
'X-RAY DIFFRACTION' ? ?      ?      ?    ? r_sphericity_bonded          ? ? 
# 
_refine_ls_shell.pdbx_refine_id                   'X-RAY DIFFRACTION' 
_refine_ls_shell.d_res_high                       3.296 
_refine_ls_shell.d_res_low                        3.382 
_refine_ls_shell.number_reflns_all                ? 
_refine_ls_shell.number_reflns_obs                ? 
_refine_ls_shell.number_reflns_R_free             5 
_refine_ls_shell.number_reflns_R_work             127 
_refine_ls_shell.percent_reflns_obs               58.67 
_refine_ls_shell.percent_reflns_R_free            ? 
_refine_ls_shell.R_factor_all                     ? 
_refine_ls_shell.R_factor_obs                     ? 
_refine_ls_shell.R_factor_R_free                  0.192 
_refine_ls_shell.R_factor_R_free_error            ? 
_refine_ls_shell.R_factor_R_work                  0.236 
_refine_ls_shell.redundancy_reflns_all            ? 
_refine_ls_shell.redundancy_reflns_obs            ? 
_refine_ls_shell.wR_factor_all                    ? 
_refine_ls_shell.wR_factor_obs                    ? 
_refine_ls_shell.wR_factor_R_free                 ? 
_refine_ls_shell.wR_factor_R_work                 ? 
_refine_ls_shell.pdbx_total_number_of_bins_used   20 
_refine_ls_shell.pdbx_phase_error                 ? 
_refine_ls_shell.pdbx_fsc_work                    ? 
_refine_ls_shell.pdbx_fsc_free                    ? 
# 
_struct.entry_id                     5XSL 
_struct.title                        'Crystal structure of the PWWP domain of human hepatoma-derived growth factor' 
_struct.pdbx_model_details           ? 
_struct.pdbx_formula_weight          ? 
_struct.pdbx_formula_weight_method   ? 
_struct.pdbx_model_type_details      ? 
_struct.pdbx_CASP_flag               N 
# 
_struct_keywords.entry_id        5XSL 
_struct_keywords.text            'Growth factor, HORMONE' 
_struct_keywords.pdbx_keywords   HORMONE 
# 
loop_
_struct_asym.id 
_struct_asym.pdbx_blank_PDB_chainid_flag 
_struct_asym.pdbx_modified 
_struct_asym.entity_id 
_struct_asym.details 
A N N 1 ? 
B N N 2 ? 
# 
_struct_ref.id                         1 
_struct_ref.db_name                    UNP 
_struct_ref.db_code                    HDGF_RAT 
_struct_ref.pdbx_db_accession          Q8VHK7 
_struct_ref.pdbx_db_isoform            ? 
_struct_ref.entity_id                  1 
_struct_ref.pdbx_seq_one_letter_code   
;MSRSNRQKEYKCGDLVFAKMKGYPHWPARIDEMPEAAVKSTANKYQVFFFGTHETAFLGPKDLFPYEESKEKFGKPNKRK
GFSEGLWEIENNPTVKASGY
;
_struct_ref.pdbx_align_begin           1 
# 
_struct_ref_seq.align_id                      1 
_struct_ref_seq.ref_id                        1 
_struct_ref_seq.pdbx_PDB_id_code              5XSL 
_struct_ref_seq.pdbx_strand_id                A 
_struct_ref_seq.seq_align_beg                 21 
_struct_ref_seq.pdbx_seq_align_beg_ins_code   ? 
_struct_ref_seq.seq_align_end                 120 
_struct_ref_seq.pdbx_seq_align_end_ins_code   ? 
_struct_ref_seq.pdbx_db_accession             Q8VHK7 
_struct_ref_seq.db_align_beg                  1 
_struct_ref_seq.pdbx_db_align_beg_ins_code    ? 
_struct_ref_seq.db_align_end                  100 
_struct_ref_seq.pdbx_db_align_end_ins_code    ? 
_struct_ref_seq.pdbx_auth_seq_align_beg       1 
_struct_ref_seq.pdbx_auth_seq_align_end       100 
# 
loop_
_struct_ref_seq_dif.align_id 
_struct_ref_seq_dif.pdbx_pdb_id_code 
_struct_ref_seq_dif.mon_id 
_struct_ref_seq_dif.pdbx_pdb_strand_id 
_struct_ref_seq_dif.seq_num 
_struct_ref_seq_dif.pdbx_pdb_ins_code 
_struct_ref_seq_dif.pdbx_seq_db_name 
_struct_ref_seq_dif.pdbx_seq_db_accession_code 
_struct_ref_seq_dif.db_mon_id 
_struct_ref_seq_dif.pdbx_seq_db_seq_num 
_struct_ref_seq_dif.details 
_struct_ref_seq_dif.pdbx_auth_seq_num 
_struct_ref_seq_dif.pdbx_ordinal 
1 5XSL MET A 1  ? UNP Q8VHK7 ? ? 'expression tag' -19 1  
1 5XSL GLY A 2  ? UNP Q8VHK7 ? ? 'expression tag' -18 2  
1 5XSL SER A 3  ? UNP Q8VHK7 ? ? 'expression tag' -17 3  
1 5XSL SER A 4  ? UNP Q8VHK7 ? ? 'expression tag' -16 4  
1 5XSL HIS A 5  ? UNP Q8VHK7 ? ? 'expression tag' -15 5  
1 5XSL HIS A 6  ? UNP Q8VHK7 ? ? 'expression tag' -14 6  
1 5XSL HIS A 7  ? UNP Q8VHK7 ? ? 'expression tag' -13 7  
1 5XSL HIS A 8  ? UNP Q8VHK7 ? ? 'expression tag' -12 8  
1 5XSL HIS A 9  ? UNP Q8VHK7 ? ? 'expression tag' -11 9  
1 5XSL HIS A 10 ? UNP Q8VHK7 ? ? 'expression tag' -10 10 
1 5XSL SER A 11 ? UNP Q8VHK7 ? ? 'expression tag' -9  11 
1 5XSL SER A 12 ? UNP Q8VHK7 ? ? 'expression tag' -8  12 
1 5XSL GLY A 13 ? UNP Q8VHK7 ? ? 'expression tag' -7  13 
1 5XSL LEU A 14 ? UNP Q8VHK7 ? ? 'expression tag' -6  14 
1 5XSL VAL A 15 ? UNP Q8VHK7 ? ? 'expression tag' -5  15 
1 5XSL PRO A 16 ? UNP Q8VHK7 ? ? 'expression tag' -4  16 
1 5XSL ARG A 17 ? UNP Q8VHK7 ? ? 'expression tag' -3  17 
1 5XSL GLY A 18 ? UNP Q8VHK7 ? ? 'expression tag' -2  18 
1 5XSL SER A 19 ? UNP Q8VHK7 ? ? 'expression tag' -1  19 
1 5XSL HIS A 20 ? UNP Q8VHK7 ? ? 'expression tag' 0   20 
# 
_pdbx_struct_assembly.id                   1 
_pdbx_struct_assembly.details              author_defined_assembly 
_pdbx_struct_assembly.method_details       ? 
_pdbx_struct_assembly.oligomeric_details   monomeric 
_pdbx_struct_assembly.oligomeric_count     1 
# 
loop_
_pdbx_struct_assembly_prop.biol_id 
_pdbx_struct_assembly_prop.type 
_pdbx_struct_assembly_prop.value 
_pdbx_struct_assembly_prop.details 
1 'ABSA (A^2)' 0    ? 
1 MORE         0    ? 
1 'SSA (A^2)'  5650 ? 
# 
_pdbx_struct_assembly_gen.assembly_id       1 
_pdbx_struct_assembly_gen.oper_expression   1 
_pdbx_struct_assembly_gen.asym_id_list      A,B 
# 
_pdbx_struct_assembly_auth_evidence.id                     1 
_pdbx_struct_assembly_auth_evidence.assembly_id            1 
_pdbx_struct_assembly_auth_evidence.experimental_support   'gel filtration' 
_pdbx_struct_assembly_auth_evidence.details                ? 
# 
_pdbx_struct_oper_list.id                   1 
_pdbx_struct_oper_list.type                 'identity operation' 
_pdbx_struct_oper_list.name                 1_555 
_pdbx_struct_oper_list.symmetry_operation   x,y,z 
_pdbx_struct_oper_list.matrix[1][1]         1.0000000000 
_pdbx_struct_oper_list.matrix[1][2]         0.0000000000 
_pdbx_struct_oper_list.matrix[1][3]         0.0000000000 
_pdbx_struct_oper_list.vector[1]            0.0000000000 
_pdbx_struct_oper_list.matrix[2][1]         0.0000000000 
_pdbx_struct_oper_list.matrix[2][2]         1.0000000000 
_pdbx_struct_oper_list.matrix[2][3]         0.0000000000 
_pdbx_struct_oper_list.vector[2]            0.0000000000 
_pdbx_struct_oper_list.matrix[3][1]         0.0000000000 
_pdbx_struct_oper_list.matrix[3][2]         0.0000000000 
_pdbx_struct_oper_list.matrix[3][3]         1.0000000000 
_pdbx_struct_oper_list.vector[3]            0.0000000000 
# 
loop_
_struct_conf.conf_type_id 
_struct_conf.id 
_struct_conf.pdbx_PDB_helix_id 
_struct_conf.beg_label_comp_id 
_struct_conf.beg_label_asym_id 
_struct_conf.beg_label_seq_id 
_struct_conf.pdbx_beg_PDB_ins_code 
_struct_conf.end_label_comp_id 
_struct_conf.end_label_asym_id 
_struct_conf.end_label_seq_id 
_struct_conf.pdbx_end_PDB_ins_code 
_struct_conf.beg_auth_comp_id 
_struct_conf.beg_auth_asym_id 
_struct_conf.beg_auth_seq_id 
_struct_conf.end_auth_comp_id 
_struct_conf.end_auth_asym_id 
_struct_conf.end_auth_seq_id 
_struct_conf.pdbx_PDB_helix_class 
_struct_conf.details 
_struct_conf.pdbx_PDB_helix_length 
HELX_P HELX_P1 AA1 GLY A 79  ? LEU A 83  ? GLY A 59 LEU A 63 5 ? 5 
HELX_P HELX_P2 AA2 SER A 89  ? GLY A 94  ? SER A 69 GLY A 74 1 ? 6 
HELX_P HELX_P3 AA3 GLY A 101 ? LEU A 106 ? GLY A 81 LEU A 86 1 ? 6 
# 
_struct_conf_type.id          HELX_P 
_struct_conf_type.criteria    ? 
_struct_conf_type.reference   ? 
# 
_struct_conn.id                            disulf1 
_struct_conn.conn_type_id                  disulf 
_struct_conn.pdbx_leaving_atom_flag        ? 
_struct_conn.pdbx_PDB_id                   ? 
_struct_conn.ptnr1_label_asym_id           A 
_struct_conn.ptnr1_label_comp_id           CYS 
_struct_conn.ptnr1_label_seq_id            32 
_struct_conn.ptnr1_label_atom_id           SG 
_struct_conn.pdbx_ptnr1_label_alt_id       ? 
_struct_conn.pdbx_ptnr1_PDB_ins_code       ? 
_struct_conn.pdbx_ptnr1_standard_comp_id   ? 
_struct_conn.ptnr1_symmetry                1_555 
_struct_conn.ptnr2_label_asym_id           A 
_struct_conn.ptnr2_label_comp_id           CYS 
_struct_conn.ptnr2_label_seq_id            32 
_struct_conn.ptnr2_label_atom_id           SG 
_struct_conn.pdbx_ptnr2_label_alt_id       ? 
_struct_conn.pdbx_ptnr2_PDB_ins_code       ? 
_struct_conn.ptnr1_auth_asym_id            A 
_struct_conn.ptnr1_auth_comp_id            CYS 
_struct_conn.ptnr1_auth_seq_id             12 
_struct_conn.ptnr2_auth_asym_id            A 
_struct_conn.ptnr2_auth_comp_id            CYS 
_struct_conn.ptnr2_auth_seq_id             12 
_struct_conn.ptnr2_symmetry                9_554 
_struct_conn.pdbx_ptnr3_label_atom_id      ? 
_struct_conn.pdbx_ptnr3_label_seq_id       ? 
_struct_conn.pdbx_ptnr3_label_comp_id      ? 
_struct_conn.pdbx_ptnr3_label_asym_id      ? 
_struct_conn.pdbx_ptnr3_label_alt_id       ? 
_struct_conn.pdbx_ptnr3_PDB_ins_code       ? 
_struct_conn.details                       ? 
_struct_conn.pdbx_dist_value               2.482 
_struct_conn.pdbx_value_order              ? 
_struct_conn.pdbx_role                     ? 
# 
_struct_conn_type.id          disulf 
_struct_conn_type.criteria    ? 
_struct_conn_type.reference   ? 
# 
_pdbx_modification_feature.ordinal                            1 
_pdbx_modification_feature.label_comp_id                      CYS 
_pdbx_modification_feature.label_asym_id                      A 
_pdbx_modification_feature.label_seq_id                       32 
_pdbx_modification_feature.label_alt_id                       ? 
_pdbx_modification_feature.modified_residue_label_comp_id     CYS 
_pdbx_modification_feature.modified_residue_label_asym_id     A 
_pdbx_modification_feature.modified_residue_label_seq_id      32 
_pdbx_modification_feature.modified_residue_label_alt_id      ? 
_pdbx_modification_feature.auth_comp_id                       CYS 
_pdbx_modification_feature.auth_asym_id                       A 
_pdbx_modification_feature.auth_seq_id                        12 
_pdbx_modification_feature.PDB_ins_code                       ? 
_pdbx_modification_feature.symmetry                           1_555 
_pdbx_modification_feature.modified_residue_auth_comp_id      CYS 
_pdbx_modification_feature.modified_residue_auth_asym_id      A 
_pdbx_modification_feature.modified_residue_auth_seq_id       12 
_pdbx_modification_feature.modified_residue_PDB_ins_code      ? 
_pdbx_modification_feature.modified_residue_symmetry          9_554 
_pdbx_modification_feature.comp_id_linking_atom               SG 
_pdbx_modification_feature.modified_residue_id_linking_atom   SG 
_pdbx_modification_feature.modified_residue_id                . 
_pdbx_modification_feature.ref_pcm_id                         . 
_pdbx_modification_feature.ref_comp_id                        . 
_pdbx_modification_feature.type                               None 
_pdbx_modification_feature.category                           'Disulfide bridge' 
# 
loop_
_struct_mon_prot_cis.pdbx_id 
_struct_mon_prot_cis.label_comp_id 
_struct_mon_prot_cis.label_seq_id 
_struct_mon_prot_cis.label_asym_id 
_struct_mon_prot_cis.label_alt_id 
_struct_mon_prot_cis.pdbx_PDB_ins_code 
_struct_mon_prot_cis.auth_comp_id 
_struct_mon_prot_cis.auth_seq_id 
_struct_mon_prot_cis.auth_asym_id 
_struct_mon_prot_cis.pdbx_label_comp_id_2 
_struct_mon_prot_cis.pdbx_label_seq_id_2 
_struct_mon_prot_cis.pdbx_label_asym_id_2 
_struct_mon_prot_cis.pdbx_PDB_ins_code_2 
_struct_mon_prot_cis.pdbx_auth_comp_id_2 
_struct_mon_prot_cis.pdbx_auth_seq_id_2 
_struct_mon_prot_cis.pdbx_auth_asym_id_2 
_struct_mon_prot_cis.pdbx_PDB_model_num 
_struct_mon_prot_cis.pdbx_omega_angle 
1 GLU 55  A . ? GLU 35 A ALA 56  A ? ALA 36 A 1 -10.62 
2 ILE 109 A . ? ILE 89 A GLU 110 A ? GLU 90 A 1 -23.45 
# 
_struct_sheet.id               AA1 
_struct_sheet.type             ? 
_struct_sheet.number_strands   4 
_struct_sheet.details          ? 
# 
loop_
_struct_sheet_order.sheet_id 
_struct_sheet_order.range_id_1 
_struct_sheet_order.range_id_2 
_struct_sheet_order.offset 
_struct_sheet_order.sense 
AA1 1 2 ? anti-parallel 
AA1 2 3 ? anti-parallel 
AA1 3 4 ? anti-parallel 
# 
loop_
_struct_sheet_range.sheet_id 
_struct_sheet_range.id 
_struct_sheet_range.beg_label_comp_id 
_struct_sheet_range.beg_label_asym_id 
_struct_sheet_range.beg_label_seq_id 
_struct_sheet_range.pdbx_beg_PDB_ins_code 
_struct_sheet_range.end_label_comp_id 
_struct_sheet_range.end_label_asym_id 
_struct_sheet_range.end_label_seq_id 
_struct_sheet_range.pdbx_end_PDB_ins_code 
_struct_sheet_range.beg_auth_comp_id 
_struct_sheet_range.beg_auth_asym_id 
_struct_sheet_range.beg_auth_seq_id 
_struct_sheet_range.end_auth_comp_id 
_struct_sheet_range.end_auth_asym_id 
_struct_sheet_range.end_auth_seq_id 
AA1 1 LEU A 35 ? ALA A 38 ? LEU A 15 ALA A 18 
AA1 2 TRP A 46 ? GLU A 52 ? TRP A 26 GLU A 32 
AA1 3 TYR A 65 ? PHE A 69 ? TYR A 45 PHE A 49 
AA1 4 GLU A 74 ? LEU A 78 ? GLU A 54 LEU A 58 
# 
loop_
_pdbx_struct_sheet_hbond.sheet_id 
_pdbx_struct_sheet_hbond.range_id_1 
_pdbx_struct_sheet_hbond.range_id_2 
_pdbx_struct_sheet_hbond.range_1_label_atom_id 
_pdbx_struct_sheet_hbond.range_1_label_comp_id 
_pdbx_struct_sheet_hbond.range_1_label_asym_id 
_pdbx_struct_sheet_hbond.range_1_label_seq_id 
_pdbx_struct_sheet_hbond.range_1_PDB_ins_code 
_pdbx_struct_sheet_hbond.range_1_auth_atom_id 
_pdbx_struct_sheet_hbond.range_1_auth_comp_id 
_pdbx_struct_sheet_hbond.range_1_auth_asym_id 
_pdbx_struct_sheet_hbond.range_1_auth_seq_id 
_pdbx_struct_sheet_hbond.range_2_label_atom_id 
_pdbx_struct_sheet_hbond.range_2_label_comp_id 
_pdbx_struct_sheet_hbond.range_2_label_asym_id 
_pdbx_struct_sheet_hbond.range_2_label_seq_id 
_pdbx_struct_sheet_hbond.range_2_PDB_ins_code 
_pdbx_struct_sheet_hbond.range_2_auth_atom_id 
_pdbx_struct_sheet_hbond.range_2_auth_comp_id 
_pdbx_struct_sheet_hbond.range_2_auth_asym_id 
_pdbx_struct_sheet_hbond.range_2_auth_seq_id 
AA1 1 2 N VAL A 36 ? N VAL A 16 O ALA A 48 ? O ALA A 28 
AA1 2 3 N ARG A 49 ? N ARG A 29 O PHE A 68 ? O PHE A 48 
AA1 3 4 N VAL A 67 ? N VAL A 47 O ALA A 76 ? O ALA A 56 
# 
_pdbx_entry_details.entry_id                   5XSL 
_pdbx_entry_details.compound_details           ? 
_pdbx_entry_details.source_details             ? 
_pdbx_entry_details.nonpolymer_details         ? 
_pdbx_entry_details.sequence_details           ? 
_pdbx_entry_details.has_ligand_of_interest     ? 
_pdbx_entry_details.has_protein_modification   Y 
# 
loop_
_pdbx_validate_torsion.id 
_pdbx_validate_torsion.PDB_model_num 
_pdbx_validate_torsion.auth_comp_id 
_pdbx_validate_torsion.auth_asym_id 
_pdbx_validate_torsion.auth_seq_id 
_pdbx_validate_torsion.PDB_ins_code 
_pdbx_validate_torsion.label_alt_id 
_pdbx_validate_torsion.phi 
_pdbx_validate_torsion.psi 
1 1 ASP A 14 ? ? -34.37  127.20  
2 1 ASN A 43 ? ? 88.29   26.13   
3 1 PHE A 64 ? ? -170.93 117.21  
4 1 ASN A 77 ? ? -156.60 -12.07  
5 1 LYS A 80 ? ? -55.19  109.89  
6 1 GLU A 88 ? ? -59.07  36.96   
7 1 GLU A 90 ? ? 70.27   -161.70 
8 1 ASN A 91 ? ? -51.69  100.09  
9 1 PRO A 93 ? ? -105.74 70.42   
# 
_pdbx_validate_peptide_omega.id               1 
_pdbx_validate_peptide_omega.PDB_model_num    1 
_pdbx_validate_peptide_omega.auth_comp_id_1   ASN 
_pdbx_validate_peptide_omega.auth_asym_id_1   A 
_pdbx_validate_peptide_omega.auth_seq_id_1    43 
_pdbx_validate_peptide_omega.PDB_ins_code_1   ? 
_pdbx_validate_peptide_omega.label_alt_id_1   ? 
_pdbx_validate_peptide_omega.auth_comp_id_2   LYS 
_pdbx_validate_peptide_omega.auth_asym_id_2   A 
_pdbx_validate_peptide_omega.auth_seq_id_2    44 
_pdbx_validate_peptide_omega.PDB_ins_code_2   ? 
_pdbx_validate_peptide_omega.label_alt_id_2   ? 
_pdbx_validate_peptide_omega.omega            -149.91 
# 
loop_
_pdbx_unobs_or_zero_occ_residues.id 
_pdbx_unobs_or_zero_occ_residues.PDB_model_num 
_pdbx_unobs_or_zero_occ_residues.polymer_flag 
_pdbx_unobs_or_zero_occ_residues.occupancy_flag 
_pdbx_unobs_or_zero_occ_residues.auth_asym_id 
_pdbx_unobs_or_zero_occ_residues.auth_comp_id 
_pdbx_unobs_or_zero_occ_residues.auth_seq_id 
_pdbx_unobs_or_zero_occ_residues.PDB_ins_code 
_pdbx_unobs_or_zero_occ_residues.label_asym_id 
_pdbx_unobs_or_zero_occ_residues.label_comp_id 
_pdbx_unobs_or_zero_occ_residues.label_seq_id 
1  1 Y 1 A MET -19 ? A MET 1   
2  1 Y 1 A GLY -18 ? A GLY 2   
3  1 Y 1 A SER -17 ? A SER 3   
4  1 Y 1 A SER -16 ? A SER 4   
5  1 Y 1 A HIS -15 ? A HIS 5   
6  1 Y 1 A HIS -14 ? A HIS 6   
7  1 Y 1 A HIS -13 ? A HIS 7   
8  1 Y 1 A HIS -12 ? A HIS 8   
9  1 Y 1 A HIS -11 ? A HIS 9   
10 1 Y 1 A HIS -10 ? A HIS 10  
11 1 Y 1 A SER -9  ? A SER 11  
12 1 Y 1 A SER -8  ? A SER 12  
13 1 Y 1 A GLY -7  ? A GLY 13  
14 1 Y 1 A LEU -6  ? A LEU 14  
15 1 Y 1 A VAL -5  ? A VAL 15  
16 1 Y 1 A PRO -4  ? A PRO 16  
17 1 Y 1 A ARG -3  ? A ARG 17  
18 1 Y 1 A GLY -2  ? A GLY 18  
19 1 Y 1 A SER -1  ? A SER 19  
20 1 Y 1 A HIS 0   ? A HIS 20  
21 1 Y 1 A MET 1   ? A MET 21  
22 1 Y 1 A SER 2   ? A SER 22  
23 1 Y 1 A ARG 3   ? A ARG 23  
24 1 Y 1 A SER 4   ? A SER 24  
25 1 Y 1 A ASN 5   ? A ASN 25  
26 1 Y 1 A ARG 6   ? A ARG 26  
27 1 Y 1 A GLN 7   ? A GLN 27  
28 1 Y 1 A LYS 8   ? A LYS 28  
29 1 Y 1 A ALA 37  ? A ALA 57  
30 1 Y 1 A VAL 38  ? A VAL 58  
31 1 Y 1 A LYS 39  ? A LYS 59  
32 1 Y 1 A ALA 97  ? A ALA 117 
33 1 Y 1 A SER 98  ? A SER 118 
34 1 Y 1 A GLY 99  ? A GLY 119 
35 1 Y 1 A TYR 100 ? A TYR 120 
# 
loop_
_chem_comp_atom.comp_id 
_chem_comp_atom.atom_id 
_chem_comp_atom.type_symbol 
_chem_comp_atom.pdbx_aromatic_flag 
_chem_comp_atom.pdbx_stereo_config 
_chem_comp_atom.pdbx_ordinal 
ALA N    N N N 1   
ALA CA   C N S 2   
ALA C    C N N 3   
ALA O    O N N 4   
ALA CB   C N N 5   
ALA OXT  O N N 6   
ALA H    H N N 7   
ALA H2   H N N 8   
ALA HA   H N N 9   
ALA HB1  H N N 10  
ALA HB2  H N N 11  
ALA HB3  H N N 12  
ALA HXT  H N N 13  
ARG N    N N N 14  
ARG CA   C N S 15  
ARG C    C N N 16  
ARG O    O N N 17  
ARG CB   C N N 18  
ARG CG   C N N 19  
ARG CD   C N N 20  
ARG NE   N N N 21  
ARG CZ   C N N 22  
ARG NH1  N N N 23  
ARG NH2  N N N 24  
ARG OXT  O N N 25  
ARG H    H N N 26  
ARG H2   H N N 27  
ARG HA   H N N 28  
ARG HB2  H N N 29  
ARG HB3  H N N 30  
ARG HG2  H N N 31  
ARG HG3  H N N 32  
ARG HD2  H N N 33  
ARG HD3  H N N 34  
ARG HE   H N N 35  
ARG HH11 H N N 36  
ARG HH12 H N N 37  
ARG HH21 H N N 38  
ARG HH22 H N N 39  
ARG HXT  H N N 40  
ASN N    N N N 41  
ASN CA   C N S 42  
ASN C    C N N 43  
ASN O    O N N 44  
ASN CB   C N N 45  
ASN CG   C N N 46  
ASN OD1  O N N 47  
ASN ND2  N N N 48  
ASN OXT  O N N 49  
ASN H    H N N 50  
ASN H2   H N N 51  
ASN HA   H N N 52  
ASN HB2  H N N 53  
ASN HB3  H N N 54  
ASN HD21 H N N 55  
ASN HD22 H N N 56  
ASN HXT  H N N 57  
ASP N    N N N 58  
ASP CA   C N S 59  
ASP C    C N N 60  
ASP O    O N N 61  
ASP CB   C N N 62  
ASP CG   C N N 63  
ASP OD1  O N N 64  
ASP OD2  O N N 65  
ASP OXT  O N N 66  
ASP H    H N N 67  
ASP H2   H N N 68  
ASP HA   H N N 69  
ASP HB2  H N N 70  
ASP HB3  H N N 71  
ASP HD2  H N N 72  
ASP HXT  H N N 73  
CYS N    N N N 74  
CYS CA   C N R 75  
CYS C    C N N 76  
CYS O    O N N 77  
CYS CB   C N N 78  
CYS SG   S N N 79  
CYS OXT  O N N 80  
CYS H    H N N 81  
CYS H2   H N N 82  
CYS HA   H N N 83  
CYS HB2  H N N 84  
CYS HB3  H N N 85  
CYS HG   H N N 86  
CYS HXT  H N N 87  
GLN N    N N N 88  
GLN CA   C N S 89  
GLN C    C N N 90  
GLN O    O N N 91  
GLN CB   C N N 92  
GLN CG   C N N 93  
GLN CD   C N N 94  
GLN OE1  O N N 95  
GLN NE2  N N N 96  
GLN OXT  O N N 97  
GLN H    H N N 98  
GLN H2   H N N 99  
GLN HA   H N N 100 
GLN HB2  H N N 101 
GLN HB3  H N N 102 
GLN HG2  H N N 103 
GLN HG3  H N N 104 
GLN HE21 H N N 105 
GLN HE22 H N N 106 
GLN HXT  H N N 107 
GLU N    N N N 108 
GLU CA   C N S 109 
GLU C    C N N 110 
GLU O    O N N 111 
GLU CB   C N N 112 
GLU CG   C N N 113 
GLU CD   C N N 114 
GLU OE1  O N N 115 
GLU OE2  O N N 116 
GLU OXT  O N N 117 
GLU H    H N N 118 
GLU H2   H N N 119 
GLU HA   H N N 120 
GLU HB2  H N N 121 
GLU HB3  H N N 122 
GLU HG2  H N N 123 
GLU HG3  H N N 124 
GLU HE2  H N N 125 
GLU HXT  H N N 126 
GLY N    N N N 127 
GLY CA   C N N 128 
GLY C    C N N 129 
GLY O    O N N 130 
GLY OXT  O N N 131 
GLY H    H N N 132 
GLY H2   H N N 133 
GLY HA2  H N N 134 
GLY HA3  H N N 135 
GLY HXT  H N N 136 
HIS N    N N N 137 
HIS CA   C N S 138 
HIS C    C N N 139 
HIS O    O N N 140 
HIS CB   C N N 141 
HIS CG   C Y N 142 
HIS ND1  N Y N 143 
HIS CD2  C Y N 144 
HIS CE1  C Y N 145 
HIS NE2  N Y N 146 
HIS OXT  O N N 147 
HIS H    H N N 148 
HIS H2   H N N 149 
HIS HA   H N N 150 
HIS HB2  H N N 151 
HIS HB3  H N N 152 
HIS HD1  H N N 153 
HIS HD2  H N N 154 
HIS HE1  H N N 155 
HIS HE2  H N N 156 
HIS HXT  H N N 157 
HOH O    O N N 158 
HOH H1   H N N 159 
HOH H2   H N N 160 
ILE N    N N N 161 
ILE CA   C N S 162 
ILE C    C N N 163 
ILE O    O N N 164 
ILE CB   C N S 165 
ILE CG1  C N N 166 
ILE CG2  C N N 167 
ILE CD1  C N N 168 
ILE OXT  O N N 169 
ILE H    H N N 170 
ILE H2   H N N 171 
ILE HA   H N N 172 
ILE HB   H N N 173 
ILE HG12 H N N 174 
ILE HG13 H N N 175 
ILE HG21 H N N 176 
ILE HG22 H N N 177 
ILE HG23 H N N 178 
ILE HD11 H N N 179 
ILE HD12 H N N 180 
ILE HD13 H N N 181 
ILE HXT  H N N 182 
LEU N    N N N 183 
LEU CA   C N S 184 
LEU C    C N N 185 
LEU O    O N N 186 
LEU CB   C N N 187 
LEU CG   C N N 188 
LEU CD1  C N N 189 
LEU CD2  C N N 190 
LEU OXT  O N N 191 
LEU H    H N N 192 
LEU H2   H N N 193 
LEU HA   H N N 194 
LEU HB2  H N N 195 
LEU HB3  H N N 196 
LEU HG   H N N 197 
LEU HD11 H N N 198 
LEU HD12 H N N 199 
LEU HD13 H N N 200 
LEU HD21 H N N 201 
LEU HD22 H N N 202 
LEU HD23 H N N 203 
LEU HXT  H N N 204 
LYS N    N N N 205 
LYS CA   C N S 206 
LYS C    C N N 207 
LYS O    O N N 208 
LYS CB   C N N 209 
LYS CG   C N N 210 
LYS CD   C N N 211 
LYS CE   C N N 212 
LYS NZ   N N N 213 
LYS OXT  O N N 214 
LYS H    H N N 215 
LYS H2   H N N 216 
LYS HA   H N N 217 
LYS HB2  H N N 218 
LYS HB3  H N N 219 
LYS HG2  H N N 220 
LYS HG3  H N N 221 
LYS HD2  H N N 222 
LYS HD3  H N N 223 
LYS HE2  H N N 224 
LYS HE3  H N N 225 
LYS HZ1  H N N 226 
LYS HZ2  H N N 227 
LYS HZ3  H N N 228 
LYS HXT  H N N 229 
MET N    N N N 230 
MET CA   C N S 231 
MET C    C N N 232 
MET O    O N N 233 
MET CB   C N N 234 
MET CG   C N N 235 
MET SD   S N N 236 
MET CE   C N N 237 
MET OXT  O N N 238 
MET H    H N N 239 
MET H2   H N N 240 
MET HA   H N N 241 
MET HB2  H N N 242 
MET HB3  H N N 243 
MET HG2  H N N 244 
MET HG3  H N N 245 
MET HE1  H N N 246 
MET HE2  H N N 247 
MET HE3  H N N 248 
MET HXT  H N N 249 
PHE N    N N N 250 
PHE CA   C N S 251 
PHE C    C N N 252 
PHE O    O N N 253 
PHE CB   C N N 254 
PHE CG   C Y N 255 
PHE CD1  C Y N 256 
PHE CD2  C Y N 257 
PHE CE1  C Y N 258 
PHE CE2  C Y N 259 
PHE CZ   C Y N 260 
PHE OXT  O N N 261 
PHE H    H N N 262 
PHE H2   H N N 263 
PHE HA   H N N 264 
PHE HB2  H N N 265 
PHE HB3  H N N 266 
PHE HD1  H N N 267 
PHE HD2  H N N 268 
PHE HE1  H N N 269 
PHE HE2  H N N 270 
PHE HZ   H N N 271 
PHE HXT  H N N 272 
PRO N    N N N 273 
PRO CA   C N S 274 
PRO C    C N N 275 
PRO O    O N N 276 
PRO CB   C N N 277 
PRO CG   C N N 278 
PRO CD   C N N 279 
PRO OXT  O N N 280 
PRO H    H N N 281 
PRO HA   H N N 282 
PRO HB2  H N N 283 
PRO HB3  H N N 284 
PRO HG2  H N N 285 
PRO HG3  H N N 286 
PRO HD2  H N N 287 
PRO HD3  H N N 288 
PRO HXT  H N N 289 
SER N    N N N 290 
SER CA   C N S 291 
SER C    C N N 292 
SER O    O N N 293 
SER CB   C N N 294 
SER OG   O N N 295 
SER OXT  O N N 296 
SER H    H N N 297 
SER H2   H N N 298 
SER HA   H N N 299 
SER HB2  H N N 300 
SER HB3  H N N 301 
SER HG   H N N 302 
SER HXT  H N N 303 
THR N    N N N 304 
THR CA   C N S 305 
THR C    C N N 306 
THR O    O N N 307 
THR CB   C N R 308 
THR OG1  O N N 309 
THR CG2  C N N 310 
THR OXT  O N N 311 
THR H    H N N 312 
THR H2   H N N 313 
THR HA   H N N 314 
THR HB   H N N 315 
THR HG1  H N N 316 
THR HG21 H N N 317 
THR HG22 H N N 318 
THR HG23 H N N 319 
THR HXT  H N N 320 
TRP N    N N N 321 
TRP CA   C N S 322 
TRP C    C N N 323 
TRP O    O N N 324 
TRP CB   C N N 325 
TRP CG   C Y N 326 
TRP CD1  C Y N 327 
TRP CD2  C Y N 328 
TRP NE1  N Y N 329 
TRP CE2  C Y N 330 
TRP CE3  C Y N 331 
TRP CZ2  C Y N 332 
TRP CZ3  C Y N 333 
TRP CH2  C Y N 334 
TRP OXT  O N N 335 
TRP H    H N N 336 
TRP H2   H N N 337 
TRP HA   H N N 338 
TRP HB2  H N N 339 
TRP HB3  H N N 340 
TRP HD1  H N N 341 
TRP HE1  H N N 342 
TRP HE3  H N N 343 
TRP HZ2  H N N 344 
TRP HZ3  H N N 345 
TRP HH2  H N N 346 
TRP HXT  H N N 347 
TYR N    N N N 348 
TYR CA   C N S 349 
TYR C    C N N 350 
TYR O    O N N 351 
TYR CB   C N N 352 
TYR CG   C Y N 353 
TYR CD1  C Y N 354 
TYR CD2  C Y N 355 
TYR CE1  C Y N 356 
TYR CE2  C Y N 357 
TYR CZ   C Y N 358 
TYR OH   O N N 359 
TYR OXT  O N N 360 
TYR H    H N N 361 
TYR H2   H N N 362 
TYR HA   H N N 363 
TYR HB2  H N N 364 
TYR HB3  H N N 365 
TYR HD1  H N N 366 
TYR HD2  H N N 367 
TYR HE1  H N N 368 
TYR HE2  H N N 369 
TYR HH   H N N 370 
TYR HXT  H N N 371 
VAL N    N N N 372 
VAL CA   C N S 373 
VAL C    C N N 374 
VAL O    O N N 375 
VAL CB   C N N 376 
VAL CG1  C N N 377 
VAL CG2  C N N 378 
VAL OXT  O N N 379 
VAL H    H N N 380 
VAL H2   H N N 381 
VAL HA   H N N 382 
VAL HB   H N N 383 
VAL HG11 H N N 384 
VAL HG12 H N N 385 
VAL HG13 H N N 386 
VAL HG21 H N N 387 
VAL HG22 H N N 388 
VAL HG23 H N N 389 
VAL HXT  H N N 390 
# 
loop_
_chem_comp_bond.comp_id 
_chem_comp_bond.atom_id_1 
_chem_comp_bond.atom_id_2 
_chem_comp_bond.value_order 
_chem_comp_bond.pdbx_aromatic_flag 
_chem_comp_bond.pdbx_stereo_config 
_chem_comp_bond.pdbx_ordinal 
ALA N   CA   sing N N 1   
ALA N   H    sing N N 2   
ALA N   H2   sing N N 3   
ALA CA  C    sing N N 4   
ALA CA  CB   sing N N 5   
ALA CA  HA   sing N N 6   
ALA C   O    doub N N 7   
ALA C   OXT  sing N N 8   
ALA CB  HB1  sing N N 9   
ALA CB  HB2  sing N N 10  
ALA CB  HB3  sing N N 11  
ALA OXT HXT  sing N N 12  
ARG N   CA   sing N N 13  
ARG N   H    sing N N 14  
ARG N   H2   sing N N 15  
ARG CA  C    sing N N 16  
ARG CA  CB   sing N N 17  
ARG CA  HA   sing N N 18  
ARG C   O    doub N N 19  
ARG C   OXT  sing N N 20  
ARG CB  CG   sing N N 21  
ARG CB  HB2  sing N N 22  
ARG CB  HB3  sing N N 23  
ARG CG  CD   sing N N 24  
ARG CG  HG2  sing N N 25  
ARG CG  HG3  sing N N 26  
ARG CD  NE   sing N N 27  
ARG CD  HD2  sing N N 28  
ARG CD  HD3  sing N N 29  
ARG NE  CZ   sing N N 30  
ARG NE  HE   sing N N 31  
ARG CZ  NH1  sing N N 32  
ARG CZ  NH2  doub N N 33  
ARG NH1 HH11 sing N N 34  
ARG NH1 HH12 sing N N 35  
ARG NH2 HH21 sing N N 36  
ARG NH2 HH22 sing N N 37  
ARG OXT HXT  sing N N 38  
ASN N   CA   sing N N 39  
ASN N   H    sing N N 40  
ASN N   H2   sing N N 41  
ASN CA  C    sing N N 42  
ASN CA  CB   sing N N 43  
ASN CA  HA   sing N N 44  
ASN C   O    doub N N 45  
ASN C   OXT  sing N N 46  
ASN CB  CG   sing N N 47  
ASN CB  HB2  sing N N 48  
ASN CB  HB3  sing N N 49  
ASN CG  OD1  doub N N 50  
ASN CG  ND2  sing N N 51  
ASN ND2 HD21 sing N N 52  
ASN ND2 HD22 sing N N 53  
ASN OXT HXT  sing N N 54  
ASP N   CA   sing N N 55  
ASP N   H    sing N N 56  
ASP N   H2   sing N N 57  
ASP CA  C    sing N N 58  
ASP CA  CB   sing N N 59  
ASP CA  HA   sing N N 60  
ASP C   O    doub N N 61  
ASP C   OXT  sing N N 62  
ASP CB  CG   sing N N 63  
ASP CB  HB2  sing N N 64  
ASP CB  HB3  sing N N 65  
ASP CG  OD1  doub N N 66  
ASP CG  OD2  sing N N 67  
ASP OD2 HD2  sing N N 68  
ASP OXT HXT  sing N N 69  
CYS N   CA   sing N N 70  
CYS N   H    sing N N 71  
CYS N   H2   sing N N 72  
CYS CA  C    sing N N 73  
CYS CA  CB   sing N N 74  
CYS CA  HA   sing N N 75  
CYS C   O    doub N N 76  
CYS C   OXT  sing N N 77  
CYS CB  SG   sing N N 78  
CYS CB  HB2  sing N N 79  
CYS CB  HB3  sing N N 80  
CYS SG  HG   sing N N 81  
CYS OXT HXT  sing N N 82  
GLN N   CA   sing N N 83  
GLN N   H    sing N N 84  
GLN N   H2   sing N N 85  
GLN CA  C    sing N N 86  
GLN CA  CB   sing N N 87  
GLN CA  HA   sing N N 88  
GLN C   O    doub N N 89  
GLN C   OXT  sing N N 90  
GLN CB  CG   sing N N 91  
GLN CB  HB2  sing N N 92  
GLN CB  HB3  sing N N 93  
GLN CG  CD   sing N N 94  
GLN CG  HG2  sing N N 95  
GLN CG  HG3  sing N N 96  
GLN CD  OE1  doub N N 97  
GLN CD  NE2  sing N N 98  
GLN NE2 HE21 sing N N 99  
GLN NE2 HE22 sing N N 100 
GLN OXT HXT  sing N N 101 
GLU N   CA   sing N N 102 
GLU N   H    sing N N 103 
GLU N   H2   sing N N 104 
GLU CA  C    sing N N 105 
GLU CA  CB   sing N N 106 
GLU CA  HA   sing N N 107 
GLU C   O    doub N N 108 
GLU C   OXT  sing N N 109 
GLU CB  CG   sing N N 110 
GLU CB  HB2  sing N N 111 
GLU CB  HB3  sing N N 112 
GLU CG  CD   sing N N 113 
GLU CG  HG2  sing N N 114 
GLU CG  HG3  sing N N 115 
GLU CD  OE1  doub N N 116 
GLU CD  OE2  sing N N 117 
GLU OE2 HE2  sing N N 118 
GLU OXT HXT  sing N N 119 
GLY N   CA   sing N N 120 
GLY N   H    sing N N 121 
GLY N   H2   sing N N 122 
GLY CA  C    sing N N 123 
GLY CA  HA2  sing N N 124 
GLY CA  HA3  sing N N 125 
GLY C   O    doub N N 126 
GLY C   OXT  sing N N 127 
GLY OXT HXT  sing N N 128 
HIS N   CA   sing N N 129 
HIS N   H    sing N N 130 
HIS N   H2   sing N N 131 
HIS CA  C    sing N N 132 
HIS CA  CB   sing N N 133 
HIS CA  HA   sing N N 134 
HIS C   O    doub N N 135 
HIS C   OXT  sing N N 136 
HIS CB  CG   sing N N 137 
HIS CB  HB2  sing N N 138 
HIS CB  HB3  sing N N 139 
HIS CG  ND1  sing Y N 140 
HIS CG  CD2  doub Y N 141 
HIS ND1 CE1  doub Y N 142 
HIS ND1 HD1  sing N N 143 
HIS CD2 NE2  sing Y N 144 
HIS CD2 HD2  sing N N 145 
HIS CE1 NE2  sing Y N 146 
HIS CE1 HE1  sing N N 147 
HIS NE2 HE2  sing N N 148 
HIS OXT HXT  sing N N 149 
HOH O   H1   sing N N 150 
HOH O   H2   sing N N 151 
ILE N   CA   sing N N 152 
ILE N   H    sing N N 153 
ILE N   H2   sing N N 154 
ILE CA  C    sing N N 155 
ILE CA  CB   sing N N 156 
ILE CA  HA   sing N N 157 
ILE C   O    doub N N 158 
ILE C   OXT  sing N N 159 
ILE CB  CG1  sing N N 160 
ILE CB  CG2  sing N N 161 
ILE CB  HB   sing N N 162 
ILE CG1 CD1  sing N N 163 
ILE CG1 HG12 sing N N 164 
ILE CG1 HG13 sing N N 165 
ILE CG2 HG21 sing N N 166 
ILE CG2 HG22 sing N N 167 
ILE CG2 HG23 sing N N 168 
ILE CD1 HD11 sing N N 169 
ILE CD1 HD12 sing N N 170 
ILE CD1 HD13 sing N N 171 
ILE OXT HXT  sing N N 172 
LEU N   CA   sing N N 173 
LEU N   H    sing N N 174 
LEU N   H2   sing N N 175 
LEU CA  C    sing N N 176 
LEU CA  CB   sing N N 177 
LEU CA  HA   sing N N 178 
LEU C   O    doub N N 179 
LEU C   OXT  sing N N 180 
LEU CB  CG   sing N N 181 
LEU CB  HB2  sing N N 182 
LEU CB  HB3  sing N N 183 
LEU CG  CD1  sing N N 184 
LEU CG  CD2  sing N N 185 
LEU CG  HG   sing N N 186 
LEU CD1 HD11 sing N N 187 
LEU CD1 HD12 sing N N 188 
LEU CD1 HD13 sing N N 189 
LEU CD2 HD21 sing N N 190 
LEU CD2 HD22 sing N N 191 
LEU CD2 HD23 sing N N 192 
LEU OXT HXT  sing N N 193 
LYS N   CA   sing N N 194 
LYS N   H    sing N N 195 
LYS N   H2   sing N N 196 
LYS CA  C    sing N N 197 
LYS CA  CB   sing N N 198 
LYS CA  HA   sing N N 199 
LYS C   O    doub N N 200 
LYS C   OXT  sing N N 201 
LYS CB  CG   sing N N 202 
LYS CB  HB2  sing N N 203 
LYS CB  HB3  sing N N 204 
LYS CG  CD   sing N N 205 
LYS CG  HG2  sing N N 206 
LYS CG  HG3  sing N N 207 
LYS CD  CE   sing N N 208 
LYS CD  HD2  sing N N 209 
LYS CD  HD3  sing N N 210 
LYS CE  NZ   sing N N 211 
LYS CE  HE2  sing N N 212 
LYS CE  HE3  sing N N 213 
LYS NZ  HZ1  sing N N 214 
LYS NZ  HZ2  sing N N 215 
LYS NZ  HZ3  sing N N 216 
LYS OXT HXT  sing N N 217 
MET N   CA   sing N N 218 
MET N   H    sing N N 219 
MET N   H2   sing N N 220 
MET CA  C    sing N N 221 
MET CA  CB   sing N N 222 
MET CA  HA   sing N N 223 
MET C   O    doub N N 224 
MET C   OXT  sing N N 225 
MET CB  CG   sing N N 226 
MET CB  HB2  sing N N 227 
MET CB  HB3  sing N N 228 
MET CG  SD   sing N N 229 
MET CG  HG2  sing N N 230 
MET CG  HG3  sing N N 231 
MET SD  CE   sing N N 232 
MET CE  HE1  sing N N 233 
MET CE  HE2  sing N N 234 
MET CE  HE3  sing N N 235 
MET OXT HXT  sing N N 236 
PHE N   CA   sing N N 237 
PHE N   H    sing N N 238 
PHE N   H2   sing N N 239 
PHE CA  C    sing N N 240 
PHE CA  CB   sing N N 241 
PHE CA  HA   sing N N 242 
PHE C   O    doub N N 243 
PHE C   OXT  sing N N 244 
PHE CB  CG   sing N N 245 
PHE CB  HB2  sing N N 246 
PHE CB  HB3  sing N N 247 
PHE CG  CD1  doub Y N 248 
PHE CG  CD2  sing Y N 249 
PHE CD1 CE1  sing Y N 250 
PHE CD1 HD1  sing N N 251 
PHE CD2 CE2  doub Y N 252 
PHE CD2 HD2  sing N N 253 
PHE CE1 CZ   doub Y N 254 
PHE CE1 HE1  sing N N 255 
PHE CE2 CZ   sing Y N 256 
PHE CE2 HE2  sing N N 257 
PHE CZ  HZ   sing N N 258 
PHE OXT HXT  sing N N 259 
PRO N   CA   sing N N 260 
PRO N   CD   sing N N 261 
PRO N   H    sing N N 262 
PRO CA  C    sing N N 263 
PRO CA  CB   sing N N 264 
PRO CA  HA   sing N N 265 
PRO C   O    doub N N 266 
PRO C   OXT  sing N N 267 
PRO CB  CG   sing N N 268 
PRO CB  HB2  sing N N 269 
PRO CB  HB3  sing N N 270 
PRO CG  CD   sing N N 271 
PRO CG  HG2  sing N N 272 
PRO CG  HG3  sing N N 273 
PRO CD  HD2  sing N N 274 
PRO CD  HD3  sing N N 275 
PRO OXT HXT  sing N N 276 
SER N   CA   sing N N 277 
SER N   H    sing N N 278 
SER N   H2   sing N N 279 
SER CA  C    sing N N 280 
SER CA  CB   sing N N 281 
SER CA  HA   sing N N 282 
SER C   O    doub N N 283 
SER C   OXT  sing N N 284 
SER CB  OG   sing N N 285 
SER CB  HB2  sing N N 286 
SER CB  HB3  sing N N 287 
SER OG  HG   sing N N 288 
SER OXT HXT  sing N N 289 
THR N   CA   sing N N 290 
THR N   H    sing N N 291 
THR N   H2   sing N N 292 
THR CA  C    sing N N 293 
THR CA  CB   sing N N 294 
THR CA  HA   sing N N 295 
THR C   O    doub N N 296 
THR C   OXT  sing N N 297 
THR CB  OG1  sing N N 298 
THR CB  CG2  sing N N 299 
THR CB  HB   sing N N 300 
THR OG1 HG1  sing N N 301 
THR CG2 HG21 sing N N 302 
THR CG2 HG22 sing N N 303 
THR CG2 HG23 sing N N 304 
THR OXT HXT  sing N N 305 
TRP N   CA   sing N N 306 
TRP N   H    sing N N 307 
TRP N   H2   sing N N 308 
TRP CA  C    sing N N 309 
TRP CA  CB   sing N N 310 
TRP CA  HA   sing N N 311 
TRP C   O    doub N N 312 
TRP C   OXT  sing N N 313 
TRP CB  CG   sing N N 314 
TRP CB  HB2  sing N N 315 
TRP CB  HB3  sing N N 316 
TRP CG  CD1  doub Y N 317 
TRP CG  CD2  sing Y N 318 
TRP CD1 NE1  sing Y N 319 
TRP CD1 HD1  sing N N 320 
TRP CD2 CE2  doub Y N 321 
TRP CD2 CE3  sing Y N 322 
TRP NE1 CE2  sing Y N 323 
TRP NE1 HE1  sing N N 324 
TRP CE2 CZ2  sing Y N 325 
TRP CE3 CZ3  doub Y N 326 
TRP CE3 HE3  sing N N 327 
TRP CZ2 CH2  doub Y N 328 
TRP CZ2 HZ2  sing N N 329 
TRP CZ3 CH2  sing Y N 330 
TRP CZ3 HZ3  sing N N 331 
TRP CH2 HH2  sing N N 332 
TRP OXT HXT  sing N N 333 
TYR N   CA   sing N N 334 
TYR N   H    sing N N 335 
TYR N   H2   sing N N 336 
TYR CA  C    sing N N 337 
TYR CA  CB   sing N N 338 
TYR CA  HA   sing N N 339 
TYR C   O    doub N N 340 
TYR C   OXT  sing N N 341 
TYR CB  CG   sing N N 342 
TYR CB  HB2  sing N N 343 
TYR CB  HB3  sing N N 344 
TYR CG  CD1  doub Y N 345 
TYR CG  CD2  sing Y N 346 
TYR CD1 CE1  sing Y N 347 
TYR CD1 HD1  sing N N 348 
TYR CD2 CE2  doub Y N 349 
TYR CD2 HD2  sing N N 350 
TYR CE1 CZ   doub Y N 351 
TYR CE1 HE1  sing N N 352 
TYR CE2 CZ   sing Y N 353 
TYR CE2 HE2  sing N N 354 
TYR CZ  OH   sing N N 355 
TYR OH  HH   sing N N 356 
TYR OXT HXT  sing N N 357 
VAL N   CA   sing N N 358 
VAL N   H    sing N N 359 
VAL N   H2   sing N N 360 
VAL CA  C    sing N N 361 
VAL CA  CB   sing N N 362 
VAL CA  HA   sing N N 363 
VAL C   O    doub N N 364 
VAL C   OXT  sing N N 365 
VAL CB  CG1  sing N N 366 
VAL CB  CG2  sing N N 367 
VAL CB  HB   sing N N 368 
VAL CG1 HG11 sing N N 369 
VAL CG1 HG12 sing N N 370 
VAL CG1 HG13 sing N N 371 
VAL CG2 HG21 sing N N 372 
VAL CG2 HG22 sing N N 373 
VAL CG2 HG23 sing N N 374 
VAL OXT HXT  sing N N 375 
# 
_pdbx_initial_refinement_model.id               1 
_pdbx_initial_refinement_model.entity_id_list   ? 
_pdbx_initial_refinement_model.type             'experimental model' 
_pdbx_initial_refinement_model.source_name      PDB 
_pdbx_initial_refinement_model.accession_code   3QBY 
_pdbx_initial_refinement_model.details          ? 
# 
_atom_sites.entry_id                    5XSL 
_atom_sites.fract_transf_matrix[1][1]   0.00869934 
_atom_sites.fract_transf_matrix[1][2]   0.00829362 
_atom_sites.fract_transf_matrix[1][3]   -0.00815750 
_atom_sites.fract_transf_matrix[2][1]   -0.00207819 
_atom_sites.fract_transf_matrix[2][2]   0.01436630 
_atom_sites.fract_transf_matrix[2][3]   -0.00054338 
_atom_sites.fract_transf_matrix[3][1]   0.00586751 
_atom_sites.fract_transf_matrix[3][2]   0.00112886 
_atom_sites.fract_transf_matrix[3][3]   0.00740494 
_atom_sites.fract_transf_vector[1]      -0.189837 
_atom_sites.fract_transf_vector[2]      -0.457009 
_atom_sites.fract_transf_vector[3]      -0.142001 
# 
loop_
_atom_type.symbol 
C 
N 
O 
S 
# 
loop_
_atom_site.group_PDB 
_atom_site.id 
_atom_site.type_symbol 
_atom_site.label_atom_id 
_atom_site.label_alt_id 
_atom_site.label_comp_id 
_atom_site.label_asym_id 
_atom_site.label_entity_id 
_atom_site.label_seq_id 
_atom_site.pdbx_PDB_ins_code 
_atom_site.Cartn_x 
_atom_site.Cartn_y 
_atom_site.Cartn_z 
_atom_site.occupancy 
_atom_site.B_iso_or_equiv 
_atom_site.pdbx_formal_charge 
_atom_site.auth_seq_id 
_atom_site.auth_comp_id 
_atom_site.auth_asym_id 
_atom_site.auth_atom_id 
_atom_site.pdbx_PDB_model_num 
ATOM   1   N N   . GLU A 1 29  ? -7.848  8.828   -9.565  1.00 92.66  ? 9   GLU A N   1 
ATOM   2   C CA  . GLU A 1 29  ? -7.864  9.066   -8.094  1.00 92.48  ? 9   GLU A CA  1 
ATOM   3   C C   . GLU A 1 29  ? -6.453  9.250   -7.546  1.00 87.84  ? 9   GLU A C   1 
ATOM   4   O O   . GLU A 1 29  ? -6.170  10.263  -6.904  1.00 81.54  ? 9   GLU A O   1 
ATOM   5   C CB  . GLU A 1 29  ? -8.563  7.914   -7.345  1.00 95.03  ? 9   GLU A CB  1 
ATOM   6   C CG  . GLU A 1 29  ? -10.024 7.665   -7.712  1.00 101.56 ? 9   GLU A CG  1 
ATOM   7   C CD  . GLU A 1 29  ? -10.952 8.845   -7.427  1.00 108.07 ? 9   GLU A CD  1 
ATOM   8   O OE1 . GLU A 1 29  ? -12.090 8.856   -7.957  1.00 112.33 ? 9   GLU A OE1 1 
ATOM   9   O OE2 . GLU A 1 29  ? -10.559 9.765   -6.677  1.00 108.41 ? 9   GLU A OE2 1 
ATOM   10  N N   . TYR A 1 30  ? -5.575  8.279   -7.807  1.00 83.39  ? 10  TYR A N   1 
ATOM   11  C CA  . TYR A 1 30  ? -4.237  8.248   -7.192  1.00 81.87  ? 10  TYR A CA  1 
ATOM   12  C C   . TYR A 1 30  ? -3.109  8.591   -8.152  1.00 82.15  ? 10  TYR A C   1 
ATOM   13  O O   . TYR A 1 30  ? -3.155  8.227   -9.323  1.00 89.10  ? 10  TYR A O   1 
ATOM   14  C CB  . TYR A 1 30  ? -3.956  6.866   -6.606  1.00 77.61  ? 10  TYR A CB  1 
ATOM   15  C CG  . TYR A 1 30  ? -4.877  6.463   -5.481  1.00 75.42  ? 10  TYR A CG  1 
ATOM   16  C CD1 . TYR A 1 30  ? -6.120  5.892   -5.741  1.00 82.48  ? 10  TYR A CD1 1 
ATOM   17  C CD2 . TYR A 1 30  ? -4.512  6.643   -4.155  1.00 72.62  ? 10  TYR A CD2 1 
ATOM   18  C CE1 . TYR A 1 30  ? -6.984  5.518   -4.710  1.00 80.20  ? 10  TYR A CE1 1 
ATOM   19  C CE2 . TYR A 1 30  ? -5.367  6.274   -3.119  1.00 74.14  ? 10  TYR A CE2 1 
ATOM   20  C CZ  . TYR A 1 30  ? -6.602  5.710   -3.399  1.00 73.54  ? 10  TYR A CZ  1 
ATOM   21  O OH  . TYR A 1 30  ? -7.446  5.311   -2.388  1.00 66.53  ? 10  TYR A OH  1 
ATOM   22  N N   . LYS A 1 31  ? -2.096  9.280   -7.632  1.00 80.37  ? 11  LYS A N   1 
ATOM   23  C CA  . LYS A 1 31  ? -0.836  9.507   -8.340  1.00 85.13  ? 11  LYS A CA  1 
ATOM   24  C C   . LYS A 1 31  ? 0.195   8.459   -7.952  1.00 82.27  ? 11  LYS A C   1 
ATOM   25  O O   . LYS A 1 31  ? -0.062  7.624   -7.092  1.00 89.19  ? 11  LYS A O   1 
ATOM   26  C CB  . LYS A 1 31  ? -0.303  10.919  -8.053  1.00 95.01  ? 11  LYS A CB  1 
ATOM   27  C CG  . LYS A 1 31  ? -1.156  12.009  -8.709  1.00 109.33 ? 11  LYS A CG  1 
ATOM   28  C CD  . LYS A 1 31  ? -0.346  13.184  -9.285  1.00 111.56 ? 11  LYS A CD  1 
ATOM   29  C CE  . LYS A 1 31  ? -0.952  13.749  -10.576 1.00 109.02 ? 11  LYS A CE  1 
ATOM   30  N NZ  . LYS A 1 31  ? -2.432  13.956  -10.521 1.00 108.17 ? 11  LYS A NZ  1 
ATOM   31  N N   . CYS A 1 32  ? 1.355   8.494   -8.604  1.00 79.59  ? 12  CYS A N   1 
ATOM   32  C CA  . CYS A 1 32  ? 2.466   7.593   -8.292  1.00 78.48  ? 12  CYS A CA  1 
ATOM   33  C C   . CYS A 1 32  ? 2.954   8.014   -6.929  1.00 75.34  ? 12  CYS A C   1 
ATOM   34  O O   . CYS A 1 32  ? 2.465   9.013   -6.412  1.00 75.22  ? 12  CYS A O   1 
ATOM   35  C CB  . CYS A 1 32  ? 3.573   7.725   -9.335  1.00 80.83  ? 12  CYS A CB  1 
ATOM   36  S SG  . CYS A 1 32  ? 5.050   6.737   -9.035  1.00 98.11  ? 12  CYS A SG  1 
ATOM   37  N N   . GLY A 1 33  ? 3.856   7.264   -6.303  1.00 74.80  ? 13  GLY A N   1 
ATOM   38  C CA  . GLY A 1 33  ? 4.389   7.667   -4.981  1.00 74.99  ? 13  GLY A CA  1 
ATOM   39  C C   . GLY A 1 33  ? 3.431   7.677   -3.776  1.00 69.27  ? 13  GLY A C   1 
ATOM   40  O O   . GLY A 1 33  ? 3.859   7.360   -2.670  1.00 59.68  ? 13  GLY A O   1 
ATOM   41  N N   . ASP A 1 34  ? 2.171   8.095   -3.994  1.00 62.49  ? 14  ASP A N   1 
ATOM   42  C CA  . ASP A 1 34  ? 1.037   8.001   -3.050  1.00 60.14  ? 14  ASP A CA  1 
ATOM   43  C C   . ASP A 1 34  ? 0.970   6.794   -2.124  1.00 56.12  ? 14  ASP A C   1 
ATOM   44  O O   . ASP A 1 34  ? 0.924   5.649   -2.577  1.00 51.31  ? 14  ASP A O   1 
ATOM   45  C CB  . ASP A 1 34  ? -0.296  7.957   -3.824  1.00 64.05  ? 14  ASP A CB  1 
ATOM   46  C CG  . ASP A 1 34  ? -0.798  9.329   -4.260  1.00 64.23  ? 14  ASP A CG  1 
ATOM   47  O OD1 . ASP A 1 34  ? 0.019   10.277  -4.401  1.00 65.76  ? 14  ASP A OD1 1 
ATOM   48  O OD2 . ASP A 1 34  ? -2.029  9.427   -4.479  1.00 55.59  ? 14  ASP A OD2 1 
ATOM   49  N N   . LEU A 1 35  ? 0.837   7.093   -0.836  1.00 54.05  ? 15  LEU A N   1 
ATOM   50  C CA  . LEU A 1 35  ? 0.806   6.105   0.212   1.00 50.55  ? 15  LEU A CA  1 
ATOM   51  C C   . LEU A 1 35  ? -0.635  5.796   0.576   1.00 53.95  ? 15  LEU A C   1 
ATOM   52  O O   . LEU A 1 35  ? -1.503  6.681   0.584   1.00 54.90  ? 15  LEU A O   1 
ATOM   53  C CB  . LEU A 1 35  ? 1.544   6.648   1.423   1.00 49.10  ? 15  LEU A CB  1 
ATOM   54  C CG  . LEU A 1 35  ? 2.930   7.206   1.155   1.00 48.15  ? 15  LEU A CG  1 
ATOM   55  C CD1 . LEU A 1 35  ? 3.631   7.657   2.418   1.00 49.07  ? 15  LEU A CD1 1 
ATOM   56  C CD2 . LEU A 1 35  ? 3.756   6.135   0.492   1.00 53.53  ? 15  LEU A CD2 1 
ATOM   57  N N   . VAL A 1 36  ? -0.858  4.536   0.919   1.00 57.72  ? 16  VAL A N   1 
ATOM   58  C CA  . VAL A 1 36  ? -2.189  3.950   1.021   1.00 60.71  ? 16  VAL A CA  1 
ATOM   59  C C   . VAL A 1 36  ? -2.141  2.728   1.916   1.00 60.61  ? 16  VAL A C   1 
ATOM   60  O O   . VAL A 1 36  ? -1.079  2.366   2.430   1.00 59.54  ? 16  VAL A O   1 
ATOM   61  C CB  . VAL A 1 36  ? -2.675  3.451   -0.360  1.00 63.48  ? 16  VAL A CB  1 
ATOM   62  C CG1 . VAL A 1 36  ? -3.179  4.594   -1.201  1.00 65.68  ? 16  VAL A CG1 1 
ATOM   63  C CG2 . VAL A 1 36  ? -1.560  2.726   -1.107  1.00 66.59  ? 16  VAL A CG2 1 
ATOM   64  N N   . PHE A 1 37  ? -3.296  2.095   2.082   1.00 60.57  ? 17  PHE A N   1 
ATOM   65  C CA  . PHE A 1 37  ? -3.390  0.777   2.667   1.00 62.53  ? 17  PHE A CA  1 
ATOM   66  C C   . PHE A 1 37  ? -4.038  -0.136  1.637   1.00 63.59  ? 17  PHE A C   1 
ATOM   67  O O   . PHE A 1 37  ? -5.216  -0.005  1.318   1.00 61.76  ? 17  PHE A O   1 
ATOM   68  C CB  . PHE A 1 37  ? -4.232  0.791   3.942   1.00 64.30  ? 17  PHE A CB  1 
ATOM   69  C CG  . PHE A 1 37  ? -3.520  1.341   5.143   1.00 64.01  ? 17  PHE A CG  1 
ATOM   70  C CD1 . PHE A 1 37  ? -2.731  0.520   5.935   1.00 65.75  ? 17  PHE A CD1 1 
ATOM   71  C CD2 . PHE A 1 37  ? -3.663  2.672   5.502   1.00 65.16  ? 17  PHE A CD2 1 
ATOM   72  C CE1 . PHE A 1 37  ? -2.081  1.022   7.054   1.00 64.59  ? 17  PHE A CE1 1 
ATOM   73  C CE2 . PHE A 1 37  ? -3.017  3.178   6.617   1.00 66.30  ? 17  PHE A CE2 1 
ATOM   74  C CZ  . PHE A 1 37  ? -2.216  2.355   7.391   1.00 63.93  ? 17  PHE A CZ  1 
ATOM   75  N N   . ALA A 1 38  ? -3.265  -1.070  1.121   1.00 66.55  ? 18  ALA A N   1 
ATOM   76  C CA  . ALA A 1 38  ? -3.784  -2.002  0.140   1.00 70.63  ? 18  ALA A CA  1 
ATOM   77  C C   . ALA A 1 38  ? -4.325  -3.244  0.851   1.00 68.80  ? 18  ALA A C   1 
ATOM   78  O O   . ALA A 1 38  ? -3.708  -3.747  1.797   1.00 65.69  ? 18  ALA A O   1 
ATOM   79  C CB  . ALA A 1 38  ? -2.701  -2.363  -0.873  1.00 74.23  ? 18  ALA A CB  1 
ATOM   80  N N   . LYS A 1 39  ? -5.478  -3.722  0.387   1.00 67.47  ? 19  LYS A N   1 
ATOM   81  C CA  . LYS A 1 39  ? -6.122  -4.884  0.966   1.00 71.56  ? 19  LYS A CA  1 
ATOM   82  C C   . LYS A 1 39  ? -6.157  -6.005  -0.041  1.00 73.30  ? 19  LYS A C   1 
ATOM   83  O O   . LYS A 1 39  ? -6.527  -5.785  -1.191  1.00 76.34  ? 19  LYS A O   1 
ATOM   84  C CB  . LYS A 1 39  ? -7.551  -4.535  1.379   1.00 74.26  ? 19  LYS A CB  1 
ATOM   85  C CG  . LYS A 1 39  ? -8.322  -5.659  2.063   1.00 76.92  ? 19  LYS A CG  1 
ATOM   86  C CD  . LYS A 1 39  ? -7.717  -6.070  3.398   1.00 79.60  ? 19  LYS A CD  1 
ATOM   87  C CE  . LYS A 1 39  ? -8.573  -7.125  4.080   1.00 86.80  ? 19  LYS A CE  1 
ATOM   88  N NZ  . LYS A 1 39  ? -8.769  -8.357  3.257   1.00 88.87  ? 19  LYS A NZ  1 
ATOM   89  N N   . MET A 1 40  ? -5.784  -7.204  0.403   1.00 75.18  ? 20  MET A N   1 
ATOM   90  C CA  . MET A 1 40  ? -5.918  -8.416  -0.399  1.00 77.05  ? 20  MET A CA  1 
ATOM   91  C C   . MET A 1 40  ? -6.506  -9.542  0.406   1.00 76.90  ? 20  MET A C   1 
ATOM   92  O O   . MET A 1 40  ? -6.483  -9.511  1.632   1.00 77.55  ? 20  MET A O   1 
ATOM   93  C CB  . MET A 1 40  ? -4.561  -8.844  -0.923  1.00 76.25  ? 20  MET A CB  1 
ATOM   94  C CG  . MET A 1 40  ? -3.989  -7.853  -1.914  1.00 79.24  ? 20  MET A CG  1 
ATOM   95  S SD  . MET A 1 40  ? -2.667  -8.564  -2.901  1.00 81.30  ? 20  MET A SD  1 
ATOM   96  C CE  . MET A 1 40  ? -1.481  -9.013  -1.623  1.00 91.41  ? 20  MET A CE  1 
ATOM   97  N N   . LYS A 1 41  ? -7.029  -10.544 -0.295  1.00 80.15  ? 21  LYS A N   1 
ATOM   98  C CA  . LYS A 1 41  ? -7.541  -11.732 0.370   1.00 81.31  ? 21  LYS A CA  1 
ATOM   99  C C   . LYS A 1 41  ? -6.385  -12.394 1.077   1.00 80.03  ? 21  LYS A C   1 
ATOM   100 O O   . LYS A 1 41  ? -5.289  -12.496 0.523   1.00 80.43  ? 21  LYS A O   1 
ATOM   101 C CB  . LYS A 1 41  ? -8.237  -12.685 -0.600  1.00 82.87  ? 21  LYS A CB  1 
ATOM   102 C CG  . LYS A 1 41  ? -9.648  -12.203 -0.906  1.00 91.86  ? 21  LYS A CG  1 
ATOM   103 C CD  . LYS A 1 41  ? -10.155 -12.587 -2.293  1.00 97.86  ? 21  LYS A CD  1 
ATOM   104 C CE  . LYS A 1 41  ? -11.203 -11.587 -2.775  1.00 101.79 ? 21  LYS A CE  1 
ATOM   105 N NZ  . LYS A 1 41  ? -12.170 -12.163 -3.752  1.00 105.06 ? 21  LYS A NZ  1 
ATOM   106 N N   . GLY A 1 42  ? -6.630  -12.761 2.332   1.00 76.56  ? 22  GLY A N   1 
ATOM   107 C CA  . GLY A 1 42  ? -5.653  -13.437 3.155   1.00 73.51  ? 22  GLY A CA  1 
ATOM   108 C C   . GLY A 1 42  ? -5.168  -12.543 4.258   1.00 68.94  ? 22  GLY A C   1 
ATOM   109 O O   . GLY A 1 42  ? -4.968  -12.998 5.378   1.00 75.30  ? 22  GLY A O   1 
ATOM   110 N N   . TYR A 1 43  ? -4.989  -11.266 3.954   1.00 64.86  ? 23  TYR A N   1 
ATOM   111 C CA  . TYR A 1 43  ? -4.177  -10.388 4.798   1.00 61.46  ? 23  TYR A CA  1 
ATOM   112 C C   . TYR A 1 43  ? -4.948  -9.126  5.141   1.00 53.64  ? 23  TYR A C   1 
ATOM   113 O O   . TYR A 1 43  ? -5.867  -8.768  4.446   1.00 51.57  ? 23  TYR A O   1 
ATOM   114 C CB  . TYR A 1 43  ? -2.862  -10.055 4.065   1.00 62.76  ? 23  TYR A CB  1 
ATOM   115 C CG  . TYR A 1 43  ? -2.221  -11.241 3.354   1.00 62.29  ? 23  TYR A CG  1 
ATOM   116 C CD1 . TYR A 1 43  ? -2.599  -11.589 2.048   1.00 62.89  ? 23  TYR A CD1 1 
ATOM   117 C CD2 . TYR A 1 43  ? -1.250  -12.017 3.988   1.00 62.47  ? 23  TYR A CD2 1 
ATOM   118 C CE1 . TYR A 1 43  ? -2.025  -12.673 1.395   1.00 67.97  ? 23  TYR A CE1 1 
ATOM   119 C CE2 . TYR A 1 43  ? -0.670  -13.111 3.350   1.00 68.67  ? 23  TYR A CE2 1 
ATOM   120 C CZ  . TYR A 1 43  ? -1.055  -13.440 2.053   1.00 71.42  ? 23  TYR A CZ  1 
ATOM   121 O OH  . TYR A 1 43  ? -0.476  -14.524 1.420   1.00 67.50  ? 23  TYR A OH  1 
ATOM   122 N N   . PRO A 1 44  ? -4.574  -8.445  6.214   1.00 54.11  ? 24  PRO A N   1 
ATOM   123 C CA  . PRO A 1 44  ? -5.228  -7.193  6.508   1.00 58.68  ? 24  PRO A CA  1 
ATOM   124 C C   . PRO A 1 44  ? -4.836  -6.043  5.560   1.00 60.44  ? 24  PRO A C   1 
ATOM   125 O O   . PRO A 1 44  ? -4.011  -6.201  4.631   1.00 58.69  ? 24  PRO A O   1 
ATOM   126 C CB  . PRO A 1 44  ? -4.716  -6.880  7.913   1.00 58.02  ? 24  PRO A CB  1 
ATOM   127 C CG  . PRO A 1 44  ? -3.326  -7.347  7.859   1.00 57.33  ? 24  PRO A CG  1 
ATOM   128 C CD  . PRO A 1 44  ? -3.404  -8.637  7.084   1.00 58.32  ? 24  PRO A CD  1 
ATOM   129 N N   . HIS A 1 45  ? -5.444  -4.896  5.839   1.00 58.96  ? 25  HIS A N   1 
ATOM   130 C CA  . HIS A 1 45  ? -5.188  -3.673  5.127   1.00 59.09  ? 25  HIS A CA  1 
ATOM   131 C C   . HIS A 1 45  ? -3.763  -3.360  5.429   1.00 55.55  ? 25  HIS A C   1 
ATOM   132 O O   . HIS A 1 45  ? -3.415  -2.967  6.541   1.00 50.32  ? 25  HIS A O   1 
ATOM   133 C CB  . HIS A 1 45  ? -6.102  -2.550  5.604   1.00 68.34  ? 25  HIS A CB  1 
ATOM   134 C CG  . HIS A 1 45  ? -7.543  -2.754  5.244   1.00 74.42  ? 25  HIS A CG  1 
ATOM   135 N ND1 . HIS A 1 45  ? -8.395  -3.552  5.982   1.00 76.56  ? 25  HIS A ND1 1 
ATOM   136 C CD2 . HIS A 1 45  ? -8.277  -2.271  4.216   1.00 73.38  ? 25  HIS A CD2 1 
ATOM   137 C CE1 . HIS A 1 45  ? -9.591  -3.545  5.427   1.00 76.07  ? 25  HIS A CE1 1 
ATOM   138 N NE2 . HIS A 1 45  ? -9.544  -2.779  4.351   1.00 77.81  ? 25  HIS A NE2 1 
ATOM   139 N N   . TRP A 1 46  ? -2.935  -3.607  4.421   1.00 58.80  ? 26  TRP A N   1 
ATOM   140 C CA  . TRP A 1 46  ? -1.486  -3.533  4.538   1.00 50.70  ? 26  TRP A CA  1 
ATOM   141 C C   . TRP A 1 46  ? -0.985  -2.180  4.049   1.00 45.00  ? 26  TRP A C   1 
ATOM   142 O O   . TRP A 1 46  ? -1.521  -1.644  3.085   1.00 38.01  ? 26  TRP A O   1 
ATOM   143 C CB  . TRP A 1 46  ? -0.863  -4.643  3.702   1.00 46.00  ? 26  TRP A CB  1 
ATOM   144 C CG  . TRP A 1 46  ? 0.431   -5.014  4.198   1.00 43.27  ? 26  TRP A CG  1 
ATOM   145 C CD1 . TRP A 1 46  ? 1.609   -4.369  3.999   1.00 41.96  ? 26  TRP A CD1 1 
ATOM   146 C CD2 . TRP A 1 46  ? 0.708   -6.123  5.017   1.00 43.78  ? 26  TRP A CD2 1 
ATOM   147 N NE1 . TRP A 1 46  ? 2.623   -5.019  4.638   1.00 41.58  ? 26  TRP A NE1 1 
ATOM   148 C CE2 . TRP A 1 46  ? 2.098   -6.110  5.277   1.00 43.35  ? 26  TRP A CE2 1 
ATOM   149 C CE3 . TRP A 1 46  ? -0.083  -7.152  5.555   1.00 43.52  ? 26  TRP A CE3 1 
ATOM   150 C CZ2 . TRP A 1 46  ? 2.723   -7.087  6.053   1.00 43.60  ? 26  TRP A CZ2 1 
ATOM   151 C CZ3 . TRP A 1 46  ? 0.530   -8.122  6.329   1.00 43.12  ? 26  TRP A CZ3 1 
ATOM   152 C CH2 . TRP A 1 46  ? 1.932   -8.083  6.573   1.00 44.14  ? 26  TRP A CH2 1 
ATOM   153 N N   . PRO A 1 47  ? 0.050   -1.641  4.700   1.00 44.66  ? 27  PRO A N   1 
ATOM   154 C CA  . PRO A 1 47  ? 0.594   -0.356  4.273   1.00 46.97  ? 27  PRO A CA  1 
ATOM   155 C C   . PRO A 1 47  ? 1.418   -0.482  3.037   1.00 43.41  ? 27  PRO A C   1 
ATOM   156 O O   . PRO A 1 47  ? 2.231   -1.392  2.927   1.00 40.52  ? 27  PRO A O   1 
ATOM   157 C CB  . PRO A 1 47  ? 1.487   0.085   5.449   1.00 50.51  ? 27  PRO A CB  1 
ATOM   158 C CG  . PRO A 1 47  ? 1.841   -1.180  6.139   1.00 52.15  ? 27  PRO A CG  1 
ATOM   159 C CD  . PRO A 1 47  ? 0.613   -2.056  5.992   1.00 49.94  ? 27  PRO A CD  1 
ATOM   160 N N   . ALA A 1 48  ? 1.223   0.455   2.130   1.00 44.69  ? 28  ALA A N   1 
ATOM   161 C CA  . ALA A 1 48  ? 1.805   0.350   0.812   1.00 49.71  ? 28  ALA A CA  1 
ATOM   162 C C   . ALA A 1 48  ? 1.800   1.710   0.132   1.00 55.17  ? 28  ALA A C   1 
ATOM   163 O O   . ALA A 1 48  ? 1.161   2.664   0.612   1.00 56.57  ? 28  ALA A O   1 
ATOM   164 C CB  . ALA A 1 48  ? 1.064   -0.689  -0.020  1.00 45.54  ? 28  ALA A CB  1 
ATOM   165 N N   . ARG A 1 49  ? 2.575   1.794   -0.948  1.00 57.20  ? 29  ARG A N   1 
ATOM   166 C CA  . ARG A 1 49  ? 2.533   2.934   -1.858  1.00 55.79  ? 29  ARG A CA  1 
ATOM   167 C C   . ARG A 1 49  ? 2.198   2.435   -3.256  1.00 55.45  ? 29  ARG A C   1 
ATOM   168 O O   . ARG A 1 49  ? 2.358   1.246   -3.554  1.00 53.99  ? 29  ARG A O   1 
ATOM   169 C CB  . ARG A 1 49  ? 3.887   3.616   -1.917  1.00 50.65  ? 29  ARG A CB  1 
ATOM   170 C CG  . ARG A 1 49  ? 4.885   2.774   -2.678  1.00 51.76  ? 29  ARG A CG  1 
ATOM   171 C CD  . ARG A 1 49  ? 6.249   3.375   -2.733  1.00 52.04  ? 29  ARG A CD  1 
ATOM   172 N NE  . ARG A 1 49  ? 7.205   2.304   -2.717  1.00 55.04  ? 29  ARG A NE  1 
ATOM   173 C CZ  . ARG A 1 49  ? 8.504   2.468   -2.668  1.00 62.67  ? 29  ARG A CZ  1 
ATOM   174 N NH1 . ARG A 1 49  ? 9.023   3.669   -2.722  1.00 70.09  ? 29  ARG A NH1 1 
ATOM   175 N NH2 . ARG A 1 49  ? 9.296   1.411   -2.626  1.00 73.07  ? 29  ARG A NH2 1 
ATOM   176 N N   . ILE A 1 50  ? 1.788   3.367   -4.112  1.00 55.12  ? 30  ILE A N   1 
ATOM   177 C CA  . ILE A 1 50  ? 1.856   3.167   -5.549  1.00 56.24  ? 30  ILE A CA  1 
ATOM   178 C C   . ILE A 1 50  ? 3.265   3.448   -6.024  1.00 58.22  ? 30  ILE A C   1 
ATOM   179 O O   . ILE A 1 50  ? 3.846   4.465   -5.639  1.00 61.49  ? 30  ILE A O   1 
ATOM   180 C CB  . ILE A 1 50  ? 0.919   4.114   -6.298  1.00 57.45  ? 30  ILE A CB  1 
ATOM   181 C CG1 . ILE A 1 50  ? -0.522  3.629   -6.170  1.00 57.39  ? 30  ILE A CG1 1 
ATOM   182 C CG2 . ILE A 1 50  ? 1.269   4.160   -7.774  1.00 65.56  ? 30  ILE A CG2 1 
ATOM   183 C CD1 . ILE A 1 50  ? -1.339  4.484   -5.256  1.00 63.45  ? 30  ILE A CD1 1 
ATOM   184 N N   . ASP A 1 51  ? 3.808   2.580   -6.878  1.00 60.29  ? 31  ASP A N   1 
ATOM   185 C CA  . ASP A 1 51  ? 5.108   2.867   -7.481  1.00 69.36  ? 31  ASP A CA  1 
ATOM   186 C C   . ASP A 1 51  ? 5.168   2.765   -9.008  1.00 72.19  ? 31  ASP A C   1 
ATOM   187 O O   . ASP A 1 51  ? 6.249   2.875   -9.556  1.00 87.59  ? 31  ASP A O   1 
ATOM   188 C CB  . ASP A 1 51  ? 6.211   2.039   -6.813  1.00 73.92  ? 31  ASP A CB  1 
ATOM   189 C CG  . ASP A 1 51  ? 5.997   0.561   -6.978  1.00 77.62  ? 31  ASP A CG  1 
ATOM   190 O OD1 . ASP A 1 51  ? 4.900   0.194   -7.472  1.00 70.45  ? 31  ASP A OD1 1 
ATOM   191 O OD2 . ASP A 1 51  ? 6.918   -0.214  -6.609  1.00 81.20  ? 31  ASP A OD2 1 
ATOM   192 N N   . GLU A 1 52  ? 4.046   2.582   -9.697  1.00 73.62  ? 32  GLU A N   1 
ATOM   193 C CA  . GLU A 1 52  ? 3.959   2.888   -11.136 1.00 75.55  ? 32  GLU A CA  1 
ATOM   194 C C   . GLU A 1 52  ? 2.589   3.470   -11.404 1.00 81.36  ? 32  GLU A C   1 
ATOM   195 O O   . GLU A 1 52  ? 1.582   2.834   -11.053 1.00 80.03  ? 32  GLU A O   1 
ATOM   196 C CB  . GLU A 1 52  ? 4.128   1.644   -12.014 1.00 77.25  ? 32  GLU A CB  1 
ATOM   197 C CG  . GLU A 1 52  ? 5.276   0.707   -11.648 1.00 87.16  ? 32  GLU A CG  1 
ATOM   198 C CD  . GLU A 1 52  ? 6.087   0.208   -12.848 1.00 99.28  ? 32  GLU A CD  1 
ATOM   199 O OE1 . GLU A 1 52  ? 7.338   0.181   -12.730 1.00 101.99 ? 32  GLU A OE1 1 
ATOM   200 O OE2 . GLU A 1 52  ? 5.498   -0.154  -13.905 1.00 99.14  ? 32  GLU A OE2 1 
ATOM   201 N N   . MET A 1 53  ? 2.527   4.662   -12.011 1.00 86.35  ? 33  MET A N   1 
ATOM   202 C CA  . MET A 1 53  ? 1.223   5.241   -12.392 1.00 89.99  ? 33  MET A CA  1 
ATOM   203 C C   . MET A 1 53  ? 0.682   4.474   -13.591 1.00 84.39  ? 33  MET A C   1 
ATOM   204 O O   . MET A 1 53  ? 1.470   4.093   -14.435 1.00 79.60  ? 33  MET A O   1 
ATOM   205 C CB  . MET A 1 53  ? 1.309   6.735   -12.714 1.00 99.16  ? 33  MET A CB  1 
ATOM   206 C CG  . MET A 1 53  ? 0.516   7.598   -11.736 1.00 106.25 ? 33  MET A CG  1 
ATOM   207 S SD  . MET A 1 53  ? 0.428   9.379   -12.109 1.00 118.14 ? 33  MET A SD  1 
ATOM   208 C CE  . MET A 1 53  ? 2.143   9.919   -12.103 1.00 108.70 ? 33  MET A CE  1 
ATOM   209 N N   . PRO A 1 54  ? -0.648  4.221   -13.654 1.00 87.77  ? 34  PRO A N   1 
ATOM   210 C CA  . PRO A 1 54  ? -1.231  3.363   -14.710 1.00 86.92  ? 34  PRO A CA  1 
ATOM   211 C C   . PRO A 1 54  ? -1.703  4.173   -15.908 1.00 90.88  ? 34  PRO A C   1 
ATOM   212 O O   . PRO A 1 54  ? -1.750  5.399   -15.816 1.00 94.13  ? 34  PRO A O   1 
ATOM   213 C CB  . PRO A 1 54  ? -2.411  2.724   -14.004 1.00 87.86  ? 34  PRO A CB  1 
ATOM   214 C CG  . PRO A 1 54  ? -2.886  3.813   -13.082 1.00 92.85  ? 34  PRO A CG  1 
ATOM   215 C CD  . PRO A 1 54  ? -1.699  4.689   -12.726 1.00 89.72  ? 34  PRO A CD  1 
ATOM   216 N N   . GLU A 1 55  ? -1.980  3.556   -17.050 1.00 98.00  ? 35  GLU A N   1 
ATOM   217 C CA  . GLU A 1 55  ? -2.161  4.364   -18.261 1.00 111.28 ? 35  GLU A CA  1 
ATOM   218 C C   . GLU A 1 55  ? -3.457  4.176   -19.048 1.00 110.66 ? 35  GLU A C   1 
ATOM   219 O O   . GLU A 1 55  ? -3.605  3.201   -19.785 1.00 93.95  ? 35  GLU A O   1 
ATOM   220 C CB  . GLU A 1 55  ? -0.964  4.176   -19.199 1.00 112.54 ? 35  GLU A CB  1 
ATOM   221 C CG  . GLU A 1 55  ? -0.462  5.464   -19.831 1.00 116.51 ? 35  GLU A CG  1 
ATOM   222 C CD  . GLU A 1 55  ? -1.315  5.908   -21.004 1.00 132.68 ? 35  GLU A CD  1 
ATOM   223 O OE1 . GLU A 1 55  ? -1.429  7.130   -21.230 1.00 135.32 ? 35  GLU A OE1 1 
ATOM   224 O OE2 . GLU A 1 55  ? -1.872  5.032   -21.700 1.00 135.58 ? 35  GLU A OE2 1 
ATOM   225 N N   . ALA A 1 56  ? -4.372  5.139   -18.939 1.00 119.31 ? 36  ALA A N   1 
ATOM   226 C CA  . ALA A 1 56  ? -4.285  6.236   -17.936 1.00 121.61 ? 36  ALA A CA  1 
ATOM   227 C C   . ALA A 1 56  ? -5.696  6.690   -17.545 1.00 125.25 ? 36  ALA A C   1 
ATOM   228 O O   . ALA A 1 56  ? -6.667  6.508   -18.299 1.00 123.08 ? 36  ALA A O   1 
ATOM   229 C CB  . ALA A 1 56  ? -3.482  7.430   -18.463 1.00 113.28 ? 36  ALA A CB  1 
ATOM   230 N N   . SER A 1 60  ? -10.934 2.450   -19.326 1.00 140.05 ? 40  SER A N   1 
ATOM   231 C CA  . SER A 1 60  ? -9.971  3.143   -20.188 1.00 144.81 ? 40  SER A CA  1 
ATOM   232 C C   . SER A 1 60  ? -8.539  3.171   -19.592 1.00 152.14 ? 40  SER A C   1 
ATOM   233 O O   . SER A 1 60  ? -7.781  4.127   -19.808 1.00 147.91 ? 40  SER A O   1 
ATOM   234 C CB  . SER A 1 60  ? -10.471 4.565   -20.476 1.00 140.60 ? 40  SER A CB  1 
ATOM   235 O OG  . SER A 1 60  ? -11.846 4.556   -20.839 1.00 134.20 ? 40  SER A OG  1 
ATOM   236 N N   . THR A 1 61  ? -8.191  2.110   -18.852 1.00 153.19 ? 41  THR A N   1 
ATOM   237 C CA  . THR A 1 61  ? -6.868  1.918   -18.214 1.00 145.77 ? 41  THR A CA  1 
ATOM   238 C C   . THR A 1 61  ? -6.672  0.382   -18.087 1.00 143.59 ? 41  THR A C   1 
ATOM   239 O O   . THR A 1 61  ? -7.546  -0.390  -18.525 1.00 131.72 ? 41  THR A O   1 
ATOM   240 C CB  . THR A 1 61  ? -6.790  2.638   -16.820 1.00 135.11 ? 41  THR A CB  1 
ATOM   241 O OG1 . THR A 1 61  ? -7.294  3.976   -16.930 1.00 129.23 ? 41  THR A OG1 1 
ATOM   242 C CG2 . THR A 1 61  ? -5.356  2.720   -16.245 1.00 121.16 ? 41  THR A CG2 1 
ATOM   243 N N   . ALA A 1 62  ? -5.536  -0.062  -17.533 1.00 139.96 ? 42  ALA A N   1 
ATOM   244 C CA  . ALA A 1 62  ? -5.422  -1.424  -16.988 1.00 134.30 ? 42  ALA A CA  1 
ATOM   245 C C   . ALA A 1 62  ? -6.487  -1.662  -15.903 1.00 144.17 ? 42  ALA A C   1 
ATOM   246 O O   . ALA A 1 62  ? -6.855  -2.814  -15.663 1.00 141.70 ? 42  ALA A O   1 
ATOM   247 C CB  . ALA A 1 62  ? -4.025  -1.674  -16.430 1.00 127.48 ? 42  ALA A CB  1 
ATOM   248 N N   . ASN A 1 63  ? -6.931  -0.559  -15.262 1.00 150.49 ? 43  ASN A N   1 
ATOM   249 C CA  . ASN A 1 63  ? -8.039  -0.448  -14.261 1.00 139.68 ? 43  ASN A CA  1 
ATOM   250 C C   . ASN A 1 63  ? -7.456  -0.700  -12.855 1.00 128.15 ? 43  ASN A C   1 
ATOM   251 O O   . ASN A 1 63  ? -8.164  -1.090  -11.913 1.00 122.22 ? 43  ASN A O   1 
ATOM   252 C CB  . ASN A 1 63  ? -9.240  -1.375  -14.596 1.00 129.14 ? 43  ASN A CB  1 
ATOM   253 C CG  . ASN A 1 63  ? -10.537 -0.967  -13.896 1.00 117.90 ? 43  ASN A CG  1 
ATOM   254 O OD1 . ASN A 1 63  ? -10.538 -0.208  -12.923 1.00 110.15 ? 43  ASN A OD1 1 
ATOM   255 N ND2 . ASN A 1 63  ? -11.654 -1.492  -14.387 1.00 109.41 ? 43  ASN A ND2 1 
ATOM   256 N N   . LYS A 1 64  ? -6.159  -0.414  -12.727 1.00 108.09 ? 44  LYS A N   1 
ATOM   257 C CA  . LYS A 1 64  ? -5.298  -1.120  -11.796 1.00 97.45  ? 44  LYS A CA  1 
ATOM   258 C C   . LYS A 1 64  ? -4.002  -0.357  -11.590 1.00 96.58  ? 44  LYS A C   1 
ATOM   259 O O   . LYS A 1 64  ? -3.269  -0.099  -12.554 1.00 107.73 ? 44  LYS A O   1 
ATOM   260 C CB  . LYS A 1 64  ? -4.942  -2.502  -12.352 1.00 92.37  ? 44  LYS A CB  1 
ATOM   261 C CG  . LYS A 1 64  ? -5.976  -3.585  -12.123 1.00 92.93  ? 44  LYS A CG  1 
ATOM   262 C CD  . LYS A 1 64  ? -5.448  -4.922  -12.638 1.00 96.17  ? 44  LYS A CD  1 
ATOM   263 C CE  . LYS A 1 64  ? -6.534  -5.982  -12.691 1.00 98.47  ? 44  LYS A CE  1 
ATOM   264 N NZ  . LYS A 1 64  ? -7.298  -6.067  -11.414 1.00 101.67 ? 44  LYS A NZ  1 
ATOM   265 N N   . TYR A 1 65  ? -3.709  -0.048  -10.330 1.00 84.64  ? 45  TYR A N   1 
ATOM   266 C CA  . TYR A 1 65  ? -2.463  0.594   -9.948  1.00 74.13  ? 45  TYR A CA  1 
ATOM   267 C C   . TYR A 1 65  ? -1.493  -0.477  -9.479  1.00 63.40  ? 45  TYR A C   1 
ATOM   268 O O   . TYR A 1 65  ? -1.894  -1.372  -8.730  1.00 57.77  ? 45  TYR A O   1 
ATOM   269 C CB  . TYR A 1 65  ? -2.715  1.543   -8.791  1.00 76.87  ? 45  TYR A CB  1 
ATOM   270 C CG  . TYR A 1 65  ? -3.735  2.616   -9.045  1.00 80.51  ? 45  TYR A CG  1 
ATOM   271 C CD1 . TYR A 1 65  ? -5.095  2.376   -8.851  1.00 86.93  ? 45  TYR A CD1 1 
ATOM   272 C CD2 . TYR A 1 65  ? -3.338  3.892   -9.447  1.00 90.45  ? 45  TYR A CD2 1 
ATOM   273 C CE1 . TYR A 1 65  ? -6.040  3.373   -9.075  1.00 94.71  ? 45  TYR A CE1 1 
ATOM   274 C CE2 . TYR A 1 65  ? -4.268  4.904   -9.667  1.00 97.43  ? 45  TYR A CE2 1 
ATOM   275 C CZ  . TYR A 1 65  ? -5.621  4.648   -9.477  1.00 96.06  ? 45  TYR A CZ  1 
ATOM   276 O OH  . TYR A 1 65  ? -6.543  5.657   -9.689  1.00 87.61  ? 45  TYR A OH  1 
ATOM   277 N N   . GLN A 1 66  ? -0.229  -0.388  -9.893  1.00 57.54  ? 46  GLN A N   1 
ATOM   278 C CA  . GLN A 1 66  ? 0.819   -1.243  -9.302  1.00 54.98  ? 46  GLN A CA  1 
ATOM   279 C C   . GLN A 1 66  ? 1.245   -0.713  -7.910  1.00 50.66  ? 46  GLN A C   1 
ATOM   280 O O   . GLN A 1 66  ? 1.480   0.473   -7.712  1.00 50.88  ? 46  GLN A O   1 
ATOM   281 C CB  . GLN A 1 66  ? 2.045   -1.390  -10.208 1.00 54.55  ? 46  GLN A CB  1 
ATOM   282 C CG  . GLN A 1 66  ? 3.210   -2.050  -9.491  1.00 57.68  ? 46  GLN A CG  1 
ATOM   283 C CD  . GLN A 1 66  ? 4.130   -2.818  -10.386 1.00 61.72  ? 46  GLN A CD  1 
ATOM   284 O OE1 . GLN A 1 66  ? 3.680   -3.648  -11.169 1.00 69.99  ? 46  GLN A OE1 1 
ATOM   285 N NE2 . GLN A 1 66  ? 5.441   -2.588  -10.243 1.00 61.15  ? 46  GLN A NE2 1 
ATOM   286 N N   . VAL A 1 67  ? 1.385   -1.631  -6.972  1.00 45.21  ? 47  VAL A N   1 
ATOM   287 C CA  . VAL A 1 67  ? 1.497   -1.317  -5.579  1.00 43.07  ? 47  VAL A CA  1 
ATOM   288 C C   . VAL A 1 67  ? 2.709   -2.021  -4.986  1.00 46.45  ? 47  VAL A C   1 
ATOM   289 O O   . VAL A 1 67  ? 3.033   -3.151  -5.356  1.00 47.59  ? 47  VAL A O   1 
ATOM   290 C CB  . VAL A 1 67  ? 0.213   -1.786  -4.901  1.00 42.90  ? 47  VAL A CB  1 
ATOM   291 C CG1 . VAL A 1 67  ? 0.390   -2.068  -3.421  1.00 44.41  ? 47  VAL A CG1 1 
ATOM   292 C CG2 . VAL A 1 67  ? -0.872  -0.762  -5.132  1.00 43.88  ? 47  VAL A CG2 1 
ATOM   293 N N   . PHE A 1 68  ? 3.368   -1.346  -4.055  1.00 45.39  ? 48  PHE A N   1 
ATOM   294 C CA  . PHE A 1 68  ? 4.501   -1.909  -3.398  1.00 44.96  ? 48  PHE A CA  1 
ATOM   295 C C   . PHE A 1 68  ? 4.226   -1.943  -1.934  1.00 47.28  ? 48  PHE A C   1 
ATOM   296 O O   . PHE A 1 68  ? 4.086   -0.889  -1.285  1.00 48.92  ? 48  PHE A O   1 
ATOM   297 C CB  . PHE A 1 68  ? 5.698   -1.049  -3.642  1.00 45.56  ? 48  PHE A CB  1 
ATOM   298 C CG  . PHE A 1 68  ? 6.928   -1.486  -2.888  1.00 43.66  ? 48  PHE A CG  1 
ATOM   299 C CD1 . PHE A 1 68  ? 7.798   -2.398  -3.458  1.00 41.94  ? 48  PHE A CD1 1 
ATOM   300 C CD2 . PHE A 1 68  ? 7.215   -0.968  -1.621  1.00 40.55  ? 48  PHE A CD2 1 
ATOM   301 C CE1 . PHE A 1 68  ? 8.935   -2.780  -2.801  1.00 42.28  ? 48  PHE A CE1 1 
ATOM   302 C CE2 . PHE A 1 68  ? 8.362   -1.327  -0.967  1.00 40.84  ? 48  PHE A CE2 1 
ATOM   303 C CZ  . PHE A 1 68  ? 9.229   -2.235  -1.562  1.00 43.27  ? 48  PHE A CZ  1 
ATOM   304 N N   . PHE A 1 69  ? 4.207   -3.160  -1.415  1.00 46.61  ? 49  PHE A N   1 
ATOM   305 C CA  . PHE A 1 69  ? 3.893   -3.391  -0.027  1.00 45.24  ? 49  PHE A CA  1 
ATOM   306 C C   . PHE A 1 69  ? 5.108   -3.241  0.861   1.00 42.14  ? 49  PHE A C   1 
ATOM   307 O O   . PHE A 1 69  ? 6.108   -3.937  0.675   1.00 40.86  ? 49  PHE A O   1 
ATOM   308 C CB  . PHE A 1 69  ? 3.352   -4.793  0.133   1.00 47.24  ? 49  PHE A CB  1 
ATOM   309 C CG  . PHE A 1 69  ? 2.027   -4.988  -0.498  1.00 46.01  ? 49  PHE A CG  1 
ATOM   310 C CD1 . PHE A 1 69  ? 0.872   -4.644  0.188   1.00 45.12  ? 49  PHE A CD1 1 
ATOM   311 C CD2 . PHE A 1 69  ? 1.931   -5.505  -1.765  1.00 45.95  ? 49  PHE A CD2 1 
ATOM   312 C CE1 . PHE A 1 69  ? -0.371  -4.828  -0.377  1.00 43.89  ? 49  PHE A CE1 1 
ATOM   313 C CE2 . PHE A 1 69  ? 0.693   -5.680  -2.342  1.00 47.82  ? 49  PHE A CE2 1 
ATOM   314 C CZ  . PHE A 1 69  ? -0.462  -5.344  -1.649  1.00 45.32  ? 49  PHE A CZ  1 
ATOM   315 N N   . PHE A 1 70  ? 4.992   -2.386  1.869   1.00 39.30  ? 50  PHE A N   1 
ATOM   316 C CA  . PHE A 1 70  ? 6.090   -2.147  2.773   1.00 37.81  ? 50  PHE A CA  1 
ATOM   317 C C   . PHE A 1 70  ? 6.326   -3.300  3.713   1.00 39.89  ? 50  PHE A C   1 
ATOM   318 O O   . PHE A 1 70  ? 5.416   -4.085  4.010   1.00 41.29  ? 50  PHE A O   1 
ATOM   319 C CB  . PHE A 1 70  ? 5.824   -0.933  3.592   1.00 37.44  ? 50  PHE A CB  1 
ATOM   320 C CG  . PHE A 1 70  ? 5.870   0.332   2.823   1.00 40.34  ? 50  PHE A CG  1 
ATOM   321 C CD1 . PHE A 1 70  ? 7.090   0.924   2.509   1.00 40.20  ? 50  PHE A CD1 1 
ATOM   322 C CD2 . PHE A 1 70  ? 4.689   0.973   2.451   1.00 43.30  ? 50  PHE A CD2 1 
ATOM   323 C CE1 . PHE A 1 70  ? 7.127   2.122   1.819   1.00 43.55  ? 50  PHE A CE1 1 
ATOM   324 C CE2 . PHE A 1 70  ? 4.716   2.170   1.756   1.00 44.68  ? 50  PHE A CE2 1 
ATOM   325 C CZ  . PHE A 1 70  ? 5.937   2.754   1.447   1.00 44.49  ? 50  PHE A CZ  1 
ATOM   326 N N   . GLY A 1 71  ? 7.571   -3.402  4.171   1.00 41.86  ? 51  GLY A N   1 
ATOM   327 C CA  . GLY A 1 71  ? 7.998   -4.441  5.101   1.00 42.30  ? 51  GLY A CA  1 
ATOM   328 C C   . GLY A 1 71  ? 8.257   -5.758  4.390   1.00 42.25  ? 51  GLY A C   1 
ATOM   329 O O   . GLY A 1 71  ? 9.332   -6.316  4.475   1.00 42.68  ? 51  GLY A O   1 
ATOM   330 N N   . THR A 1 72  ? 7.272   -6.262  3.682   1.00 42.36  ? 52  THR A N   1 
ATOM   331 C CA  . THR A 1 72  ? 7.453   -7.472  2.915   1.00 46.92  ? 52  THR A CA  1 
ATOM   332 C C   . THR A 1 72  ? 8.048   -7.216  1.510   1.00 50.75  ? 52  THR A C   1 
ATOM   333 O O   . THR A 1 72  ? 8.595   -8.147  0.848   1.00 43.84  ? 52  THR A O   1 
ATOM   334 C CB  . THR A 1 72  ? 6.095   -8.111  2.757   1.00 49.39  ? 52  THR A CB  1 
ATOM   335 O OG1 . THR A 1 72  ? 5.221   -7.142  2.178   1.00 54.75  ? 52  THR A OG1 1 
ATOM   336 C CG2 . THR A 1 72  ? 5.545   -8.507  4.107   1.00 50.41  ? 52  THR A CG2 1 
ATOM   337 N N   . HIS A 1 73  ? 7.931   -5.958  1.058   1.00 51.20  ? 53  HIS A N   1 
ATOM   338 C CA  . HIS A 1 73  ? 8.403   -5.559  -0.256  1.00 53.46  ? 53  HIS A CA  1 
ATOM   339 C C   . HIS A 1 73  ? 7.847   -6.444  -1.367  1.00 51.30  ? 53  HIS A C   1 
ATOM   340 O O   . HIS A 1 73  ? 8.553   -6.772  -2.313  1.00 47.16  ? 53  HIS A O   1 
ATOM   341 C CB  . HIS A 1 73  ? 9.928   -5.572  -0.327  1.00 58.64  ? 53  HIS A CB  1 
ATOM   342 C CG  . HIS A 1 73  ? 10.599  -4.664  0.645   1.00 60.41  ? 53  HIS A CG  1 
ATOM   343 N ND1 . HIS A 1 73  ? 11.860  -4.927  1.136   1.00 65.64  ? 53  HIS A ND1 1 
ATOM   344 C CD2 . HIS A 1 73  ? 10.198  -3.509  1.219   1.00 60.01  ? 53  HIS A CD2 1 
ATOM   345 C CE1 . HIS A 1 73  ? 12.206  -3.970  1.976   1.00 70.78  ? 53  HIS A CE1 1 
ATOM   346 N NE2 . HIS A 1 73  ? 11.218  -3.091  2.038   1.00 67.44  ? 53  HIS A NE2 1 
ATOM   347 N N   . GLU A 1 74  ? 6.586   -6.831  -1.245  1.00 52.31  ? 54  GLU A N   1 
ATOM   348 C CA  . GLU A 1 74  ? 5.926   -7.548  -2.312  1.00 55.99  ? 54  GLU A CA  1 
ATOM   349 C C   . GLU A 1 74  ? 5.402   -6.457  -3.246  1.00 53.46  ? 54  GLU A C   1 
ATOM   350 O O   . GLU A 1 74  ? 5.421   -5.271  -2.876  1.00 51.52  ? 54  GLU A O   1 
ATOM   351 C CB  . GLU A 1 74  ? 4.783   -8.396  -1.760  1.00 64.47  ? 54  GLU A CB  1 
ATOM   352 C CG  . GLU A 1 74  ? 5.108   -9.313  -0.573  1.00 69.14  ? 54  GLU A CG  1 
ATOM   353 C CD  . GLU A 1 74  ? 3.849   -9.667  0.259   1.00 84.38  ? 54  GLU A CD  1 
ATOM   354 O OE1 . GLU A 1 74  ? 3.230   -8.772  0.903   1.00 90.78  ? 54  GLU A OE1 1 
ATOM   355 O OE2 . GLU A 1 74  ? 3.452   -10.857 0.280   1.00 88.61  ? 54  GLU A OE2 1 
ATOM   356 N N   . THR A 1 75  ? 4.984   -6.841  -4.455  1.00 52.20  ? 55  THR A N   1 
ATOM   357 C CA  . THR A 1 75  ? 4.171   -5.962  -5.322  1.00 56.09  ? 55  THR A CA  1 
ATOM   358 C C   . THR A 1 75  ? 2.938   -6.671  -5.842  1.00 55.17  ? 55  THR A C   1 
ATOM   359 O O   . THR A 1 75  ? 2.844   -7.902  -5.811  1.00 56.46  ? 55  THR A O   1 
ATOM   360 C CB  . THR A 1 75  ? 4.916   -5.376  -6.566  1.00 62.77  ? 55  THR A CB  1 
ATOM   361 O OG1 . THR A 1 75  ? 5.351   -6.429  -7.443  1.00 63.46  ? 55  THR A OG1 1 
ATOM   362 C CG2 . THR A 1 75  ? 6.107   -4.462  -6.167  1.00 64.16  ? 55  THR A CG2 1 
ATOM   363 N N   . ALA A 1 76  ? 1.990   -5.873  -6.327  1.00 55.86  ? 56  ALA A N   1 
ATOM   364 C CA  . ALA A 1 76  ? 0.716   -6.384  -6.851  1.00 57.07  ? 56  ALA A CA  1 
ATOM   365 C C   . ALA A 1 76  ? -0.068  -5.307  -7.587  1.00 59.28  ? 56  ALA A C   1 
ATOM   366 O O   . ALA A 1 76  ? 0.210   -4.113  -7.437  1.00 62.64  ? 56  ALA A O   1 
ATOM   367 C CB  . ALA A 1 76  ? -0.143  -6.932  -5.720  1.00 56.59  ? 56  ALA A CB  1 
ATOM   368 N N   . PHE A 1 77  ? -1.060  -5.733  -8.365  1.00 59.48  ? 57  PHE A N   1 
ATOM   369 C CA  . PHE A 1 77  ? -2.009  -4.800  -8.970  1.00 59.77  ? 57  PHE A CA  1 
ATOM   370 C C   . PHE A 1 77  ? -3.322  -4.866  -8.253  1.00 61.07  ? 57  PHE A C   1 
ATOM   371 O O   . PHE A 1 77  ? -3.710  -5.917  -7.767  1.00 65.82  ? 57  PHE A O   1 
ATOM   372 C CB  . PHE A 1 77  ? -2.218  -5.123  -10.424 1.00 56.82  ? 57  PHE A CB  1 
ATOM   373 C CG  . PHE A 1 77  ? -0.986  -4.947  -11.246 1.00 59.29  ? 57  PHE A CG  1 
ATOM   374 C CD1 . PHE A 1 77  ? -0.643  -3.704  -11.732 1.00 60.49  ? 57  PHE A CD1 1 
ATOM   375 C CD2 . PHE A 1 77  ? -0.154  -6.018  -11.514 1.00 60.99  ? 57  PHE A CD2 1 
ATOM   376 C CE1 . PHE A 1 77  ? 0.496   -3.534  -12.490 1.00 61.49  ? 57  PHE A CE1 1 
ATOM   377 C CE2 . PHE A 1 77  ? 0.983   -5.848  -12.268 1.00 61.96  ? 57  PHE A CE2 1 
ATOM   378 C CZ  . PHE A 1 77  ? 1.305   -4.606  -12.763 1.00 60.49  ? 57  PHE A CZ  1 
ATOM   379 N N   . LEU A 1 78  ? -4.014  -3.744  -8.195  1.00 63.44  ? 58  LEU A N   1 
ATOM   380 C CA  . LEU A 1 78  ? -5.267  -3.691  -7.490  1.00 69.10  ? 58  LEU A CA  1 
ATOM   381 C C   . LEU A 1 78  ? -6.143  -2.550  -7.960  1.00 73.86  ? 58  LEU A C   1 
ATOM   382 O O   . LEU A 1 78  ? -5.654  -1.489  -8.379  1.00 65.71  ? 58  LEU A O   1 
ATOM   383 C CB  . LEU A 1 78  ? -5.009  -3.470  -6.004  1.00 74.96  ? 58  LEU A CB  1 
ATOM   384 C CG  . LEU A 1 78  ? -4.301  -4.476  -5.097  1.00 75.32  ? 58  LEU A CG  1 
ATOM   385 C CD1 . LEU A 1 78  ? -4.117  -3.796  -3.744  1.00 72.39  ? 58  LEU A CD1 1 
ATOM   386 C CD2 . LEU A 1 78  ? -5.050  -5.810  -4.954  1.00 76.81  ? 58  LEU A CD2 1 
ATOM   387 N N   . GLY A 1 79  ? -7.446  -2.763  -7.811  1.00 85.80  ? 59  GLY A N   1 
ATOM   388 C CA  . GLY A 1 79  ? -8.435  -1.731  -8.070  1.00 96.41  ? 59  GLY A CA  1 
ATOM   389 C C   . GLY A 1 79  ? -8.446  -0.689  -6.965  1.00 102.39 ? 59  GLY A C   1 
ATOM   390 O O   . GLY A 1 79  ? -7.990  -0.957  -5.833  1.00 98.45  ? 59  GLY A O   1 
ATOM   391 N N   . PRO A 1 80  ? -8.973  0.509   -7.272  1.00 102.22 ? 60  PRO A N   1 
ATOM   392 C CA  . PRO A 1 80  ? -9.135  1.529   -6.234  1.00 97.63  ? 60  PRO A CA  1 
ATOM   393 C C   . PRO A 1 80  ? -10.101 1.085   -5.145  1.00 88.22  ? 60  PRO A C   1 
ATOM   394 O O   . PRO A 1 80  ? -10.048 1.596   -4.022  1.00 87.81  ? 60  PRO A O   1 
ATOM   395 C CB  . PRO A 1 80  ? -9.668  2.745   -6.998  1.00 102.81 ? 60  PRO A CB  1 
ATOM   396 C CG  . PRO A 1 80  ? -10.272 2.184   -8.237  1.00 105.64 ? 60  PRO A CG  1 
ATOM   397 C CD  . PRO A 1 80  ? -9.476  0.964   -8.580  1.00 102.54 ? 60  PRO A CD  1 
ATOM   398 N N   . LYS A 1 81  ? -10.980 0.151   -5.505  1.00 86.14  ? 61  LYS A N   1 
ATOM   399 C CA  . LYS A 1 81  ? -11.761 -0.629  -4.556  1.00 92.13  ? 61  LYS A CA  1 
ATOM   400 C C   . LYS A 1 81  ? -10.938 -0.966  -3.310  1.00 95.10  ? 61  LYS A C   1 
ATOM   401 O O   . LYS A 1 81  ? -11.325 -0.645  -2.176  1.00 93.56  ? 61  LYS A O   1 
ATOM   402 C CB  . LYS A 1 81  ? -12.235 -1.923  -5.247  1.00 97.68  ? 61  LYS A CB  1 
ATOM   403 C CG  . LYS A 1 81  ? -13.159 -2.806  -4.410  1.00 103.89 ? 61  LYS A CG  1 
ATOM   404 C CD  . LYS A 1 81  ? -13.400 -4.174  -5.055  1.00 108.58 ? 61  LYS A CD  1 
ATOM   405 C CE  . LYS A 1 81  ? -13.868 -5.191  -4.012  1.00 112.68 ? 61  LYS A CE  1 
ATOM   406 N NZ  . LYS A 1 81  ? -14.165 -6.540  -4.572  1.00 113.57 ? 61  LYS A NZ  1 
ATOM   407 N N   . ASP A 1 82  ? -9.776  -1.566  -3.558  1.00 97.02  ? 62  ASP A N   1 
ATOM   408 C CA  . ASP A 1 82  ? -8.970  -2.215  -2.523  1.00 93.07  ? 62  ASP A CA  1 
ATOM   409 C C   . ASP A 1 82  ? -7.981  -1.212  -1.987  1.00 84.22  ? 62  ASP A C   1 
ATOM   410 O O   . ASP A 1 82  ? -7.158  -1.552  -1.122  1.00 78.64  ? 62  ASP A O   1 
ATOM   411 C CB  . ASP A 1 82  ? -8.254  -3.419  -3.123  1.00 95.32  ? 62  ASP A CB  1 
ATOM   412 C CG  . ASP A 1 82  ? -9.201  -4.503  -3.520  1.00 101.17 ? 62  ASP A CG  1 
ATOM   413 O OD1 . ASP A 1 82  ? -10.161 -4.757  -2.743  1.00 97.54  ? 62  ASP A OD1 1 
ATOM   414 O OD2 . ASP A 1 82  ? -8.976  -5.102  -4.601  1.00 112.71 ? 62  ASP A OD2 1 
ATOM   415 N N   . LEU A 1 83  ? -8.086  0.037   -2.432  1.00 73.68  ? 63  LEU A N   1 
ATOM   416 C CA  . LEU A 1 83  ? -7.212  1.102   -1.938  1.00 72.69  ? 63  LEU A CA  1 
ATOM   417 C C   . LEU A 1 83  ? -7.835  1.902   -0.786  1.00 68.79  ? 63  LEU A C   1 
ATOM   418 O O   . LEU A 1 83  ? -9.037  1.819   -0.537  1.00 66.54  ? 63  LEU A O   1 
ATOM   419 C CB  . LEU A 1 83  ? -6.823  2.046   -3.079  1.00 72.54  ? 63  LEU A CB  1 
ATOM   420 C CG  . LEU A 1 83  ? -5.467  1.788   -3.739  1.00 73.78  ? 63  LEU A CG  1 
ATOM   421 C CD1 . LEU A 1 83  ? -5.272  0.304   -4.007  1.00 80.73  ? 63  LEU A CD1 1 
ATOM   422 C CD2 . LEU A 1 83  ? -5.333  2.591   -5.023  1.00 73.99  ? 63  LEU A CD2 1 
ATOM   423 N N   . PHE A 1 84  ? -7.000  2.675   -0.095  1.00 63.58  ? 64  PHE A N   1 
ATOM   424 C CA  . PHE A 1 84  ? -7.426  3.508   1.001   1.00 62.17  ? 64  PHE A CA  1 
ATOM   425 C C   . PHE A 1 84  ? -6.248  4.387   1.369   1.00 61.37  ? 64  PHE A C   1 
ATOM   426 O O   . PHE A 1 84  ? -5.217  3.861   1.768   1.00 58.59  ? 64  PHE A O   1 
ATOM   427 C CB  . PHE A 1 84  ? -7.919  2.783   2.251   1.00 63.63  ? 64  PHE A CB  1 
ATOM   428 C CG  . PHE A 1 84  ? -9.030  1.811   1.990   1.00 69.11  ? 64  PHE A CG  1 
ATOM   429 C CD1 . PHE A 1 84  ? -10.335 2.256   1.825   1.00 78.09  ? 64  PHE A CD1 1 
ATOM   430 C CD2 . PHE A 1 84  ? -8.773  0.455   1.888   1.00 74.62  ? 64  PHE A CD2 1 
ATOM   431 C CE1 . PHE A 1 84  ? -11.366 1.366   1.568   1.00 85.86  ? 64  PHE A CE1 1 
ATOM   432 C CE2 . PHE A 1 84  ? -9.796  -0.448  1.640   1.00 80.28  ? 64  PHE A CE2 1 
ATOM   433 C CZ  . PHE A 1 84  ? -11.096 0.007   1.478   1.00 87.38  ? 64  PHE A CZ  1 
ATOM   434 N N   . PRO A 1 85  ? -6.374  5.720   1.232   1.00 63.69  ? 65  PRO A N   1 
ATOM   435 C CA  . PRO A 1 85  ? -5.182  6.545   1.482   1.00 65.27  ? 65  PRO A CA  1 
ATOM   436 C C   . PRO A 1 85  ? -4.674  6.444   2.892   1.00 63.31  ? 65  PRO A C   1 
ATOM   437 O O   . PRO A 1 85  ? -5.428  6.104   3.798   1.00 61.23  ? 65  PRO A O   1 
ATOM   438 C CB  . PRO A 1 85  ? -5.655  7.961   1.158   1.00 65.63  ? 65  PRO A CB  1 
ATOM   439 C CG  . PRO A 1 85  ? -6.764  7.745   0.186   1.00 65.46  ? 65  PRO A CG  1 
ATOM   440 C CD  . PRO A 1 85  ? -7.480  6.537   0.708   1.00 64.06  ? 65  PRO A CD  1 
ATOM   441 N N   . TYR A 1 86  ? -3.389  6.703   3.056   1.00 65.90  ? 66  TYR A N   1 
ATOM   442 C CA  . TYR A 1 86  ? -2.717  6.303   4.276   1.00 70.10  ? 66  TYR A CA  1 
ATOM   443 C C   . TYR A 1 86  ? -3.042  7.247   5.401   1.00 72.27  ? 66  TYR A C   1 
ATOM   444 O O   . TYR A 1 86  ? -3.566  6.821   6.420   1.00 72.47  ? 66  TYR A O   1 
ATOM   445 C CB  . TYR A 1 86  ? -1.214  6.190   4.078   1.00 68.83  ? 66  TYR A CB  1 
ATOM   446 C CG  . TYR A 1 86  ? -0.427  6.307   5.355   1.00 69.15  ? 66  TYR A CG  1 
ATOM   447 C CD1 . TYR A 1 86  ? -0.415  5.284   6.301   1.00 72.79  ? 66  TYR A CD1 1 
ATOM   448 C CD2 . TYR A 1 86  ? 0.303   7.444   5.621   1.00 73.77  ? 66  TYR A CD2 1 
ATOM   449 C CE1 . TYR A 1 86  ? 0.318   5.390   7.480   1.00 71.94  ? 66  TYR A CE1 1 
ATOM   450 C CE2 . TYR A 1 86  ? 1.040   7.567   6.787   1.00 80.17  ? 66  TYR A CE2 1 
ATOM   451 C CZ  . TYR A 1 86  ? 1.050   6.545   7.716   1.00 75.77  ? 66  TYR A CZ  1 
ATOM   452 O OH  . TYR A 1 86  ? 1.796   6.742   8.858   1.00 77.32  ? 66  TYR A OH  1 
ATOM   453 N N   . GLU A 1 87  ? -2.749  8.524   5.194   1.00 74.95  ? 67  GLU A N   1 
ATOM   454 C CA  . GLU A 1 87  ? -2.925  9.528   6.239   1.00 78.99  ? 67  GLU A CA  1 
ATOM   455 C C   . GLU A 1 87  ? -4.402  9.692   6.601   1.00 81.56  ? 67  GLU A C   1 
ATOM   456 O O   . GLU A 1 87  ? -4.767  9.762   7.779   1.00 75.14  ? 67  GLU A O   1 
ATOM   457 C CB  . GLU A 1 87  ? -2.353  10.870  5.790   1.00 83.96  ? 67  GLU A CB  1 
ATOM   458 C CG  . GLU A 1 87  ? -1.702  11.644  6.909   1.00 91.41  ? 67  GLU A CG  1 
ATOM   459 C CD  . GLU A 1 87  ? -0.392  11.021  7.345   1.00 98.37  ? 67  GLU A CD  1 
ATOM   460 O OE1 . GLU A 1 87  ? 0.631   11.208  6.629   1.00 100.51 ? 67  GLU A OE1 1 
ATOM   461 O OE2 . GLU A 1 87  ? -0.398  10.347  8.404   1.00 104.18 ? 67  GLU A OE2 1 
ATOM   462 N N   . GLU A 1 88  ? -5.244  9.724   5.577   1.00 83.36  ? 68  GLU A N   1 
ATOM   463 C CA  . GLU A 1 88  ? -6.681  9.865   5.773   1.00 90.93  ? 68  GLU A CA  1 
ATOM   464 C C   . GLU A 1 88  ? -7.328  8.671   6.549   1.00 84.34  ? 68  GLU A C   1 
ATOM   465 O O   . GLU A 1 88  ? -8.331  8.855   7.231   1.00 78.44  ? 68  GLU A O   1 
ATOM   466 C CB  . GLU A 1 88  ? -7.348  10.144  4.409   1.00 99.86  ? 68  GLU A CB  1 
ATOM   467 C CG  . GLU A 1 88  ? -8.858  10.376  4.429   1.00 108.31 ? 68  GLU A CG  1 
ATOM   468 C CD  . GLU A 1 88  ? -9.680  9.087   4.538   1.00 117.01 ? 68  GLU A CD  1 
ATOM   469 O OE1 . GLU A 1 88  ? -10.751 9.124   5.184   1.00 127.09 ? 68  GLU A OE1 1 
ATOM   470 O OE2 . GLU A 1 88  ? -9.253  8.030   4.011   1.00 115.26 ? 68  GLU A OE2 1 
ATOM   471 N N   . SER A 1 89  ? -6.768  7.469   6.453   1.00 82.53  ? 69  SER A N   1 
ATOM   472 C CA  . SER A 1 89  ? -7.246  6.330   7.249   1.00 86.46  ? 69  SER A CA  1 
ATOM   473 C C   . SER A 1 89  ? -6.066  5.686   7.969   1.00 87.91  ? 69  SER A C   1 
ATOM   474 O O   . SER A 1 89  ? -5.938  4.450   8.035   1.00 77.77  ? 69  SER A O   1 
ATOM   475 C CB  . SER A 1 89  ? -7.994  5.319   6.368   1.00 90.25  ? 69  SER A CB  1 
ATOM   476 O OG  . SER A 1 89  ? -7.154  4.771   5.366   1.00 91.51  ? 69  SER A OG  1 
ATOM   477 N N   . LYS A 1 90  ? -5.221  6.559   8.526   1.00 93.14  ? 70  LYS A N   1 
ATOM   478 C CA  . LYS A 1 90  ? -4.018  6.161   9.262   1.00 95.17  ? 70  LYS A CA  1 
ATOM   479 C C   . LYS A 1 90  ? -4.429  5.309   10.450  1.00 100.82 ? 70  LYS A C   1 
ATOM   480 O O   . LYS A 1 90  ? -4.172  4.109   10.467  1.00 94.20  ? 70  LYS A O   1 
ATOM   481 C CB  . LYS A 1 90  ? -3.214  7.400   9.713   1.00 89.99  ? 70  LYS A CB  1 
ATOM   482 C CG  . LYS A 1 90  ? -1.831  7.113   10.279  1.00 87.16  ? 70  LYS A CG  1 
ATOM   483 C CD  . LYS A 1 90  ? -1.207  8.348   10.920  1.00 93.14  ? 70  LYS A CD  1 
ATOM   484 C CE  . LYS A 1 90  ? -1.714  8.565   12.349  1.00 101.45 ? 70  LYS A CE  1 
ATOM   485 N NZ  . LYS A 1 90  ? -1.181  9.789   13.026  1.00 96.46  ? 70  LYS A NZ  1 
ATOM   486 N N   . GLU A 1 91  ? -5.135  5.919   11.399  1.00 111.85 ? 71  GLU A N   1 
ATOM   487 C CA  . GLU A 1 91  ? -5.412  5.277   12.683  1.00 111.36 ? 71  GLU A CA  1 
ATOM   488 C C   . GLU A 1 91  ? -6.562  4.262   12.644  1.00 99.37  ? 71  GLU A C   1 
ATOM   489 O O   . GLU A 1 91  ? -6.698  3.462   13.562  1.00 88.79  ? 71  GLU A O   1 
ATOM   490 C CB  . GLU A 1 91  ? -5.673  6.326   13.757  1.00 117.43 ? 71  GLU A CB  1 
ATOM   491 C CG  . GLU A 1 91  ? -5.243  5.861   15.137  1.00 125.22 ? 71  GLU A CG  1 
ATOM   492 C CD  . GLU A 1 91  ? -5.864  6.668   16.261  1.00 129.20 ? 71  GLU A CD  1 
ATOM   493 O OE1 . GLU A 1 91  ? -6.237  7.843   16.031  1.00 134.97 ? 71  GLU A OE1 1 
ATOM   494 O OE2 . GLU A 1 91  ? -5.969  6.118   17.380  1.00 113.67 ? 71  GLU A OE2 1 
ATOM   495 N N   . LYS A 1 92  ? -7.382  4.299   11.595  1.00 94.33  ? 72  LYS A N   1 
ATOM   496 C CA  . LYS A 1 92  ? -8.363  3.244   11.350  1.00 92.62  ? 72  LYS A CA  1 
ATOM   497 C C   . LYS A 1 92  ? -7.675  1.912   11.014  1.00 86.66  ? 72  LYS A C   1 
ATOM   498 O O   . LYS A 1 92  ? -8.165  0.864   11.407  1.00 78.76  ? 72  LYS A O   1 
ATOM   499 C CB  . LYS A 1 92  ? -9.320  3.643   10.218  1.00 98.28  ? 72  LYS A CB  1 
ATOM   500 C CG  . LYS A 1 92  ? -10.547 2.744   10.072  1.00 102.96 ? 72  LYS A CG  1 
ATOM   501 C CD  . LYS A 1 92  ? -11.127 2.802   8.661   1.00 109.86 ? 72  LYS A CD  1 
ATOM   502 C CE  . LYS A 1 92  ? -12.589 2.360   8.599   1.00 109.26 ? 72  LYS A CE  1 
ATOM   503 N NZ  . LYS A 1 92  ? -12.809 0.990   9.132   1.00 109.53 ? 72  LYS A NZ  1 
ATOM   504 N N   . PHE A 1 93  ? -6.552  1.959   10.291  1.00 87.14  ? 73  PHE A N   1 
ATOM   505 C CA  . PHE A 1 93  ? -5.803  0.746   9.895   1.00 88.53  ? 73  PHE A CA  1 
ATOM   506 C C   . PHE A 1 93  ? -4.366  0.597   10.458  1.00 88.99  ? 73  PHE A C   1 
ATOM   507 O O   . PHE A 1 93  ? -3.706  -0.439  10.229  1.00 82.91  ? 73  PHE A O   1 
ATOM   508 C CB  . PHE A 1 93  ? -5.746  0.682   8.373   1.00 83.34  ? 73  PHE A CB  1 
ATOM   509 C CG  . PHE A 1 93  ? -7.074  0.424   7.734   1.00 87.53  ? 73  PHE A CG  1 
ATOM   510 C CD1 . PHE A 1 93  ? -7.799  -0.722  8.045   1.00 85.83  ? 73  PHE A CD1 1 
ATOM   511 C CD2 . PHE A 1 93  ? -7.596  1.304   6.792   1.00 91.77  ? 73  PHE A CD2 1 
ATOM   512 C CE1 . PHE A 1 93  ? -9.027  -0.974  7.449   1.00 81.88  ? 73  PHE A CE1 1 
ATOM   513 C CE2 . PHE A 1 93  ? -8.819  1.047   6.182   1.00 89.53  ? 73  PHE A CE2 1 
ATOM   514 C CZ  . PHE A 1 93  ? -9.534  -0.096  6.513   1.00 83.97  ? 73  PHE A CZ  1 
ATOM   515 N N   . GLY A 1 94  ? -3.903  1.595   11.214  1.00 80.62  ? 74  GLY A N   1 
ATOM   516 C CA  . GLY A 1 94  ? -2.503  1.700   11.586  1.00 76.99  ? 74  GLY A CA  1 
ATOM   517 C C   . GLY A 1 94  ? -2.154  0.998   12.870  1.00 80.91  ? 74  GLY A C   1 
ATOM   518 O O   . GLY A 1 94  ? -1.159  1.367   13.499  1.00 85.67  ? 74  GLY A O   1 
ATOM   519 N N   . LYS A 1 95  ? -2.960  -0.004  13.255  1.00 80.11  ? 75  LYS A N   1 
ATOM   520 C CA  . LYS A 1 95  ? -2.759  -0.770  14.488  1.00 80.33  ? 75  LYS A CA  1 
ATOM   521 C C   . LYS A 1 95  ? -1.715  -1.810  14.213  1.00 71.96  ? 75  LYS A C   1 
ATOM   522 O O   . LYS A 1 95  ? -1.731  -2.387  13.144  1.00 62.18  ? 75  LYS A O   1 
ATOM   523 C CB  . LYS A 1 95  ? -4.031  -1.526  14.904  1.00 90.75  ? 75  LYS A CB  1 
ATOM   524 C CG  . LYS A 1 95  ? -5.255  -0.678  15.244  1.00 100.99 ? 75  LYS A CG  1 
ATOM   525 C CD  . LYS A 1 95  ? -4.984  0.351   16.347  1.00 102.09 ? 75  LYS A CD  1 
ATOM   526 C CE  . LYS A 1 95  ? -4.770  1.749   15.779  1.00 97.82  ? 75  LYS A CE  1 
ATOM   527 N NZ  . LYS A 1 95  ? -4.100  2.649   16.748  1.00 96.36  ? 75  LYS A NZ  1 
ATOM   528 N N   . PRO A 1 96  ? -0.810  -2.077  15.171  1.00 78.22  ? 76  PRO A N   1 
ATOM   529 C CA  . PRO A 1 96  ? 0.114   -3.211  14.941  1.00 79.88  ? 76  PRO A CA  1 
ATOM   530 C C   . PRO A 1 96  ? -0.602  -4.556  14.764  1.00 75.28  ? 76  PRO A C   1 
ATOM   531 O O   . PRO A 1 96  ? -1.837  -4.610  14.865  1.00 66.23  ? 76  PRO A O   1 
ATOM   532 C CB  . PRO A 1 96  ? 1.026   -3.167  16.162  1.00 82.62  ? 76  PRO A CB  1 
ATOM   533 C CG  . PRO A 1 96  ? 1.077   -1.701  16.498  1.00 82.40  ? 76  PRO A CG  1 
ATOM   534 C CD  . PRO A 1 96  ? -0.320  -1.188  16.245  1.00 79.01  ? 76  PRO A CD  1 
ATOM   535 N N   . ASN A 1 97  ? 0.140   -5.619  14.438  1.00 75.50  ? 77  ASN A N   1 
ATOM   536 C CA  . ASN A 1 97  ? -0.523  -6.739  13.756  1.00 78.86  ? 77  ASN A CA  1 
ATOM   537 C C   . ASN A 1 97  ? 0.000   -8.164  13.775  1.00 76.63  ? 77  ASN A C   1 
ATOM   538 O O   . ASN A 1 97  ? -0.728  -9.060  13.371  1.00 85.14  ? 77  ASN A O   1 
ATOM   539 C CB  . ASN A 1 97  ? -0.754  -6.363  12.293  1.00 80.34  ? 77  ASN A CB  1 
ATOM   540 C CG  . ASN A 1 97  ? -1.936  -7.084  11.697  1.00 82.81  ? 77  ASN A CG  1 
ATOM   541 O OD1 . ASN A 1 97  ? -3.094  -6.733  11.957  1.00 86.62  ? 77  ASN A OD1 1 
ATOM   542 N ND2 . ASN A 1 97  ? -1.656  -8.124  10.924  1.00 83.18  ? 77  ASN A ND2 1 
ATOM   543 N N   . LYS A 1 98  ? 1.216   -8.419  14.218  1.00 74.55  ? 78  LYS A N   1 
ATOM   544 C CA  . LYS A 1 98  ? 1.619   -9.812  14.481  1.00 80.58  ? 78  LYS A CA  1 
ATOM   545 C C   . LYS A 1 98  ? 1.787   -10.622 13.195  1.00 76.46  ? 78  LYS A C   1 
ATOM   546 O O   . LYS A 1 98  ? 1.873   -11.846 13.253  1.00 76.45  ? 78  LYS A O   1 
ATOM   547 C CB  . LYS A 1 98  ? 0.615   -10.567 15.409  1.00 87.20  ? 78  LYS A CB  1 
ATOM   548 C CG  . LYS A 1 98  ? 0.352   -10.001 16.814  1.00 92.11  ? 78  LYS A CG  1 
ATOM   549 C CD  . LYS A 1 98  ? 1.626   -9.917  17.639  1.00 92.05  ? 78  LYS A CD  1 
ATOM   550 C CE  . LYS A 1 98  ? 2.136   -11.296 18.027  1.00 95.55  ? 78  LYS A CE  1 
ATOM   551 N NZ  . LYS A 1 98  ? 3.282   -11.201 18.969  1.00 97.53  ? 78  LYS A NZ  1 
ATOM   552 N N   . ARG A 1 99  ? 1.834   -9.938  12.057  1.00 74.28  ? 79  ARG A N   1 
ATOM   553 C CA  . ARG A 1 99  ? 2.028   -10.600 10.773  1.00 72.16  ? 79  ARG A CA  1 
ATOM   554 C C   . ARG A 1 99  ? 3.462   -10.407 10.291  1.00 71.09  ? 79  ARG A C   1 
ATOM   555 O O   . ARG A 1 99  ? 4.101   -9.404  10.612  1.00 65.47  ? 79  ARG A O   1 
ATOM   556 C CB  . ARG A 1 99  ? 1.045   -10.057 9.734   1.00 72.64  ? 79  ARG A CB  1 
ATOM   557 C CG  . ARG A 1 99  ? -0.417  -10.294 10.080  1.00 74.69  ? 79  ARG A CG  1 
ATOM   558 C CD  . ARG A 1 99  ? -0.742  -11.779 10.114  1.00 72.84  ? 79  ARG A CD  1 
ATOM   559 N NE  . ARG A 1 99  ? -0.514  -12.419 8.821   1.00 72.71  ? 79  ARG A NE  1 
ATOM   560 C CZ  . ARG A 1 99  ? -1.379  -12.394 7.813   1.00 76.39  ? 79  ARG A CZ  1 
ATOM   561 N NH1 . ARG A 1 99  ? -2.536  -11.759 7.944   1.00 74.50  ? 79  ARG A NH1 1 
ATOM   562 N NH2 . ARG A 1 99  ? -1.088  -13.005 6.672   1.00 81.63  ? 79  ARG A NH2 1 
ATOM   563 N N   . LYS A 1 100 ? 3.966   -11.367 9.523   1.00 71.28  ? 80  LYS A N   1 
ATOM   564 C CA  . LYS A 1 100 ? 5.341   -11.296 9.031   1.00 69.85  ? 80  LYS A CA  1 
ATOM   565 C C   . LYS A 1 100 ? 5.538   -9.974  8.285   1.00 61.08  ? 80  LYS A C   1 
ATOM   566 O O   . LYS A 1 100 ? 4.930   -9.743  7.259   1.00 56.93  ? 80  LYS A O   1 
ATOM   567 C CB  . LYS A 1 100 ? 5.692   -12.503 8.159   1.00 74.42  ? 80  LYS A CB  1 
ATOM   568 C CG  . LYS A 1 100 ? 7.190   -12.762 8.018   1.00 79.98  ? 80  LYS A CG  1 
ATOM   569 C CD  . LYS A 1 100 ? 7.452   -14.012 7.173   1.00 90.98  ? 80  LYS A CD  1 
ATOM   570 C CE  . LYS A 1 100 ? 8.869   -14.052 6.607   1.00 94.51  ? 80  LYS A CE  1 
ATOM   571 N NZ  . LYS A 1 100 ? 9.924   -13.889 7.653   1.00 95.38  ? 80  LYS A NZ  1 
ATOM   572 N N   . GLY A 1 101 ? 6.314   -9.072  8.874   1.00 59.47  ? 81  GLY A N   1 
ATOM   573 C CA  . GLY A 1 101 ? 6.722   -7.856  8.199   1.00 59.13  ? 81  GLY A CA  1 
ATOM   574 C C   . GLY A 1 101 ? 5.691   -6.741  8.167   1.00 57.72  ? 81  GLY A C   1 
ATOM   575 O O   . GLY A 1 101 ? 5.764   -5.864  7.295   1.00 60.80  ? 81  GLY A O   1 
ATOM   576 N N   . PHE A 1 102 ? 4.739   -6.742  9.094   1.00 51.31  ? 82  PHE A N   1 
ATOM   577 C CA  . PHE A 1 102 ? 3.713   -5.714  9.068   1.00 48.67  ? 82  PHE A CA  1 
ATOM   578 C C   . PHE A 1 102 ? 4.228   -4.523  9.857   1.00 50.02  ? 82  PHE A C   1 
ATOM   579 O O   . PHE A 1 102 ? 4.412   -3.450  9.296   1.00 52.56  ? 82  PHE A O   1 
ATOM   580 C CB  . PHE A 1 102 ? 2.401   -6.257  9.613   1.00 48.55  ? 82  PHE A CB  1 
ATOM   581 C CG  . PHE A 1 102 ? 1.239   -5.307  9.510   1.00 45.05  ? 82  PHE A CG  1 
ATOM   582 C CD1 . PHE A 1 102 ? 1.061   -4.285  10.434  1.00 44.96  ? 82  PHE A CD1 1 
ATOM   583 C CD2 . PHE A 1 102 ? 0.297   -5.471  8.532   1.00 44.87  ? 82  PHE A CD2 1 
ATOM   584 C CE1 . PHE A 1 102 ? -0.027  -3.435  10.351  1.00 45.77  ? 82  PHE A CE1 1 
ATOM   585 C CE2 . PHE A 1 102 ? -0.797  -4.624  8.433   1.00 46.40  ? 82  PHE A CE2 1 
ATOM   586 C CZ  . PHE A 1 102 ? -0.966  -3.607  9.349   1.00 46.17  ? 82  PHE A CZ  1 
ATOM   587 N N   . SER A 1 103 ? 4.534   -4.709  11.135  1.00 52.02  ? 83  SER A N   1 
ATOM   588 C CA  . SER A 1 103 ? 4.971   -3.576  11.969  1.00 57.25  ? 83  SER A CA  1 
ATOM   589 C C   . SER A 1 103 ? 6.309   -2.976  11.526  1.00 52.74  ? 83  SER A C   1 
ATOM   590 O O   . SER A 1 103 ? 6.811   -2.027  12.148  1.00 53.62  ? 83  SER A O   1 
ATOM   591 C CB  . SER A 1 103 ? 5.027   -3.965  13.463  1.00 63.62  ? 83  SER A CB  1 
ATOM   592 O OG  . SER A 1 103 ? 6.084   -4.873  13.742  1.00 66.38  ? 83  SER A OG  1 
ATOM   593 N N   . GLU A 1 104 ? 6.887   -3.592  10.495  1.00 52.50  ? 84  GLU A N   1 
ATOM   594 C CA  . GLU A 1 104 ? 8.077   -3.134  9.788   1.00 54.28  ? 84  GLU A CA  1 
ATOM   595 C C   . GLU A 1 104 ? 7.636   -2.259  8.615   1.00 49.38  ? 84  GLU A C   1 
ATOM   596 O O   . GLU A 1 104 ? 8.180   -1.197  8.387   1.00 43.33  ? 84  GLU A O   1 
ATOM   597 C CB  . GLU A 1 104 ? 8.907   -4.345  9.323   1.00 56.28  ? 84  GLU A CB  1 
ATOM   598 C CG  . GLU A 1 104 ? 9.455   -5.226  10.470  1.00 63.28  ? 84  GLU A CG  1 
ATOM   599 C CD  . GLU A 1 104 ? 8.480   -6.285  11.064  1.00 69.94  ? 84  GLU A CD  1 
ATOM   600 O OE1 . GLU A 1 104 ? 7.273   -6.335  10.713  1.00 72.22  ? 84  GLU A OE1 1 
ATOM   601 O OE2 . GLU A 1 104 ? 8.920   -7.082  11.931  1.00 72.23  ? 84  GLU A OE2 1 
ATOM   602 N N   . GLY A 1 105 ? 6.616   -2.696  7.892   1.00 52.20  ? 85  GLY A N   1 
ATOM   603 C CA  . GLY A 1 105 ? 5.954   -1.853  6.907   1.00 52.32  ? 85  GLY A CA  1 
ATOM   604 C C   . GLY A 1 105 ? 5.439   -0.561  7.514   1.00 52.63  ? 85  GLY A C   1 
ATOM   605 O O   . GLY A 1 105 ? 5.709   0.548   7.003   1.00 46.65  ? 85  GLY A O   1 
ATOM   606 N N   . LEU A 1 106 ? 4.727   -0.719  8.631   1.00 56.08  ? 86  LEU A N   1 
ATOM   607 C CA  . LEU A 1 106 ? 4.218   0.413   9.405   1.00 52.58  ? 86  LEU A CA  1 
ATOM   608 C C   . LEU A 1 106 ? 5.343   1.319   9.737   1.00 46.92  ? 86  LEU A C   1 
ATOM   609 O O   . LEU A 1 106 ? 5.201   2.532   9.632   1.00 39.42  ? 86  LEU A O   1 
ATOM   610 C CB  . LEU A 1 106 ? 3.572   -0.018  10.711  1.00 56.24  ? 86  LEU A CB  1 
ATOM   611 C CG  . LEU A 1 106 ? 2.155   -0.598  10.673  1.00 63.26  ? 86  LEU A CG  1 
ATOM   612 C CD1 . LEU A 1 106 ? 1.806   -1.132  12.059  1.00 69.28  ? 86  LEU A CD1 1 
ATOM   613 C CD2 . LEU A 1 106 ? 1.122   0.421   10.210  1.00 62.47  ? 86  LEU A CD2 1 
ATOM   614 N N   . TRP A 1 107 ? 6.471   0.740   10.143  1.00 49.09  ? 87  TRP A N   1 
ATOM   615 C CA  . TRP A 1 107 ? 7.610   1.591   10.448  1.00 53.62  ? 87  TRP A CA  1 
ATOM   616 C C   . TRP A 1 107 ? 8.049   2.338   9.212   1.00 49.24  ? 87  TRP A C   1 
ATOM   617 O O   . TRP A 1 107 ? 8.198   3.512   9.289   1.00 42.90  ? 87  TRP A O   1 
ATOM   618 C CB  . TRP A 1 107 ? 8.804   0.893   11.116  1.00 58.06  ? 87  TRP A CB  1 
ATOM   619 C CG  . TRP A 1 107 ? 9.873   1.926   11.465  1.00 59.57  ? 87  TRP A CG  1 
ATOM   620 C CD1 . TRP A 1 107 ? 9.972   2.658   12.617  1.00 58.49  ? 87  TRP A CD1 1 
ATOM   621 C CD2 . TRP A 1 107 ? 10.917  2.390   10.610  1.00 54.77  ? 87  TRP A CD2 1 
ATOM   622 N NE1 . TRP A 1 107 ? 11.038  3.515   12.539  1.00 56.84  ? 87  TRP A NE1 1 
ATOM   623 C CE2 . TRP A 1 107 ? 11.630  3.373   11.313  1.00 55.25  ? 87  TRP A CE2 1 
ATOM   624 C CE3 . TRP A 1 107 ? 11.323  2.060   9.328   1.00 51.98  ? 87  TRP A CE3 1 
ATOM   625 C CZ2 . TRP A 1 107 ? 12.726  4.020   10.772  1.00 54.60  ? 87  TRP A CZ2 1 
ATOM   626 C CZ3 . TRP A 1 107 ? 12.416  2.701   8.799   1.00 53.52  ? 87  TRP A CZ3 1 
ATOM   627 C CH2 . TRP A 1 107 ? 13.104  3.670   9.516   1.00 52.39  ? 87  TRP A CH2 1 
ATOM   628 N N   . GLU A 1 108 ? 8.174   1.691   8.063   1.00 51.48  ? 88  GLU A N   1 
ATOM   629 C CA  . GLU A 1 108 ? 8.664   2.372   6.861   1.00 48.35  ? 88  GLU A CA  1 
ATOM   630 C C   . GLU A 1 108 ? 7.807   3.590   6.419   1.00 47.61  ? 88  GLU A C   1 
ATOM   631 O O   . GLU A 1 108 ? 7.633   3.812   5.268   1.00 47.81  ? 88  GLU A O   1 
ATOM   632 C CB  . GLU A 1 108 ? 8.844   1.340   5.728   1.00 47.98  ? 88  GLU A CB  1 
ATOM   633 C CG  . GLU A 1 108 ? 10.059  0.410   5.862   1.00 49.05  ? 88  GLU A CG  1 
ATOM   634 C CD  . GLU A 1 108 ? 10.025  -0.820  4.926   1.00 53.51  ? 88  GLU A CD  1 
ATOM   635 O OE1 . GLU A 1 108 ? 9.028   -0.993  4.202   1.00 59.83  ? 88  GLU A OE1 1 
ATOM   636 O OE2 . GLU A 1 108 ? 10.975  -1.657  4.904   1.00 51.85  ? 88  GLU A OE2 1 
ATOM   637 N N   . ILE A 1 109 ? 7.261   4.384   7.328   1.00 52.54  ? 89  ILE A N   1 
ATOM   638 C CA  . ILE A 1 109 ? 6.808   5.742   6.987   1.00 54.44  ? 89  ILE A CA  1 
ATOM   639 C C   . ILE A 1 109 ? 6.933   6.848   8.141   1.00 55.75  ? 89  ILE A C   1 
ATOM   640 O O   . ILE A 1 109 ? 5.927   7.128   8.830   1.00 46.80  ? 89  ILE A O   1 
ATOM   641 C CB  . ILE A 1 109 ? 5.330   5.740   6.438   1.00 50.83  ? 89  ILE A CB  1 
ATOM   642 C CG1 . ILE A 1 109 ? 5.089   5.007   5.101   1.00 46.24  ? 89  ILE A CG1 1 
ATOM   643 C CG2 . ILE A 1 109 ? 4.842   7.185   6.265   1.00 51.71  ? 89  ILE A CG2 1 
ATOM   644 C CD1 . ILE A 1 109 ? 4.513   3.619   5.178   1.00 44.28  ? 89  ILE A CD1 1 
ATOM   645 N N   . GLU A 1 110 ? 8.102   7.466   8.433   1.00 57.81  ? 90  GLU A N   1 
ATOM   646 C CA  . GLU A 1 110 ? 9.515   7.034   8.194   1.00 61.88  ? 90  GLU A CA  1 
ATOM   647 C C   . GLU A 1 110 ? 9.968   7.026   6.771   1.00 61.90  ? 90  GLU A C   1 
ATOM   648 O O   . GLU A 1 110 ? 9.354   7.703   5.957   1.00 69.76  ? 90  GLU A O   1 
ATOM   649 C CB  . GLU A 1 110 ? 9.830   5.681   8.844   1.00 70.03  ? 90  GLU A CB  1 
ATOM   650 C CG  . GLU A 1 110 ? 9.256   5.517   10.237  1.00 70.76  ? 90  GLU A CG  1 
ATOM   651 C CD  . GLU A 1 110 ? 9.861   6.463   11.194  1.00 74.22  ? 90  GLU A CD  1 
ATOM   652 O OE1 . GLU A 1 110 ? 10.987  6.931   10.923  1.00 74.97  ? 90  GLU A OE1 1 
ATOM   653 O OE2 . GLU A 1 110 ? 9.192   6.730   12.208  1.00 85.31  ? 90  GLU A OE2 1 
ATOM   654 N N   . ASN A 1 111 ? 11.061  6.306   6.482   1.00 62.77  ? 91  ASN A N   1 
ATOM   655 C CA  . ASN A 1 111 ? 11.519  6.024   5.085   1.00 65.13  ? 91  ASN A CA  1 
ATOM   656 C C   . ASN A 1 111 ? 10.482  5.433   4.098   1.00 51.23  ? 91  ASN A C   1 
ATOM   657 O O   . ASN A 1 111 ? 10.264  4.261   4.041   1.00 43.83  ? 91  ASN A O   1 
ATOM   658 C CB  . ASN A 1 111 ? 12.742  5.089   5.106   1.00 65.64  ? 91  ASN A CB  1 
ATOM   659 C CG  . ASN A 1 111 ? 13.257  4.768   3.711   1.00 63.91  ? 91  ASN A CG  1 
ATOM   660 O OD1 . ASN A 1 111 ? 12.723  5.255   2.701   1.00 72.46  ? 91  ASN A OD1 1 
ATOM   661 N ND2 . ASN A 1 111 ? 14.287  3.943   3.646   1.00 59.77  ? 91  ASN A ND2 1 
ATOM   662 N N   . ASN A 1 112 ? 9.917   6.242   3.261   1.00 46.16  ? 92  ASN A N   1 
ATOM   663 C CA  . ASN A 1 112 ? 8.800   5.750   2.537   1.00 58.58  ? 92  ASN A CA  1 
ATOM   664 C C   . ASN A 1 112 ? 9.025   5.531   1.074   1.00 68.76  ? 92  ASN A C   1 
ATOM   665 O O   . ASN A 1 112 ? 8.156   4.923   0.448   1.00 72.24  ? 92  ASN A O   1 
ATOM   666 C CB  . ASN A 1 112 ? 7.642   6.673   2.735   1.00 65.63  ? 92  ASN A CB  1 
ATOM   667 C CG  . ASN A 1 112 ? 8.035   8.082   2.535   1.00 70.47  ? 92  ASN A CG  1 
ATOM   668 O OD1 . ASN A 1 112 ? 8.971   8.542   3.181   1.00 75.15  ? 92  ASN A OD1 1 
ATOM   669 N ND2 . ASN A 1 112 ? 7.396   8.758   1.591   1.00 81.34  ? 92  ASN A ND2 1 
ATOM   670 N N   . PRO A 1 113 ? 10.113  6.094   0.484   1.00 80.63  ? 93  PRO A N   1 
ATOM   671 C CA  . PRO A 1 113 ? 10.408  5.520   -0.790  1.00 73.72  ? 93  PRO A CA  1 
ATOM   672 C C   . PRO A 1 113 ? 11.615  4.657   -0.586  1.00 68.59  ? 93  PRO A C   1 
ATOM   673 O O   . PRO A 1 113 ? 12.714  5.005   -1.006  1.00 66.99  ? 93  PRO A O   1 
ATOM   674 C CB  . PRO A 1 113 ? 10.628  6.739   -1.699  1.00 72.25  ? 93  PRO A CB  1 
ATOM   675 C CG  . PRO A 1 113 ? 11.145  7.794   -0.797  1.00 75.36  ? 93  PRO A CG  1 
ATOM   676 C CD  . PRO A 1 113 ? 10.874  7.353   0.633   1.00 86.47  ? 93  PRO A CD  1 
ATOM   677 N N   . THR A 1 114 ? 11.385  3.553   0.128   1.00 67.85  ? 94  THR A N   1 
ATOM   678 C CA  . THR A 1 114 ? 12.386  2.508   0.291   1.00 68.71  ? 94  THR A CA  1 
ATOM   679 C C   . THR A 1 114 ? 12.443  1.777   -1.006  1.00 69.75  ? 94  THR A C   1 
ATOM   680 O O   . THR A 1 114 ? 11.457  1.687   -1.722  1.00 66.76  ? 94  THR A O   1 
ATOM   681 C CB  . THR A 1 114 ? 11.986  1.437   1.333   1.00 66.13  ? 94  THR A CB  1 
ATOM   682 O OG1 . THR A 1 114 ? 11.544  2.071   2.527   1.00 73.62  ? 94  THR A OG1 1 
ATOM   683 C CG2 . THR A 1 114 ? 13.148  0.475   1.649   1.00 60.80  ? 94  THR A CG2 1 
ATOM   684 N N   . VAL A 1 115 ? 13.594  1.202   -1.268  1.00 71.88  ? 95  VAL A N   1 
ATOM   685 C CA  . VAL A 1 115 ? 13.746  0.282   -2.362  1.00 71.38  ? 95  VAL A CA  1 
ATOM   686 C C   . VAL A 1 115 ? 14.068  -1.084  -1.752  1.00 67.48  ? 95  VAL A C   1 
ATOM   687 O O   . VAL A 1 115 ? 14.737  -1.177  -0.673  1.00 63.03  ? 95  VAL A O   1 
ATOM   688 C CB  . VAL A 1 115 ? 14.848  0.782   -3.341  1.00 79.63  ? 95  VAL A CB  1 
ATOM   689 C CG1 . VAL A 1 115 ? 14.282  1.850   -4.276  1.00 81.96  ? 95  VAL A CG1 1 
ATOM   690 C CG2 . VAL A 1 115 ? 16.082  1.333   -2.607  1.00 78.70  ? 95  VAL A CG2 1 
ATOM   691 N N   . LYS A 1 116 ? 13.552  -2.137  -2.390  1.00 54.92  ? 96  LYS A N   1 
ATOM   692 C CA  . LYS A 1 116 ? 14.244  -3.446  -2.329  1.00 53.01  ? 96  LYS A CA  1 
ATOM   693 C C   . LYS A 1 116 ? 13.719  -4.284  -3.413  1.00 51.30  ? 96  LYS A C   1 
ATOM   694 O O   . LYS A 1 116 ? 12.581  -4.070  -3.777  1.00 58.36  ? 96  LYS A O   1 
ATOM   695 C CB  . LYS A 1 116 ? 14.047  -4.188  -1.014  1.00 52.03  ? 96  LYS A CB  1 
ATOM   696 C CG  . LYS A 1 116 ? 15.300  -4.926  -0.602  1.00 52.63  ? 96  LYS A CG  1 
ATOM   697 C CD  . LYS A 1 116 ? 15.014  -6.028  0.375   1.00 53.95  ? 96  LYS A CD  1 
ATOM   698 C CE  . LYS A 1 116 ? 14.197  -7.132  -0.277  1.00 53.63  ? 96  LYS A CE  1 
ATOM   699 N NZ  . LYS A 1 116 ? 14.220  -8.320  0.602   1.00 56.13  ? 96  LYS A NZ  1 
HETATM 700 O O   . HOH B 2 .   ? 0.553   -9.625  0.674   1.00 33.61  ? 201 HOH A O   1 
HETATM 701 O O   . HOH B 2 .   ? 2.487   -14.153 8.336   1.00 31.89  ? 202 HOH A O   1 
HETATM 702 O O   . HOH B 2 .   ? -10.522 -11.158 4.499   1.00 55.05  ? 203 HOH A O   1 
# 
